data_2VO8
# 
_entry.id   2VO8 
# 
_audit_conform.dict_name       mmcif_pdbx.dic 
_audit_conform.dict_version    5.391 
_audit_conform.dict_location   http://mmcif.pdb.org/dictionaries/ascii/mmcif_pdbx.dic 
# 
loop_
_database_2.database_id 
_database_2.database_code 
_database_2.pdbx_database_accession 
_database_2.pdbx_DOI 
PDB   2VO8         pdb_00002vo8 10.2210/pdb2vo8/pdb 
PDBE  EBI-35271    ?            ?                   
WWPDB D_1290035271 ?            ?                   
# 
loop_
_pdbx_audit_revision_history.ordinal 
_pdbx_audit_revision_history.data_content_type 
_pdbx_audit_revision_history.major_revision 
_pdbx_audit_revision_history.minor_revision 
_pdbx_audit_revision_history.revision_date 
1 'Structure model' 1 0 2008-09-02 
2 'Structure model' 1 1 2011-05-08 
3 'Structure model' 1 2 2011-07-13 
4 'Structure model' 1 3 2017-07-05 
5 'Structure model' 1 4 2024-05-08 
# 
_pdbx_audit_revision_details.ordinal             1 
_pdbx_audit_revision_details.revision_ordinal    1 
_pdbx_audit_revision_details.data_content_type   'Structure model' 
_pdbx_audit_revision_details.provider            repository 
_pdbx_audit_revision_details.type                'Initial release' 
_pdbx_audit_revision_details.description         ? 
_pdbx_audit_revision_details.details             ? 
# 
loop_
_pdbx_audit_revision_group.ordinal 
_pdbx_audit_revision_group.revision_ordinal 
_pdbx_audit_revision_group.data_content_type 
_pdbx_audit_revision_group.group 
1 2 'Structure model' 'Version format compliance' 
2 3 'Structure model' 'Version format compliance' 
3 4 'Structure model' 'Data collection'           
4 5 'Structure model' 'Data collection'           
5 5 'Structure model' 'Database references'       
6 5 'Structure model' Other                       
# 
loop_
_pdbx_audit_revision_category.ordinal 
_pdbx_audit_revision_category.revision_ordinal 
_pdbx_audit_revision_category.data_content_type 
_pdbx_audit_revision_category.category 
1 4 'Structure model' diffrn_source        
2 5 'Structure model' chem_comp_atom       
3 5 'Structure model' chem_comp_bond       
4 5 'Structure model' database_2           
5 5 'Structure model' pdbx_database_status 
# 
loop_
_pdbx_audit_revision_item.ordinal 
_pdbx_audit_revision_item.revision_ordinal 
_pdbx_audit_revision_item.data_content_type 
_pdbx_audit_revision_item.item 
1 4 'Structure model' '_diffrn_source.type'                  
2 5 'Structure model' '_database_2.pdbx_DOI'                 
3 5 'Structure model' '_database_2.pdbx_database_accession'  
4 5 'Structure model' '_pdbx_database_status.status_code_sf' 
# 
_pdbx_database_status.status_code                     REL 
_pdbx_database_status.entry_id                        2VO8 
_pdbx_database_status.deposit_site                    PDBE 
_pdbx_database_status.process_site                    PDBE 
_pdbx_database_status.SG_entry                        . 
_pdbx_database_status.recvd_initial_deposition_date   2008-02-08 
_pdbx_database_status.pdb_format_compatible           Y 
_pdbx_database_status.status_code_sf                  REL 
_pdbx_database_status.status_code_mr                  ? 
_pdbx_database_status.status_code_cs                  ? 
_pdbx_database_status.methods_development_category    ? 
_pdbx_database_status.status_code_nmr_data            ? 
# 
_pdbx_database_related.db_name        PDB 
_pdbx_database_related.db_id          2V73 
_pdbx_database_related.content_type   unspecified 
_pdbx_database_related.details        
'THE STRUCTURE OF THE FAMILY 40 CBM FROM C. PERFRINGENS NANJ IN COMPLEX WITH A SIALIC ACID CONTAINING MOLECULE' 
# 
loop_
_audit_author.name 
_audit_author.pdbx_ordinal 
'Gregg, K.'      1 
'Adams, J.J.'    2 
'Bayer, E.A.'    3 
'Boraston, A.B.' 4 
'Smith, S.P.'    5 
# 
_citation.id                        primary 
_citation.title                     'Structural Basis of Clostridium Perfringens Toxin Complex Formation.' 
_citation.journal_abbrev            Proc.Natl.Acad.Sci.USA 
_citation.journal_volume            105 
_citation.page_first                12194 
_citation.page_last                 ? 
_citation.year                      2008 
_citation.journal_id_ASTM           PNASA6 
_citation.country                   US 
_citation.journal_id_ISSN           0027-8424 
_citation.journal_id_CSD            0040 
_citation.book_publisher            ? 
_citation.pdbx_database_id_PubMed   18716000 
_citation.pdbx_database_id_DOI      10.1073/PNAS.0803154105 
# 
loop_
_citation_author.citation_id 
_citation_author.name 
_citation_author.ordinal 
_citation_author.identifier_ORCID 
primary 'Adams, J.J.'    1 ? 
primary 'Gregg, K.'      2 ? 
primary 'Bayer, E.A.'    3 ? 
primary 'Boraston, A.B.' 4 ? 
primary 'Smith, S.P.'    5 ? 
# 
loop_
_entity.id 
_entity.type 
_entity.src_method 
_entity.pdbx_description 
_entity.formula_weight 
_entity.pdbx_number_of_molecules 
_entity.pdbx_ec 
_entity.pdbx_mutation 
_entity.pdbx_fragment 
_entity.details 
1 polymer man EXO-ALPHA-SIALIDASE 15377.043 1   3.2.1.- ? 'COHESIN, RESIDUES 939-1081' ? 
2 water   nat water               18.015    164 ?       ? ?                            ? 
# 
_entity_name_com.entity_id   1 
_entity_name_com.name        'FAMILY 33 GLYCOSIDE HYDROLASE' 
# 
_entity_poly.entity_id                      1 
_entity_poly.type                           'polypeptide(L)' 
_entity_poly.nstd_linkage                   no 
_entity_poly.nstd_monomer                   no 
_entity_poly.pdbx_seq_one_letter_code       
;QIGELKTTVGNSTIKVNDEVQVGSAFEAILGIEGLNGDTEVYSAEYLFEYNAEAFILNEITSFNDSLFVKSKEVEPGKVR
ILVASLGNEIEKDSDLVKVNLTPKISSELEVLGLTTALVGAGDGNTHDLELSSKEVKINEEAS
;
_entity_poly.pdbx_seq_one_letter_code_can   
;QIGELKTTVGNSTIKVNDEVQVGSAFEAILGIEGLNGDTEVYSAEYLFEYNAEAFILNEITSFNDSLFVKSKEVEPGKVR
ILVASLGNEIEKDSDLVKVNLTPKISSELEVLGLTTALVGAGDGNTHDLELSSKEVKINEEAS
;
_entity_poly.pdbx_strand_id                 A 
_entity_poly.pdbx_target_identifier         ? 
# 
_pdbx_entity_nonpoly.entity_id   2 
_pdbx_entity_nonpoly.name        water 
_pdbx_entity_nonpoly.comp_id     HOH 
# 
loop_
_entity_poly_seq.entity_id 
_entity_poly_seq.num 
_entity_poly_seq.mon_id 
_entity_poly_seq.hetero 
1 1   GLN n 
1 2   ILE n 
1 3   GLY n 
1 4   GLU n 
1 5   LEU n 
1 6   LYS n 
1 7   THR n 
1 8   THR n 
1 9   VAL n 
1 10  GLY n 
1 11  ASN n 
1 12  SER n 
1 13  THR n 
1 14  ILE n 
1 15  LYS n 
1 16  VAL n 
1 17  ASN n 
1 18  ASP n 
1 19  GLU n 
1 20  VAL n 
1 21  GLN n 
1 22  VAL n 
1 23  GLY n 
1 24  SER n 
1 25  ALA n 
1 26  PHE n 
1 27  GLU n 
1 28  ALA n 
1 29  ILE n 
1 30  LEU n 
1 31  GLY n 
1 32  ILE n 
1 33  GLU n 
1 34  GLY n 
1 35  LEU n 
1 36  ASN n 
1 37  GLY n 
1 38  ASP n 
1 39  THR n 
1 40  GLU n 
1 41  VAL n 
1 42  TYR n 
1 43  SER n 
1 44  ALA n 
1 45  GLU n 
1 46  TYR n 
1 47  LEU n 
1 48  PHE n 
1 49  GLU n 
1 50  TYR n 
1 51  ASN n 
1 52  ALA n 
1 53  GLU n 
1 54  ALA n 
1 55  PHE n 
1 56  ILE n 
1 57  LEU n 
1 58  ASN n 
1 59  GLU n 
1 60  ILE n 
1 61  THR n 
1 62  SER n 
1 63  PHE n 
1 64  ASN n 
1 65  ASP n 
1 66  SER n 
1 67  LEU n 
1 68  PHE n 
1 69  VAL n 
1 70  LYS n 
1 71  SER n 
1 72  LYS n 
1 73  GLU n 
1 74  VAL n 
1 75  GLU n 
1 76  PRO n 
1 77  GLY n 
1 78  LYS n 
1 79  VAL n 
1 80  ARG n 
1 81  ILE n 
1 82  LEU n 
1 83  VAL n 
1 84  ALA n 
1 85  SER n 
1 86  LEU n 
1 87  GLY n 
1 88  ASN n 
1 89  GLU n 
1 90  ILE n 
1 91  GLU n 
1 92  LYS n 
1 93  ASP n 
1 94  SER n 
1 95  ASP n 
1 96  LEU n 
1 97  VAL n 
1 98  LYS n 
1 99  VAL n 
1 100 ASN n 
1 101 LEU n 
1 102 THR n 
1 103 PRO n 
1 104 LYS n 
1 105 ILE n 
1 106 SER n 
1 107 SER n 
1 108 GLU n 
1 109 LEU n 
1 110 GLU n 
1 111 VAL n 
1 112 LEU n 
1 113 GLY n 
1 114 LEU n 
1 115 THR n 
1 116 THR n 
1 117 ALA n 
1 118 LEU n 
1 119 VAL n 
1 120 GLY n 
1 121 ALA n 
1 122 GLY n 
1 123 ASP n 
1 124 GLY n 
1 125 ASN n 
1 126 THR n 
1 127 HIS n 
1 128 ASP n 
1 129 LEU n 
1 130 GLU n 
1 131 LEU n 
1 132 SER n 
1 133 SER n 
1 134 LYS n 
1 135 GLU n 
1 136 VAL n 
1 137 LYS n 
1 138 ILE n 
1 139 ASN n 
1 140 GLU n 
1 141 GLU n 
1 142 ALA n 
1 143 SER n 
# 
_entity_src_gen.entity_id                          1 
_entity_src_gen.pdbx_src_id                        1 
_entity_src_gen.pdbx_alt_source_flag               sample 
_entity_src_gen.pdbx_seq_type                      ? 
_entity_src_gen.pdbx_beg_seq_num                   ? 
_entity_src_gen.pdbx_end_seq_num                   ? 
_entity_src_gen.gene_src_common_name               ? 
_entity_src_gen.gene_src_genus                     ? 
_entity_src_gen.pdbx_gene_src_gene                 ? 
_entity_src_gen.gene_src_species                   ? 
_entity_src_gen.gene_src_strain                    ? 
_entity_src_gen.gene_src_tissue                    ? 
_entity_src_gen.gene_src_tissue_fraction           ? 
_entity_src_gen.gene_src_details                   ? 
_entity_src_gen.pdbx_gene_src_fragment             ? 
_entity_src_gen.pdbx_gene_src_scientific_name      'CLOSTRIDIUM PERFRINGENS' 
_entity_src_gen.pdbx_gene_src_ncbi_taxonomy_id     1502 
_entity_src_gen.pdbx_gene_src_variant              ? 
_entity_src_gen.pdbx_gene_src_cell_line            ? 
_entity_src_gen.pdbx_gene_src_atcc                 13124 
_entity_src_gen.pdbx_gene_src_organ                ? 
_entity_src_gen.pdbx_gene_src_organelle            ? 
_entity_src_gen.pdbx_gene_src_cell                 ? 
_entity_src_gen.pdbx_gene_src_cellular_location    ? 
_entity_src_gen.host_org_common_name               ? 
_entity_src_gen.pdbx_host_org_scientific_name      'ESCHERICHIA COLI' 
_entity_src_gen.pdbx_host_org_ncbi_taxonomy_id     469008 
_entity_src_gen.host_org_genus                     ? 
_entity_src_gen.pdbx_host_org_gene                 ? 
_entity_src_gen.pdbx_host_org_organ                ? 
_entity_src_gen.host_org_species                   ? 
_entity_src_gen.pdbx_host_org_tissue               ? 
_entity_src_gen.pdbx_host_org_tissue_fraction      ? 
_entity_src_gen.pdbx_host_org_strain               'BL21(DE3)' 
_entity_src_gen.pdbx_host_org_variant              ? 
_entity_src_gen.pdbx_host_org_cell_line            ? 
_entity_src_gen.pdbx_host_org_atcc                 ? 
_entity_src_gen.pdbx_host_org_culture_collection   ? 
_entity_src_gen.pdbx_host_org_cell                 ? 
_entity_src_gen.pdbx_host_org_organelle            ? 
_entity_src_gen.pdbx_host_org_cellular_location    ? 
_entity_src_gen.pdbx_host_org_vector_type          ? 
_entity_src_gen.pdbx_host_org_vector               ? 
_entity_src_gen.host_org_details                   ? 
_entity_src_gen.expression_system_id               ? 
_entity_src_gen.plasmid_name                       PET28A 
_entity_src_gen.plasmid_details                    ? 
_entity_src_gen.pdbx_description                   ? 
# 
loop_
_chem_comp.id 
_chem_comp.type 
_chem_comp.mon_nstd_flag 
_chem_comp.name 
_chem_comp.pdbx_synonyms 
_chem_comp.formula 
_chem_comp.formula_weight 
ALA 'L-peptide linking' y ALANINE         ? 'C3 H7 N O2'     89.093  
ARG 'L-peptide linking' y ARGININE        ? 'C6 H15 N4 O2 1' 175.209 
ASN 'L-peptide linking' y ASPARAGINE      ? 'C4 H8 N2 O3'    132.118 
ASP 'L-peptide linking' y 'ASPARTIC ACID' ? 'C4 H7 N O4'     133.103 
GLN 'L-peptide linking' y GLUTAMINE       ? 'C5 H10 N2 O3'   146.144 
GLU 'L-peptide linking' y 'GLUTAMIC ACID' ? 'C5 H9 N O4'     147.129 
GLY 'peptide linking'   y GLYCINE         ? 'C2 H5 N O2'     75.067  
HIS 'L-peptide linking' y HISTIDINE       ? 'C6 H10 N3 O2 1' 156.162 
HOH non-polymer         . WATER           ? 'H2 O'           18.015  
ILE 'L-peptide linking' y ISOLEUCINE      ? 'C6 H13 N O2'    131.173 
LEU 'L-peptide linking' y LEUCINE         ? 'C6 H13 N O2'    131.173 
LYS 'L-peptide linking' y LYSINE          ? 'C6 H15 N2 O2 1' 147.195 
PHE 'L-peptide linking' y PHENYLALANINE   ? 'C9 H11 N O2'    165.189 
PRO 'L-peptide linking' y PROLINE         ? 'C5 H9 N O2'     115.130 
SER 'L-peptide linking' y SERINE          ? 'C3 H7 N O3'     105.093 
THR 'L-peptide linking' y THREONINE       ? 'C4 H9 N O3'     119.119 
TYR 'L-peptide linking' y TYROSINE        ? 'C9 H11 N O3'    181.189 
VAL 'L-peptide linking' y VALINE          ? 'C5 H11 N O2'    117.146 
# 
loop_
_pdbx_poly_seq_scheme.asym_id 
_pdbx_poly_seq_scheme.entity_id 
_pdbx_poly_seq_scheme.seq_id 
_pdbx_poly_seq_scheme.mon_id 
_pdbx_poly_seq_scheme.ndb_seq_num 
_pdbx_poly_seq_scheme.pdb_seq_num 
_pdbx_poly_seq_scheme.auth_seq_num 
_pdbx_poly_seq_scheme.pdb_mon_id 
_pdbx_poly_seq_scheme.auth_mon_id 
_pdbx_poly_seq_scheme.pdb_strand_id 
_pdbx_poly_seq_scheme.pdb_ins_code 
_pdbx_poly_seq_scheme.hetero 
A 1 1   GLN 1   933  ?    ?   ?   A . n 
A 1 2   ILE 2   934  ?    ?   ?   A . n 
A 1 3   GLY 3   935  ?    ?   ?   A . n 
A 1 4   GLU 4   936  ?    ?   ?   A . n 
A 1 5   LEU 5   937  ?    ?   ?   A . n 
A 1 6   LYS 6   938  ?    ?   ?   A . n 
A 1 7   THR 7   939  939  THR THR A . n 
A 1 8   THR 8   940  940  THR THR A . n 
A 1 9   VAL 9   941  941  VAL VAL A . n 
A 1 10  GLY 10  942  942  GLY GLY A . n 
A 1 11  ASN 11  943  943  ASN ASN A . n 
A 1 12  SER 12  944  944  SER SER A . n 
A 1 13  THR 13  945  945  THR THR A . n 
A 1 14  ILE 14  946  946  ILE ILE A . n 
A 1 15  LYS 15  947  947  LYS LYS A . n 
A 1 16  VAL 16  948  948  VAL VAL A . n 
A 1 17  ASN 17  949  949  ASN ASN A . n 
A 1 18  ASP 18  950  950  ASP ASP A . n 
A 1 19  GLU 19  951  951  GLU GLU A . n 
A 1 20  VAL 20  952  952  VAL VAL A . n 
A 1 21  GLN 21  953  953  GLN GLN A . n 
A 1 22  VAL 22  954  954  VAL VAL A . n 
A 1 23  GLY 23  955  955  GLY GLY A . n 
A 1 24  SER 24  956  956  SER SER A . n 
A 1 25  ALA 25  957  957  ALA ALA A . n 
A 1 26  PHE 26  958  958  PHE PHE A . n 
A 1 27  GLU 27  959  959  GLU GLU A . n 
A 1 28  ALA 28  960  960  ALA ALA A . n 
A 1 29  ILE 29  961  961  ILE ILE A . n 
A 1 30  LEU 30  962  962  LEU LEU A . n 
A 1 31  GLY 31  963  963  GLY GLY A . n 
A 1 32  ILE 32  964  964  ILE ILE A . n 
A 1 33  GLU 33  965  965  GLU GLU A . n 
A 1 34  GLY 34  966  966  GLY GLY A . n 
A 1 35  LEU 35  967  967  LEU LEU A . n 
A 1 36  ASN 36  968  968  ASN ASN A . n 
A 1 37  GLY 37  969  969  GLY GLY A . n 
A 1 38  ASP 38  970  970  ASP ASP A . n 
A 1 39  THR 39  971  971  THR THR A . n 
A 1 40  GLU 40  972  972  GLU GLU A . n 
A 1 41  VAL 41  973  973  VAL VAL A . n 
A 1 42  TYR 42  974  974  TYR TYR A . n 
A 1 43  SER 43  975  975  SER SER A . n 
A 1 44  ALA 44  976  976  ALA ALA A . n 
A 1 45  GLU 45  977  977  GLU GLU A . n 
A 1 46  TYR 46  978  978  TYR TYR A . n 
A 1 47  LEU 47  979  979  LEU LEU A . n 
A 1 48  PHE 48  980  980  PHE PHE A . n 
A 1 49  GLU 49  981  981  GLU GLU A . n 
A 1 50  TYR 50  982  982  TYR TYR A . n 
A 1 51  ASN 51  983  983  ASN ASN A . n 
A 1 52  ALA 52  984  984  ALA ALA A . n 
A 1 53  GLU 53  985  985  GLU GLU A . n 
A 1 54  ALA 54  986  986  ALA ALA A . n 
A 1 55  PHE 55  987  987  PHE PHE A . n 
A 1 56  ILE 56  988  988  ILE ILE A . n 
A 1 57  LEU 57  989  989  LEU LEU A . n 
A 1 58  ASN 58  990  990  ASN ASN A . n 
A 1 59  GLU 59  991  991  GLU GLU A . n 
A 1 60  ILE 60  992  992  ILE ILE A . n 
A 1 61  THR 61  993  993  THR THR A . n 
A 1 62  SER 62  994  994  SER SER A . n 
A 1 63  PHE 63  995  995  PHE PHE A . n 
A 1 64  ASN 64  996  996  ASN ASN A . n 
A 1 65  ASP 65  997  997  ASP ASP A . n 
A 1 66  SER 66  998  998  SER SER A . n 
A 1 67  LEU 67  999  999  LEU LEU A . n 
A 1 68  PHE 68  1000 1000 PHE PHE A . n 
A 1 69  VAL 69  1001 1001 VAL VAL A . n 
A 1 70  LYS 70  1002 1002 LYS LYS A . n 
A 1 71  SER 71  1003 1003 SER SER A . n 
A 1 72  LYS 72  1004 1004 LYS LYS A . n 
A 1 73  GLU 73  1005 1005 GLU GLU A . n 
A 1 74  VAL 74  1006 1006 VAL VAL A . n 
A 1 75  GLU 75  1007 1007 GLU GLU A . n 
A 1 76  PRO 76  1008 1008 PRO PRO A . n 
A 1 77  GLY 77  1009 1009 GLY GLY A . n 
A 1 78  LYS 78  1010 1010 LYS LYS A . n 
A 1 79  VAL 79  1011 1011 VAL VAL A . n 
A 1 80  ARG 80  1012 1012 ARG ARG A . n 
A 1 81  ILE 81  1013 1013 ILE ILE A . n 
A 1 82  LEU 82  1014 1014 LEU LEU A . n 
A 1 83  VAL 83  1015 1015 VAL VAL A . n 
A 1 84  ALA 84  1016 1016 ALA ALA A . n 
A 1 85  SER 85  1017 1017 SER SER A . n 
A 1 86  LEU 86  1018 1018 LEU LEU A . n 
A 1 87  GLY 87  1019 1019 GLY GLY A . n 
A 1 88  ASN 88  1020 1020 ASN ASN A . n 
A 1 89  GLU 89  1021 1021 GLU GLU A . n 
A 1 90  ILE 90  1022 1022 ILE ILE A . n 
A 1 91  GLU 91  1023 1023 GLU GLU A . n 
A 1 92  LYS 92  1024 1024 LYS LYS A . n 
A 1 93  ASP 93  1025 1025 ASP ASP A . n 
A 1 94  SER 94  1026 1026 SER SER A . n 
A 1 95  ASP 95  1027 1027 ASP ASP A . n 
A 1 96  LEU 96  1028 1028 LEU LEU A . n 
A 1 97  VAL 97  1029 1029 VAL VAL A . n 
A 1 98  LYS 98  1030 1030 LYS LYS A . n 
A 1 99  VAL 99  1031 1031 VAL VAL A . n 
A 1 100 ASN 100 1032 1032 ASN ASN A . n 
A 1 101 LEU 101 1033 1033 LEU LEU A . n 
A 1 102 THR 102 1034 1034 THR THR A . n 
A 1 103 PRO 103 1035 1035 PRO PRO A . n 
A 1 104 LYS 104 1036 1036 LYS LYS A . n 
A 1 105 ILE 105 1037 1037 ILE ILE A . n 
A 1 106 SER 106 1038 1038 SER SER A . n 
A 1 107 SER 107 1039 1039 SER SER A . n 
A 1 108 GLU 108 1040 1040 GLU GLU A . n 
A 1 109 LEU 109 1041 1041 LEU LEU A . n 
A 1 110 GLU 110 1042 1042 GLU GLU A . n 
A 1 111 VAL 111 1043 1043 VAL VAL A . n 
A 1 112 LEU 112 1044 1044 LEU LEU A . n 
A 1 113 GLY 113 1045 1045 GLY GLY A . n 
A 1 114 LEU 114 1046 1046 LEU LEU A . n 
A 1 115 THR 115 1047 1047 THR THR A . n 
A 1 116 THR 116 1048 1048 THR THR A . n 
A 1 117 ALA 117 1049 1049 ALA ALA A . n 
A 1 118 LEU 118 1050 1050 LEU LEU A . n 
A 1 119 VAL 119 1051 1051 VAL VAL A . n 
A 1 120 GLY 120 1052 1052 GLY GLY A . n 
A 1 121 ALA 121 1053 1053 ALA ALA A . n 
A 1 122 GLY 122 1054 1054 GLY GLY A . n 
A 1 123 ASP 123 1055 1055 ASP ASP A . n 
A 1 124 GLY 124 1056 1056 GLY GLY A . n 
A 1 125 ASN 125 1057 1057 ASN ASN A . n 
A 1 126 THR 126 1058 1058 THR THR A . n 
A 1 127 HIS 127 1059 1059 HIS HIS A . n 
A 1 128 ASP 128 1060 1060 ASP ASP A . n 
A 1 129 LEU 129 1061 1061 LEU LEU A . n 
A 1 130 GLU 130 1062 1062 GLU GLU A . n 
A 1 131 LEU 131 1063 1063 LEU LEU A . n 
A 1 132 SER 132 1064 1064 SER SER A . n 
A 1 133 SER 133 1065 1065 SER SER A . n 
A 1 134 LYS 134 1066 1066 LYS LYS A . n 
A 1 135 GLU 135 1067 1067 GLU GLU A . n 
A 1 136 VAL 136 1068 1068 VAL VAL A . n 
A 1 137 LYS 137 1069 1069 LYS LYS A . n 
A 1 138 ILE 138 1070 1070 ILE ILE A . n 
A 1 139 ASN 139 1071 1071 ASN ASN A . n 
A 1 140 GLU 140 1072 1072 GLU GLU A . n 
A 1 141 GLU 141 1073 1073 GLU GLU A . n 
A 1 142 ALA 142 1074 1074 ALA ALA A . n 
A 1 143 SER 143 1075 ?    ?   ?   A . n 
# 
loop_
_pdbx_nonpoly_scheme.asym_id 
_pdbx_nonpoly_scheme.entity_id 
_pdbx_nonpoly_scheme.mon_id 
_pdbx_nonpoly_scheme.ndb_seq_num 
_pdbx_nonpoly_scheme.pdb_seq_num 
_pdbx_nonpoly_scheme.auth_seq_num 
_pdbx_nonpoly_scheme.pdb_mon_id 
_pdbx_nonpoly_scheme.auth_mon_id 
_pdbx_nonpoly_scheme.pdb_strand_id 
_pdbx_nonpoly_scheme.pdb_ins_code 
B 2 HOH 1   2001 2001 HOH HOH A . 
B 2 HOH 2   2002 2002 HOH HOH A . 
B 2 HOH 3   2003 2003 HOH HOH A . 
B 2 HOH 4   2004 2004 HOH HOH A . 
B 2 HOH 5   2005 2005 HOH HOH A . 
B 2 HOH 6   2006 2006 HOH HOH A . 
B 2 HOH 7   2007 2007 HOH HOH A . 
B 2 HOH 8   2008 2008 HOH HOH A . 
B 2 HOH 9   2009 2009 HOH HOH A . 
B 2 HOH 10  2010 2010 HOH HOH A . 
B 2 HOH 11  2011 2011 HOH HOH A . 
B 2 HOH 12  2012 2012 HOH HOH A . 
B 2 HOH 13  2013 2013 HOH HOH A . 
B 2 HOH 14  2014 2014 HOH HOH A . 
B 2 HOH 15  2015 2015 HOH HOH A . 
B 2 HOH 16  2016 2016 HOH HOH A . 
B 2 HOH 17  2017 2017 HOH HOH A . 
B 2 HOH 18  2018 2018 HOH HOH A . 
B 2 HOH 19  2019 2019 HOH HOH A . 
B 2 HOH 20  2020 2020 HOH HOH A . 
B 2 HOH 21  2021 2021 HOH HOH A . 
B 2 HOH 22  2022 2022 HOH HOH A . 
B 2 HOH 23  2023 2023 HOH HOH A . 
B 2 HOH 24  2024 2024 HOH HOH A . 
B 2 HOH 25  2025 2025 HOH HOH A . 
B 2 HOH 26  2026 2026 HOH HOH A . 
B 2 HOH 27  2027 2027 HOH HOH A . 
B 2 HOH 28  2028 2028 HOH HOH A . 
B 2 HOH 29  2029 2029 HOH HOH A . 
B 2 HOH 30  2030 2030 HOH HOH A . 
B 2 HOH 31  2031 2031 HOH HOH A . 
B 2 HOH 32  2032 2032 HOH HOH A . 
B 2 HOH 33  2033 2033 HOH HOH A . 
B 2 HOH 34  2034 2034 HOH HOH A . 
B 2 HOH 35  2035 2035 HOH HOH A . 
B 2 HOH 36  2036 2036 HOH HOH A . 
B 2 HOH 37  2037 2037 HOH HOH A . 
B 2 HOH 38  2038 2038 HOH HOH A . 
B 2 HOH 39  2039 2039 HOH HOH A . 
B 2 HOH 40  2040 2040 HOH HOH A . 
B 2 HOH 41  2041 2041 HOH HOH A . 
B 2 HOH 42  2042 2042 HOH HOH A . 
B 2 HOH 43  2043 2043 HOH HOH A . 
B 2 HOH 44  2044 2044 HOH HOH A . 
B 2 HOH 45  2045 2045 HOH HOH A . 
B 2 HOH 46  2046 2046 HOH HOH A . 
B 2 HOH 47  2047 2047 HOH HOH A . 
B 2 HOH 48  2048 2048 HOH HOH A . 
B 2 HOH 49  2049 2049 HOH HOH A . 
B 2 HOH 50  2050 2050 HOH HOH A . 
B 2 HOH 51  2051 2051 HOH HOH A . 
B 2 HOH 52  2052 2052 HOH HOH A . 
B 2 HOH 53  2053 2053 HOH HOH A . 
B 2 HOH 54  2054 2054 HOH HOH A . 
B 2 HOH 55  2055 2055 HOH HOH A . 
B 2 HOH 56  2056 2056 HOH HOH A . 
B 2 HOH 57  2057 2057 HOH HOH A . 
B 2 HOH 58  2058 2058 HOH HOH A . 
B 2 HOH 59  2059 2059 HOH HOH A . 
B 2 HOH 60  2060 2060 HOH HOH A . 
B 2 HOH 61  2061 2061 HOH HOH A . 
B 2 HOH 62  2062 2062 HOH HOH A . 
B 2 HOH 63  2063 2063 HOH HOH A . 
B 2 HOH 64  2064 2064 HOH HOH A . 
B 2 HOH 65  2065 2065 HOH HOH A . 
B 2 HOH 66  2066 2066 HOH HOH A . 
B 2 HOH 67  2067 2067 HOH HOH A . 
B 2 HOH 68  2068 2068 HOH HOH A . 
B 2 HOH 69  2069 2069 HOH HOH A . 
B 2 HOH 70  2070 2070 HOH HOH A . 
B 2 HOH 71  2071 2071 HOH HOH A . 
B 2 HOH 72  2072 2072 HOH HOH A . 
B 2 HOH 73  2073 2073 HOH HOH A . 
B 2 HOH 74  2074 2074 HOH HOH A . 
B 2 HOH 75  2075 2075 HOH HOH A . 
B 2 HOH 76  2076 2076 HOH HOH A . 
B 2 HOH 77  2077 2077 HOH HOH A . 
B 2 HOH 78  2078 2078 HOH HOH A . 
B 2 HOH 79  2079 2079 HOH HOH A . 
B 2 HOH 80  2080 2080 HOH HOH A . 
B 2 HOH 81  2081 2081 HOH HOH A . 
B 2 HOH 82  2082 2082 HOH HOH A . 
B 2 HOH 83  2083 2083 HOH HOH A . 
B 2 HOH 84  2084 2084 HOH HOH A . 
B 2 HOH 85  2085 2085 HOH HOH A . 
B 2 HOH 86  2086 2086 HOH HOH A . 
B 2 HOH 87  2087 2087 HOH HOH A . 
B 2 HOH 88  2088 2088 HOH HOH A . 
B 2 HOH 89  2089 2089 HOH HOH A . 
B 2 HOH 90  2090 2090 HOH HOH A . 
B 2 HOH 91  2091 2091 HOH HOH A . 
B 2 HOH 92  2092 2092 HOH HOH A . 
B 2 HOH 93  2093 2093 HOH HOH A . 
B 2 HOH 94  2094 2094 HOH HOH A . 
B 2 HOH 95  2095 2095 HOH HOH A . 
B 2 HOH 96  2096 2096 HOH HOH A . 
B 2 HOH 97  2097 2097 HOH HOH A . 
B 2 HOH 98  2098 2098 HOH HOH A . 
B 2 HOH 99  2099 2099 HOH HOH A . 
B 2 HOH 100 2100 2100 HOH HOH A . 
B 2 HOH 101 2101 2101 HOH HOH A . 
B 2 HOH 102 2102 2102 HOH HOH A . 
B 2 HOH 103 2103 2103 HOH HOH A . 
B 2 HOH 104 2104 2104 HOH HOH A . 
B 2 HOH 105 2105 2105 HOH HOH A . 
B 2 HOH 106 2106 2106 HOH HOH A . 
B 2 HOH 107 2107 2107 HOH HOH A . 
B 2 HOH 108 2108 2108 HOH HOH A . 
B 2 HOH 109 2109 2109 HOH HOH A . 
B 2 HOH 110 2110 2110 HOH HOH A . 
B 2 HOH 111 2111 2111 HOH HOH A . 
B 2 HOH 112 2112 2112 HOH HOH A . 
B 2 HOH 113 2113 2113 HOH HOH A . 
B 2 HOH 114 2114 2114 HOH HOH A . 
B 2 HOH 115 2115 2115 HOH HOH A . 
B 2 HOH 116 2116 2116 HOH HOH A . 
B 2 HOH 117 2117 2117 HOH HOH A . 
B 2 HOH 118 2118 2118 HOH HOH A . 
B 2 HOH 119 2119 2119 HOH HOH A . 
B 2 HOH 120 2120 2120 HOH HOH A . 
B 2 HOH 121 2121 2121 HOH HOH A . 
B 2 HOH 122 2122 2122 HOH HOH A . 
B 2 HOH 123 2123 2123 HOH HOH A . 
B 2 HOH 124 2124 2124 HOH HOH A . 
B 2 HOH 125 2125 2125 HOH HOH A . 
B 2 HOH 126 2126 2126 HOH HOH A . 
B 2 HOH 127 2127 2127 HOH HOH A . 
B 2 HOH 128 2128 2128 HOH HOH A . 
B 2 HOH 129 2129 2129 HOH HOH A . 
B 2 HOH 130 2130 2130 HOH HOH A . 
B 2 HOH 131 2131 2131 HOH HOH A . 
B 2 HOH 132 2132 2132 HOH HOH A . 
B 2 HOH 133 2133 2133 HOH HOH A . 
B 2 HOH 134 2134 2134 HOH HOH A . 
B 2 HOH 135 2135 2135 HOH HOH A . 
B 2 HOH 136 2136 2136 HOH HOH A . 
B 2 HOH 137 2137 2137 HOH HOH A . 
B 2 HOH 138 2138 2138 HOH HOH A . 
B 2 HOH 139 2139 2139 HOH HOH A . 
B 2 HOH 140 2140 2140 HOH HOH A . 
B 2 HOH 141 2141 2141 HOH HOH A . 
B 2 HOH 142 2142 2142 HOH HOH A . 
B 2 HOH 143 2143 2143 HOH HOH A . 
B 2 HOH 144 2144 2144 HOH HOH A . 
B 2 HOH 145 2145 2145 HOH HOH A . 
B 2 HOH 146 2146 2146 HOH HOH A . 
B 2 HOH 147 2147 2147 HOH HOH A . 
B 2 HOH 148 2148 2148 HOH HOH A . 
B 2 HOH 149 2149 2149 HOH HOH A . 
B 2 HOH 150 2150 2150 HOH HOH A . 
B 2 HOH 151 2151 2151 HOH HOH A . 
B 2 HOH 152 2152 2152 HOH HOH A . 
B 2 HOH 153 2153 2153 HOH HOH A . 
B 2 HOH 154 2154 2154 HOH HOH A . 
B 2 HOH 155 2155 2155 HOH HOH A . 
B 2 HOH 156 2156 2156 HOH HOH A . 
B 2 HOH 157 2157 2157 HOH HOH A . 
B 2 HOH 158 2158 2158 HOH HOH A . 
B 2 HOH 159 2159 2159 HOH HOH A . 
B 2 HOH 160 2160 2160 HOH HOH A . 
B 2 HOH 161 2161 2161 HOH HOH A . 
B 2 HOH 162 2162 2162 HOH HOH A . 
B 2 HOH 163 2163 2163 HOH HOH A . 
B 2 HOH 164 2164 2164 HOH HOH A . 
# 
loop_
_pdbx_unobs_or_zero_occ_atoms.id 
_pdbx_unobs_or_zero_occ_atoms.PDB_model_num 
_pdbx_unobs_or_zero_occ_atoms.polymer_flag 
_pdbx_unobs_or_zero_occ_atoms.occupancy_flag 
_pdbx_unobs_or_zero_occ_atoms.auth_asym_id 
_pdbx_unobs_or_zero_occ_atoms.auth_comp_id 
_pdbx_unobs_or_zero_occ_atoms.auth_seq_id 
_pdbx_unobs_or_zero_occ_atoms.PDB_ins_code 
_pdbx_unobs_or_zero_occ_atoms.auth_atom_id 
_pdbx_unobs_or_zero_occ_atoms.label_alt_id 
_pdbx_unobs_or_zero_occ_atoms.label_asym_id 
_pdbx_unobs_or_zero_occ_atoms.label_comp_id 
_pdbx_unobs_or_zero_occ_atoms.label_seq_id 
_pdbx_unobs_or_zero_occ_atoms.label_atom_id 
1 1 Y 1 A ALA 1074 ? CA ? A ALA 142 CA 
2 1 Y 1 A ALA 1074 ? C  ? A ALA 142 C  
3 1 Y 1 A ALA 1074 ? O  ? A ALA 142 O  
4 1 Y 1 A ALA 1074 ? CB ? A ALA 142 CB 
# 
loop_
_software.name 
_software.classification 
_software.version 
_software.citation_id 
_software.pdbx_ordinal 
REFMAC       refinement       5.2.0019 ? 1 
CrystalClear 'data reduction' .        ? 2 
d*TREK       'data scaling'   .        ? 3 
# 
_cell.entry_id           2VO8 
_cell.length_a           38.088 
_cell.length_b           38.088 
_cell.length_c           174.851 
_cell.angle_alpha        90.00 
_cell.angle_beta         90.00 
_cell.angle_gamma        90.00 
_cell.Z_PDB              8 
_cell.pdbx_unique_axis   ? 
# 
_symmetry.entry_id                         2VO8 
_symmetry.space_group_name_H-M             'P 43 2 2' 
_symmetry.pdbx_full_space_group_name_H-M   ? 
_symmetry.cell_setting                     ? 
_symmetry.Int_Tables_number                95 
# 
_exptl.entry_id          2VO8 
_exptl.method            'X-RAY DIFFRACTION' 
_exptl.crystals_number   1 
# 
_exptl_crystal.id                    1 
_exptl_crystal.density_meas          ? 
_exptl_crystal.density_Matthews      1.89 
_exptl_crystal.density_percent_sol   40.33 
_exptl_crystal.description           NONE 
# 
_diffrn.id                     1 
_diffrn.ambient_temp           113 
_diffrn.ambient_temp_details   ? 
_diffrn.crystal_id             1 
# 
_diffrn_detector.diffrn_id              1 
_diffrn_detector.detector               'IMAGE PLATE' 
_diffrn_detector.type                   'RIGAKU RAXIS-IV' 
_diffrn_detector.pdbx_collection_date   ? 
_diffrn_detector.details                'OSMIC BLUE' 
# 
_diffrn_radiation.diffrn_id                        1 
_diffrn_radiation.wavelength_id                    1 
_diffrn_radiation.pdbx_monochromatic_or_laue_m_l   M 
_diffrn_radiation.monochromator                    'NI FILTER' 
_diffrn_radiation.pdbx_diffrn_protocol             'SINGLE WAVELENGTH' 
_diffrn_radiation.pdbx_scattering_type             x-ray 
# 
_diffrn_radiation_wavelength.id           1 
_diffrn_radiation_wavelength.wavelength   1.5418 
_diffrn_radiation_wavelength.wt           1.0 
# 
_diffrn_source.diffrn_id                   1 
_diffrn_source.source                      'ROTATING ANODE' 
_diffrn_source.type                        'RIGAKU MICROMAX-002' 
_diffrn_source.pdbx_synchrotron_site       ? 
_diffrn_source.pdbx_synchrotron_beamline   ? 
_diffrn_source.pdbx_wavelength             1.5418 
_diffrn_source.pdbx_wavelength_list        ? 
# 
_reflns.pdbx_diffrn_id               1 
_reflns.pdbx_ordinal                 1 
_reflns.entry_id                     2VO8 
_reflns.observed_criterion_sigma_I   2.0 
_reflns.observed_criterion_sigma_F   ? 
_reflns.d_resolution_low             43.73 
_reflns.d_resolution_high            1.70 
_reflns.number_obs                   13479 
_reflns.number_all                   ? 
_reflns.percent_possible_obs         93.8 
_reflns.pdbx_Rmerge_I_obs            0.05 
_reflns.pdbx_Rsym_value              ? 
_reflns.pdbx_netI_over_sigmaI        12.90 
_reflns.B_iso_Wilson_estimate        ? 
_reflns.pdbx_redundancy              3.8 
# 
_refine.pdbx_refine_id                           'X-RAY DIFFRACTION' 
_refine.entry_id                                 2VO8 
_refine.pdbx_diffrn_id                           1 
_refine.pdbx_TLS_residual_ADP_flag               ? 
_refine.ls_number_reflns_obs                     13479 
_refine.ls_number_reflns_all                     ? 
_refine.pdbx_ls_sigma_I                          ? 
_refine.pdbx_ls_sigma_F                          ? 
_refine.pdbx_data_cutoff_high_absF               ? 
_refine.pdbx_data_cutoff_low_absF                ? 
_refine.pdbx_data_cutoff_high_rms_absF           ? 
_refine.ls_d_res_low                             43.73 
_refine.ls_d_res_high                            1.70 
_refine.ls_percent_reflns_obs                    93.8 
_refine.ls_R_factor_obs                          0.217 
_refine.ls_R_factor_all                          ? 
_refine.ls_R_factor_R_work                       0.214 
_refine.ls_R_factor_R_free                       0.258 
_refine.ls_R_factor_R_free_error                 ? 
_refine.ls_R_factor_R_free_error_details         ? 
_refine.ls_percent_reflns_R_free                 5.000 
_refine.ls_number_reflns_R_free                  713 
_refine.ls_number_parameters                     ? 
_refine.ls_number_restraints                     ? 
_refine.occupancy_min                            ? 
_refine.occupancy_max                            ? 
_refine.correlation_coeff_Fo_to_Fc               0.955 
_refine.correlation_coeff_Fo_to_Fc_free          0.944 
_refine.B_iso_mean                               17.80 
_refine.aniso_B[1][1]                            0.21000 
_refine.aniso_B[2][2]                            0.21000 
_refine.aniso_B[3][3]                            -0.42000 
_refine.aniso_B[1][2]                            0.00000 
_refine.aniso_B[1][3]                            0.00000 
_refine.aniso_B[2][3]                            0.00000 
_refine.solvent_model_details                    MASK 
_refine.solvent_model_param_ksol                 ? 
_refine.solvent_model_param_bsol                 ? 
_refine.pdbx_solvent_vdw_probe_radii             1.40 
_refine.pdbx_solvent_ion_probe_radii             0.80 
_refine.pdbx_solvent_shrinkage_radii             0.80 
_refine.pdbx_ls_cross_valid_method               THROUGHOUT 
_refine.details                                  'HYDROGENS HAVE BEEN ADDED IN THE RIDING POSITIONS.' 
_refine.pdbx_starting_model                      NONE 
_refine.pdbx_method_to_determine_struct          OTHER 
_refine.pdbx_isotropic_thermal_model             ? 
_refine.pdbx_stereochemistry_target_values       'MAXIMUM LIKELIHOOD' 
_refine.pdbx_stereochem_target_val_spec_case     ? 
_refine.pdbx_R_Free_selection_details            RANDOM 
_refine.pdbx_overall_ESU_R                       0.141 
_refine.pdbx_overall_ESU_R_Free                  0.136 
_refine.overall_SU_ML                            0.102 
_refine.pdbx_overall_phase_error                 ? 
_refine.overall_SU_B                             3.073 
_refine.overall_SU_R_Cruickshank_DPI             ? 
_refine.pdbx_overall_SU_R_free_Cruickshank_DPI   ? 
_refine.pdbx_overall_SU_R_Blow_DPI               ? 
_refine.pdbx_overall_SU_R_free_Blow_DPI          ? 
# 
_refine_hist.pdbx_refine_id                   'X-RAY DIFFRACTION' 
_refine_hist.cycle_id                         LAST 
_refine_hist.pdbx_number_atoms_protein        1024 
_refine_hist.pdbx_number_atoms_nucleic_acid   0 
_refine_hist.pdbx_number_atoms_ligand         0 
_refine_hist.number_atoms_solvent             164 
_refine_hist.number_atoms_total               1188 
_refine_hist.d_res_high                       1.70 
_refine_hist.d_res_low                        43.73 
# 
loop_
_refine_ls_restr.type 
_refine_ls_restr.dev_ideal 
_refine_ls_restr.dev_ideal_target 
_refine_ls_restr.weight 
_refine_ls_restr.number 
_refine_ls_restr.pdbx_refine_id 
_refine_ls_restr.pdbx_restraint_function 
r_bond_refined_d             0.020  0.022  ? 1045 'X-RAY DIFFRACTION' ? 
r_bond_other_d               0.001  0.020  ? 667  'X-RAY DIFFRACTION' ? 
r_angle_refined_deg          1.881  1.984  ? 1419 'X-RAY DIFFRACTION' ? 
r_angle_other_deg            0.978  3.000  ? 1666 'X-RAY DIFFRACTION' ? 
r_dihedral_angle_1_deg       7.573  5.000  ? 138  'X-RAY DIFFRACTION' ? 
r_dihedral_angle_2_deg       30.012 27.660 ? 47   'X-RAY DIFFRACTION' ? 
r_dihedral_angle_3_deg       14.084 15.000 ? 189  'X-RAY DIFFRACTION' ? 
r_dihedral_angle_4_deg       26.520 15.000 ? 1    'X-RAY DIFFRACTION' ? 
r_chiral_restr               0.115  0.200  ? 173  'X-RAY DIFFRACTION' ? 
r_gen_planes_refined         0.007  0.020  ? 1176 'X-RAY DIFFRACTION' ? 
r_gen_planes_other           0.001  0.020  ? 177  'X-RAY DIFFRACTION' ? 
r_nbd_refined                0.196  0.200  ? 150  'X-RAY DIFFRACTION' ? 
r_nbd_other                  0.191  0.200  ? 669  'X-RAY DIFFRACTION' ? 
r_nbtor_refined              0.165  0.200  ? 491  'X-RAY DIFFRACTION' ? 
r_nbtor_other                0.091  0.200  ? 591  'X-RAY DIFFRACTION' ? 
r_xyhbond_nbd_refined        0.207  0.200  ? 112  'X-RAY DIFFRACTION' ? 
r_xyhbond_nbd_other          ?      ?      ? ?    'X-RAY DIFFRACTION' ? 
r_metal_ion_refined          ?      ?      ? ?    'X-RAY DIFFRACTION' ? 
r_metal_ion_other            ?      ?      ? ?    'X-RAY DIFFRACTION' ? 
r_symmetry_vdw_refined       0.364  0.200  ? 7    'X-RAY DIFFRACTION' ? 
r_symmetry_vdw_other         0.147  0.200  ? 23   'X-RAY DIFFRACTION' ? 
r_symmetry_hbond_refined     0.156  0.200  ? 18   'X-RAY DIFFRACTION' ? 
r_symmetry_hbond_other       ?      ?      ? ?    'X-RAY DIFFRACTION' ? 
r_symmetry_metal_ion_refined ?      ?      ? ?    'X-RAY DIFFRACTION' ? 
r_symmetry_metal_ion_other   ?      ?      ? ?    'X-RAY DIFFRACTION' ? 
r_mcbond_it                  1.386  1.500  ? 889  'X-RAY DIFFRACTION' ? 
r_mcbond_other               ?      ?      ? ?    'X-RAY DIFFRACTION' ? 
r_mcangle_it                 1.567  2.000  ? 1088 'X-RAY DIFFRACTION' ? 
r_mcangle_other              ?      ?      ? ?    'X-RAY DIFFRACTION' ? 
r_scbond_it                  2.762  3.000  ? 443  'X-RAY DIFFRACTION' ? 
r_scbond_other               ?      ?      ? ?    'X-RAY DIFFRACTION' ? 
r_scangle_it                 3.416  4.500  ? 329  'X-RAY DIFFRACTION' ? 
r_scangle_other              ?      ?      ? ?    'X-RAY DIFFRACTION' ? 
r_long_range_B_refined       ?      ?      ? ?    'X-RAY DIFFRACTION' ? 
r_long_range_B_other         ?      ?      ? ?    'X-RAY DIFFRACTION' ? 
r_rigid_bond_restr           ?      ?      ? ?    'X-RAY DIFFRACTION' ? 
r_sphericity_free            ?      ?      ? ?    'X-RAY DIFFRACTION' ? 
r_sphericity_bonded          ?      ?      ? ?    'X-RAY DIFFRACTION' ? 
# 
_refine_ls_shell.pdbx_refine_id                   'X-RAY DIFFRACTION' 
_refine_ls_shell.pdbx_total_number_of_bins_used   20 
_refine_ls_shell.d_res_high                       1.70 
_refine_ls_shell.d_res_low                        1.74 
_refine_ls_shell.number_reflns_R_work             888 
_refine_ls_shell.R_factor_R_work                  0.3090 
_refine_ls_shell.percent_reflns_obs               ? 
_refine_ls_shell.R_factor_R_free                  0.3130 
_refine_ls_shell.R_factor_R_free_error            ? 
_refine_ls_shell.percent_reflns_R_free            ? 
_refine_ls_shell.number_reflns_R_free             55 
_refine_ls_shell.number_reflns_all                ? 
_refine_ls_shell.R_factor_all                     ? 
# 
_struct.entry_id                  2VO8 
_struct.title                     'Cohesin module from Clostridium perfringens ATCC13124 family 33 glycoside hydrolase.' 
_struct.pdbx_model_details        ? 
_struct.pdbx_CASP_flag            ? 
_struct.pdbx_model_type_details   ? 
# 
_struct_keywords.entry_id        2VO8 
_struct_keywords.pdbx_keywords   HYDROLASE 
_struct_keywords.text            'HYDROLASE, COHESIN, HIGH AFFINITY, GLYCOSIDE HYDROLASE, CLOSTRIDIUM PERFRINGENS' 
# 
loop_
_struct_asym.id 
_struct_asym.pdbx_blank_PDB_chainid_flag 
_struct_asym.pdbx_modified 
_struct_asym.entity_id 
_struct_asym.details 
A N N 1 ? 
B N N 2 ? 
# 
_struct_ref.id                         1 
_struct_ref.db_name                    UNP 
_struct_ref.db_code                    Q0TTQ4_CLOP1 
_struct_ref.entity_id                  1 
_struct_ref.pdbx_seq_one_letter_code   ? 
_struct_ref.pdbx_align_begin           ? 
_struct_ref.pdbx_db_accession          Q0TTQ4 
_struct_ref.pdbx_db_isoform            ? 
# 
_struct_ref_seq.align_id                      1 
_struct_ref_seq.ref_id                        1 
_struct_ref_seq.pdbx_PDB_id_code              2VO8 
_struct_ref_seq.pdbx_strand_id                A 
_struct_ref_seq.seq_align_beg                 1 
_struct_ref_seq.pdbx_seq_align_beg_ins_code   ? 
_struct_ref_seq.seq_align_end                 143 
_struct_ref_seq.pdbx_seq_align_end_ins_code   ? 
_struct_ref_seq.pdbx_db_accession             Q0TTQ4 
_struct_ref_seq.db_align_beg                  939 
_struct_ref_seq.pdbx_db_align_beg_ins_code    ? 
_struct_ref_seq.db_align_end                  1081 
_struct_ref_seq.pdbx_db_align_end_ins_code    ? 
_struct_ref_seq.pdbx_auth_seq_align_beg       933 
_struct_ref_seq.pdbx_auth_seq_align_end       1075 
# 
_pdbx_struct_assembly.id                   1 
_pdbx_struct_assembly.details              author_and_software_defined_assembly 
_pdbx_struct_assembly.method_details       PQS 
_pdbx_struct_assembly.oligomeric_details   monomeric 
_pdbx_struct_assembly.oligomeric_count     1 
# 
_pdbx_struct_assembly_gen.assembly_id       1 
_pdbx_struct_assembly_gen.oper_expression   1 
_pdbx_struct_assembly_gen.asym_id_list      A,B 
# 
_pdbx_struct_oper_list.id                   1 
_pdbx_struct_oper_list.type                 'identity operation' 
_pdbx_struct_oper_list.name                 1_555 
_pdbx_struct_oper_list.symmetry_operation   x,y,z 
_pdbx_struct_oper_list.matrix[1][1]         1.0000000000 
_pdbx_struct_oper_list.matrix[1][2]         0.0000000000 
_pdbx_struct_oper_list.matrix[1][3]         0.0000000000 
_pdbx_struct_oper_list.vector[1]            0.0000000000 
_pdbx_struct_oper_list.matrix[2][1]         0.0000000000 
_pdbx_struct_oper_list.matrix[2][2]         1.0000000000 
_pdbx_struct_oper_list.matrix[2][3]         0.0000000000 
_pdbx_struct_oper_list.vector[2]            0.0000000000 
_pdbx_struct_oper_list.matrix[3][1]         0.0000000000 
_pdbx_struct_oper_list.matrix[3][2]         0.0000000000 
_pdbx_struct_oper_list.matrix[3][3]         1.0000000000 
_pdbx_struct_oper_list.vector[3]            0.0000000000 
# 
_struct_biol.id   1 
# 
loop_
_struct_sheet.id 
_struct_sheet.type 
_struct_sheet.number_strands 
_struct_sheet.details 
AA ? 6 ? 
AB ? 8 ? 
# 
loop_
_struct_sheet_order.sheet_id 
_struct_sheet_order.range_id_1 
_struct_sheet_order.range_id_2 
_struct_sheet_order.offset 
_struct_sheet_order.sense 
AA 1 2 ? parallel      
AA 2 3 ? anti-parallel 
AA 3 4 ? anti-parallel 
AA 4 5 ? anti-parallel 
AA 5 6 ? anti-parallel 
AB 1 2 ? parallel      
AB 2 3 ? anti-parallel 
AB 3 4 ? anti-parallel 
AB 4 5 ? parallel      
AB 5 6 ? anti-parallel 
AB 6 7 ? anti-parallel 
AB 7 8 ? anti-parallel 
# 
loop_
_struct_sheet_range.sheet_id 
_struct_sheet_range.id 
_struct_sheet_range.beg_label_comp_id 
_struct_sheet_range.beg_label_asym_id 
_struct_sheet_range.beg_label_seq_id 
_struct_sheet_range.pdbx_beg_PDB_ins_code 
_struct_sheet_range.end_label_comp_id 
_struct_sheet_range.end_label_asym_id 
_struct_sheet_range.end_label_seq_id 
_struct_sheet_range.pdbx_end_PDB_ins_code 
_struct_sheet_range.beg_auth_comp_id 
_struct_sheet_range.beg_auth_asym_id 
_struct_sheet_range.beg_auth_seq_id 
_struct_sheet_range.end_auth_comp_id 
_struct_sheet_range.end_auth_asym_id 
_struct_sheet_range.end_auth_seq_id 
AA 1 GLU A 19  ? GLN A 21  ? GLU A 951  GLN A 953  
AA 2 SER A 132 ? ASN A 139 ? SER A 1064 ASN A 1071 
AA 3 SER A 107 ? ALA A 121 ? SER A 1039 ALA A 1053 
AA 4 VAL A 41  ? GLU A 49  ? VAL A 973  GLU A 981  
AA 5 LYS A 78  ? SER A 85  ? LYS A 1010 SER A 1017 
AA 6 LEU A 67  ? GLU A 75  ? LEU A 999  GLU A 1007 
AB 1 GLU A 19  ? GLN A 21  ? GLU A 951  GLN A 953  
AB 2 SER A 132 ? ASN A 139 ? SER A 1064 ASN A 1071 
AB 3 SER A 107 ? ALA A 121 ? SER A 1039 ALA A 1053 
AB 4 THR A 126 ? GLU A 130 ? THR A 1058 GLU A 1062 
AB 5 GLY A 10  ? LYS A 15  ? GLY A 942  LYS A 947  
AB 6 PHE A 26  ? GLU A 33  ? PHE A 958  GLU A 965  
AB 7 ASP A 95  ? PRO A 103 ? ASP A 1027 PRO A 1035 
AB 8 PHE A 55  ? SER A 62  ? PHE A 987  SER A 994  
# 
loop_
_pdbx_struct_sheet_hbond.sheet_id 
_pdbx_struct_sheet_hbond.range_id_1 
_pdbx_struct_sheet_hbond.range_id_2 
_pdbx_struct_sheet_hbond.range_1_label_atom_id 
_pdbx_struct_sheet_hbond.range_1_label_comp_id 
_pdbx_struct_sheet_hbond.range_1_label_asym_id 
_pdbx_struct_sheet_hbond.range_1_label_seq_id 
_pdbx_struct_sheet_hbond.range_1_PDB_ins_code 
_pdbx_struct_sheet_hbond.range_1_auth_atom_id 
_pdbx_struct_sheet_hbond.range_1_auth_comp_id 
_pdbx_struct_sheet_hbond.range_1_auth_asym_id 
_pdbx_struct_sheet_hbond.range_1_auth_seq_id 
_pdbx_struct_sheet_hbond.range_2_label_atom_id 
_pdbx_struct_sheet_hbond.range_2_label_comp_id 
_pdbx_struct_sheet_hbond.range_2_label_asym_id 
_pdbx_struct_sheet_hbond.range_2_label_seq_id 
_pdbx_struct_sheet_hbond.range_2_PDB_ins_code 
_pdbx_struct_sheet_hbond.range_2_auth_atom_id 
_pdbx_struct_sheet_hbond.range_2_auth_comp_id 
_pdbx_struct_sheet_hbond.range_2_auth_asym_id 
_pdbx_struct_sheet_hbond.range_2_auth_seq_id 
AA 1 2 N VAL A 20  ? N VAL A 952  O LYS A 137 ? O LYS A 1069 
AA 2 3 N ILE A 138 ? N ILE A 1070 O SER A 107 ? O SER A 1039 
AA 3 4 O GLY A 120 ? O GLY A 1052 N TYR A 42  ? N TYR A 974  
AA 4 5 N PHE A 48  ? N PHE A 980  O VAL A 79  ? O VAL A 1011 
AA 5 6 N ALA A 84  ? N ALA A 1016 O PHE A 68  ? O PHE A 1000 
AB 1 2 N VAL A 20  ? N VAL A 952  O LYS A 137 ? O LYS A 1069 
AB 2 3 N ILE A 138 ? N ILE A 1070 O SER A 107 ? O SER A 1039 
AB 3 4 N VAL A 119 ? N VAL A 1051 O HIS A 127 ? O HIS A 1059 
AB 4 5 N GLU A 130 ? N GLU A 1062 O GLY A 10  ? O GLY A 942  
AB 5 6 N LYS A 15  ? N LYS A 947  O ILE A 29  ? O ILE A 961  
AB 6 7 O LEU A 30  ? O LEU A 962  N LEU A 96  ? N LEU A 1028 
AB 7 8 N THR A 102 ? N THR A 1034 O ILE A 56  ? O ILE A 988  
# 
_pdbx_database_remark.id     700 
_pdbx_database_remark.text   
;
SHEET
THE SHEET STRUCTURE OF THIS MOLECULE IS BIFURCATED. IN
ORDER TO REPRESENT THIS FEATURE IN THE SHEET RECORDS BELOW,
TWO SHEETS ARE DEFINED.
;
# 
_pdbx_distant_solvent_atoms.id                                1 
_pdbx_distant_solvent_atoms.PDB_model_num                     1 
_pdbx_distant_solvent_atoms.auth_atom_id                      O 
_pdbx_distant_solvent_atoms.label_alt_id                      ? 
_pdbx_distant_solvent_atoms.auth_asym_id                      A 
_pdbx_distant_solvent_atoms.auth_comp_id                      HOH 
_pdbx_distant_solvent_atoms.auth_seq_id                       2020 
_pdbx_distant_solvent_atoms.PDB_ins_code                      ? 
_pdbx_distant_solvent_atoms.neighbor_macromolecule_distance   5.94 
_pdbx_distant_solvent_atoms.neighbor_ligand_distance          . 
# 
loop_
_pdbx_unobs_or_zero_occ_residues.id 
_pdbx_unobs_or_zero_occ_residues.PDB_model_num 
_pdbx_unobs_or_zero_occ_residues.polymer_flag 
_pdbx_unobs_or_zero_occ_residues.occupancy_flag 
_pdbx_unobs_or_zero_occ_residues.auth_asym_id 
_pdbx_unobs_or_zero_occ_residues.auth_comp_id 
_pdbx_unobs_or_zero_occ_residues.auth_seq_id 
_pdbx_unobs_or_zero_occ_residues.PDB_ins_code 
_pdbx_unobs_or_zero_occ_residues.label_asym_id 
_pdbx_unobs_or_zero_occ_residues.label_comp_id 
_pdbx_unobs_or_zero_occ_residues.label_seq_id 
1 1 Y 1 A GLN 933  ? A GLN 1   
2 1 Y 1 A ILE 934  ? A ILE 2   
3 1 Y 1 A GLY 935  ? A GLY 3   
4 1 Y 1 A GLU 936  ? A GLU 4   
5 1 Y 1 A LEU 937  ? A LEU 5   
6 1 Y 1 A LYS 938  ? A LYS 6   
7 1 Y 1 A SER 1075 ? A SER 143 
# 
loop_
_chem_comp_atom.comp_id 
_chem_comp_atom.atom_id 
_chem_comp_atom.type_symbol 
_chem_comp_atom.pdbx_aromatic_flag 
_chem_comp_atom.pdbx_stereo_config 
_chem_comp_atom.pdbx_ordinal 
ALA N    N N N 1   
ALA CA   C N S 2   
ALA C    C N N 3   
ALA O    O N N 4   
ALA CB   C N N 5   
ALA OXT  O N N 6   
ALA H    H N N 7   
ALA H2   H N N 8   
ALA HA   H N N 9   
ALA HB1  H N N 10  
ALA HB2  H N N 11  
ALA HB3  H N N 12  
ALA HXT  H N N 13  
ARG N    N N N 14  
ARG CA   C N S 15  
ARG C    C N N 16  
ARG O    O N N 17  
ARG CB   C N N 18  
ARG CG   C N N 19  
ARG CD   C N N 20  
ARG NE   N N N 21  
ARG CZ   C N N 22  
ARG NH1  N N N 23  
ARG NH2  N N N 24  
ARG OXT  O N N 25  
ARG H    H N N 26  
ARG H2   H N N 27  
ARG HA   H N N 28  
ARG HB2  H N N 29  
ARG HB3  H N N 30  
ARG HG2  H N N 31  
ARG HG3  H N N 32  
ARG HD2  H N N 33  
ARG HD3  H N N 34  
ARG HE   H N N 35  
ARG HH11 H N N 36  
ARG HH12 H N N 37  
ARG HH21 H N N 38  
ARG HH22 H N N 39  
ARG HXT  H N N 40  
ASN N    N N N 41  
ASN CA   C N S 42  
ASN C    C N N 43  
ASN O    O N N 44  
ASN CB   C N N 45  
ASN CG   C N N 46  
ASN OD1  O N N 47  
ASN ND2  N N N 48  
ASN OXT  O N N 49  
ASN H    H N N 50  
ASN H2   H N N 51  
ASN HA   H N N 52  
ASN HB2  H N N 53  
ASN HB3  H N N 54  
ASN HD21 H N N 55  
ASN HD22 H N N 56  
ASN HXT  H N N 57  
ASP N    N N N 58  
ASP CA   C N S 59  
ASP C    C N N 60  
ASP O    O N N 61  
ASP CB   C N N 62  
ASP CG   C N N 63  
ASP OD1  O N N 64  
ASP OD2  O N N 65  
ASP OXT  O N N 66  
ASP H    H N N 67  
ASP H2   H N N 68  
ASP HA   H N N 69  
ASP HB2  H N N 70  
ASP HB3  H N N 71  
ASP HD2  H N N 72  
ASP HXT  H N N 73  
GLN N    N N N 74  
GLN CA   C N S 75  
GLN C    C N N 76  
GLN O    O N N 77  
GLN CB   C N N 78  
GLN CG   C N N 79  
GLN CD   C N N 80  
GLN OE1  O N N 81  
GLN NE2  N N N 82  
GLN OXT  O N N 83  
GLN H    H N N 84  
GLN H2   H N N 85  
GLN HA   H N N 86  
GLN HB2  H N N 87  
GLN HB3  H N N 88  
GLN HG2  H N N 89  
GLN HG3  H N N 90  
GLN HE21 H N N 91  
GLN HE22 H N N 92  
GLN HXT  H N N 93  
GLU N    N N N 94  
GLU CA   C N S 95  
GLU C    C N N 96  
GLU O    O N N 97  
GLU CB   C N N 98  
GLU CG   C N N 99  
GLU CD   C N N 100 
GLU OE1  O N N 101 
GLU OE2  O N N 102 
GLU OXT  O N N 103 
GLU H    H N N 104 
GLU H2   H N N 105 
GLU HA   H N N 106 
GLU HB2  H N N 107 
GLU HB3  H N N 108 
GLU HG2  H N N 109 
GLU HG3  H N N 110 
GLU HE2  H N N 111 
GLU HXT  H N N 112 
GLY N    N N N 113 
GLY CA   C N N 114 
GLY C    C N N 115 
GLY O    O N N 116 
GLY OXT  O N N 117 
GLY H    H N N 118 
GLY H2   H N N 119 
GLY HA2  H N N 120 
GLY HA3  H N N 121 
GLY HXT  H N N 122 
HIS N    N N N 123 
HIS CA   C N S 124 
HIS C    C N N 125 
HIS O    O N N 126 
HIS CB   C N N 127 
HIS CG   C Y N 128 
HIS ND1  N Y N 129 
HIS CD2  C Y N 130 
HIS CE1  C Y N 131 
HIS NE2  N Y N 132 
HIS OXT  O N N 133 
HIS H    H N N 134 
HIS H2   H N N 135 
HIS HA   H N N 136 
HIS HB2  H N N 137 
HIS HB3  H N N 138 
HIS HD1  H N N 139 
HIS HD2  H N N 140 
HIS HE1  H N N 141 
HIS HE2  H N N 142 
HIS HXT  H N N 143 
HOH O    O N N 144 
HOH H1   H N N 145 
HOH H2   H N N 146 
ILE N    N N N 147 
ILE CA   C N S 148 
ILE C    C N N 149 
ILE O    O N N 150 
ILE CB   C N S 151 
ILE CG1  C N N 152 
ILE CG2  C N N 153 
ILE CD1  C N N 154 
ILE OXT  O N N 155 
ILE H    H N N 156 
ILE H2   H N N 157 
ILE HA   H N N 158 
ILE HB   H N N 159 
ILE HG12 H N N 160 
ILE HG13 H N N 161 
ILE HG21 H N N 162 
ILE HG22 H N N 163 
ILE HG23 H N N 164 
ILE HD11 H N N 165 
ILE HD12 H N N 166 
ILE HD13 H N N 167 
ILE HXT  H N N 168 
LEU N    N N N 169 
LEU CA   C N S 170 
LEU C    C N N 171 
LEU O    O N N 172 
LEU CB   C N N 173 
LEU CG   C N N 174 
LEU CD1  C N N 175 
LEU CD2  C N N 176 
LEU OXT  O N N 177 
LEU H    H N N 178 
LEU H2   H N N 179 
LEU HA   H N N 180 
LEU HB2  H N N 181 
LEU HB3  H N N 182 
LEU HG   H N N 183 
LEU HD11 H N N 184 
LEU HD12 H N N 185 
LEU HD13 H N N 186 
LEU HD21 H N N 187 
LEU HD22 H N N 188 
LEU HD23 H N N 189 
LEU HXT  H N N 190 
LYS N    N N N 191 
LYS CA   C N S 192 
LYS C    C N N 193 
LYS O    O N N 194 
LYS CB   C N N 195 
LYS CG   C N N 196 
LYS CD   C N N 197 
LYS CE   C N N 198 
LYS NZ   N N N 199 
LYS OXT  O N N 200 
LYS H    H N N 201 
LYS H2   H N N 202 
LYS HA   H N N 203 
LYS HB2  H N N 204 
LYS HB3  H N N 205 
LYS HG2  H N N 206 
LYS HG3  H N N 207 
LYS HD2  H N N 208 
LYS HD3  H N N 209 
LYS HE2  H N N 210 
LYS HE3  H N N 211 
LYS HZ1  H N N 212 
LYS HZ2  H N N 213 
LYS HZ3  H N N 214 
LYS HXT  H N N 215 
PHE N    N N N 216 
PHE CA   C N S 217 
PHE C    C N N 218 
PHE O    O N N 219 
PHE CB   C N N 220 
PHE CG   C Y N 221 
PHE CD1  C Y N 222 
PHE CD2  C Y N 223 
PHE CE1  C Y N 224 
PHE CE2  C Y N 225 
PHE CZ   C Y N 226 
PHE OXT  O N N 227 
PHE H    H N N 228 
PHE H2   H N N 229 
PHE HA   H N N 230 
PHE HB2  H N N 231 
PHE HB3  H N N 232 
PHE HD1  H N N 233 
PHE HD2  H N N 234 
PHE HE1  H N N 235 
PHE HE2  H N N 236 
PHE HZ   H N N 237 
PHE HXT  H N N 238 
PRO N    N N N 239 
PRO CA   C N S 240 
PRO C    C N N 241 
PRO O    O N N 242 
PRO CB   C N N 243 
PRO CG   C N N 244 
PRO CD   C N N 245 
PRO OXT  O N N 246 
PRO H    H N N 247 
PRO HA   H N N 248 
PRO HB2  H N N 249 
PRO HB3  H N N 250 
PRO HG2  H N N 251 
PRO HG3  H N N 252 
PRO HD2  H N N 253 
PRO HD3  H N N 254 
PRO HXT  H N N 255 
SER N    N N N 256 
SER CA   C N S 257 
SER C    C N N 258 
SER O    O N N 259 
SER CB   C N N 260 
SER OG   O N N 261 
SER OXT  O N N 262 
SER H    H N N 263 
SER H2   H N N 264 
SER HA   H N N 265 
SER HB2  H N N 266 
SER HB3  H N N 267 
SER HG   H N N 268 
SER HXT  H N N 269 
THR N    N N N 270 
THR CA   C N S 271 
THR C    C N N 272 
THR O    O N N 273 
THR CB   C N R 274 
THR OG1  O N N 275 
THR CG2  C N N 276 
THR OXT  O N N 277 
THR H    H N N 278 
THR H2   H N N 279 
THR HA   H N N 280 
THR HB   H N N 281 
THR HG1  H N N 282 
THR HG21 H N N 283 
THR HG22 H N N 284 
THR HG23 H N N 285 
THR HXT  H N N 286 
TYR N    N N N 287 
TYR CA   C N S 288 
TYR C    C N N 289 
TYR O    O N N 290 
TYR CB   C N N 291 
TYR CG   C Y N 292 
TYR CD1  C Y N 293 
TYR CD2  C Y N 294 
TYR CE1  C Y N 295 
TYR CE2  C Y N 296 
TYR CZ   C Y N 297 
TYR OH   O N N 298 
TYR OXT  O N N 299 
TYR H    H N N 300 
TYR H2   H N N 301 
TYR HA   H N N 302 
TYR HB2  H N N 303 
TYR HB3  H N N 304 
TYR HD1  H N N 305 
TYR HD2  H N N 306 
TYR HE1  H N N 307 
TYR HE2  H N N 308 
TYR HH   H N N 309 
TYR HXT  H N N 310 
VAL N    N N N 311 
VAL CA   C N S 312 
VAL C    C N N 313 
VAL O    O N N 314 
VAL CB   C N N 315 
VAL CG1  C N N 316 
VAL CG2  C N N 317 
VAL OXT  O N N 318 
VAL H    H N N 319 
VAL H2   H N N 320 
VAL HA   H N N 321 
VAL HB   H N N 322 
VAL HG11 H N N 323 
VAL HG12 H N N 324 
VAL HG13 H N N 325 
VAL HG21 H N N 326 
VAL HG22 H N N 327 
VAL HG23 H N N 328 
VAL HXT  H N N 329 
# 
loop_
_chem_comp_bond.comp_id 
_chem_comp_bond.atom_id_1 
_chem_comp_bond.atom_id_2 
_chem_comp_bond.value_order 
_chem_comp_bond.pdbx_aromatic_flag 
_chem_comp_bond.pdbx_stereo_config 
_chem_comp_bond.pdbx_ordinal 
ALA N   CA   sing N N 1   
ALA N   H    sing N N 2   
ALA N   H2   sing N N 3   
ALA CA  C    sing N N 4   
ALA CA  CB   sing N N 5   
ALA CA  HA   sing N N 6   
ALA C   O    doub N N 7   
ALA C   OXT  sing N N 8   
ALA CB  HB1  sing N N 9   
ALA CB  HB2  sing N N 10  
ALA CB  HB3  sing N N 11  
ALA OXT HXT  sing N N 12  
ARG N   CA   sing N N 13  
ARG N   H    sing N N 14  
ARG N   H2   sing N N 15  
ARG CA  C    sing N N 16  
ARG CA  CB   sing N N 17  
ARG CA  HA   sing N N 18  
ARG C   O    doub N N 19  
ARG C   OXT  sing N N 20  
ARG CB  CG   sing N N 21  
ARG CB  HB2  sing N N 22  
ARG CB  HB3  sing N N 23  
ARG CG  CD   sing N N 24  
ARG CG  HG2  sing N N 25  
ARG CG  HG3  sing N N 26  
ARG CD  NE   sing N N 27  
ARG CD  HD2  sing N N 28  
ARG CD  HD3  sing N N 29  
ARG NE  CZ   sing N N 30  
ARG NE  HE   sing N N 31  
ARG CZ  NH1  sing N N 32  
ARG CZ  NH2  doub N N 33  
ARG NH1 HH11 sing N N 34  
ARG NH1 HH12 sing N N 35  
ARG NH2 HH21 sing N N 36  
ARG NH2 HH22 sing N N 37  
ARG OXT HXT  sing N N 38  
ASN N   CA   sing N N 39  
ASN N   H    sing N N 40  
ASN N   H2   sing N N 41  
ASN CA  C    sing N N 42  
ASN CA  CB   sing N N 43  
ASN CA  HA   sing N N 44  
ASN C   O    doub N N 45  
ASN C   OXT  sing N N 46  
ASN CB  CG   sing N N 47  
ASN CB  HB2  sing N N 48  
ASN CB  HB3  sing N N 49  
ASN CG  OD1  doub N N 50  
ASN CG  ND2  sing N N 51  
ASN ND2 HD21 sing N N 52  
ASN ND2 HD22 sing N N 53  
ASN OXT HXT  sing N N 54  
ASP N   CA   sing N N 55  
ASP N   H    sing N N 56  
ASP N   H2   sing N N 57  
ASP CA  C    sing N N 58  
ASP CA  CB   sing N N 59  
ASP CA  HA   sing N N 60  
ASP C   O    doub N N 61  
ASP C   OXT  sing N N 62  
ASP CB  CG   sing N N 63  
ASP CB  HB2  sing N N 64  
ASP CB  HB3  sing N N 65  
ASP CG  OD1  doub N N 66  
ASP CG  OD2  sing N N 67  
ASP OD2 HD2  sing N N 68  
ASP OXT HXT  sing N N 69  
GLN N   CA   sing N N 70  
GLN N   H    sing N N 71  
GLN N   H2   sing N N 72  
GLN CA  C    sing N N 73  
GLN CA  CB   sing N N 74  
GLN CA  HA   sing N N 75  
GLN C   O    doub N N 76  
GLN C   OXT  sing N N 77  
GLN CB  CG   sing N N 78  
GLN CB  HB2  sing N N 79  
GLN CB  HB3  sing N N 80  
GLN CG  CD   sing N N 81  
GLN CG  HG2  sing N N 82  
GLN CG  HG3  sing N N 83  
GLN CD  OE1  doub N N 84  
GLN CD  NE2  sing N N 85  
GLN NE2 HE21 sing N N 86  
GLN NE2 HE22 sing N N 87  
GLN OXT HXT  sing N N 88  
GLU N   CA   sing N N 89  
GLU N   H    sing N N 90  
GLU N   H2   sing N N 91  
GLU CA  C    sing N N 92  
GLU CA  CB   sing N N 93  
GLU CA  HA   sing N N 94  
GLU C   O    doub N N 95  
GLU C   OXT  sing N N 96  
GLU CB  CG   sing N N 97  
GLU CB  HB2  sing N N 98  
GLU CB  HB3  sing N N 99  
GLU CG  CD   sing N N 100 
GLU CG  HG2  sing N N 101 
GLU CG  HG3  sing N N 102 
GLU CD  OE1  doub N N 103 
GLU CD  OE2  sing N N 104 
GLU OE2 HE2  sing N N 105 
GLU OXT HXT  sing N N 106 
GLY N   CA   sing N N 107 
GLY N   H    sing N N 108 
GLY N   H2   sing N N 109 
GLY CA  C    sing N N 110 
GLY CA  HA2  sing N N 111 
GLY CA  HA3  sing N N 112 
GLY C   O    doub N N 113 
GLY C   OXT  sing N N 114 
GLY OXT HXT  sing N N 115 
HIS N   CA   sing N N 116 
HIS N   H    sing N N 117 
HIS N   H2   sing N N 118 
HIS CA  C    sing N N 119 
HIS CA  CB   sing N N 120 
HIS CA  HA   sing N N 121 
HIS C   O    doub N N 122 
HIS C   OXT  sing N N 123 
HIS CB  CG   sing N N 124 
HIS CB  HB2  sing N N 125 
HIS CB  HB3  sing N N 126 
HIS CG  ND1  sing Y N 127 
HIS CG  CD2  doub Y N 128 
HIS ND1 CE1  doub Y N 129 
HIS ND1 HD1  sing N N 130 
HIS CD2 NE2  sing Y N 131 
HIS CD2 HD2  sing N N 132 
HIS CE1 NE2  sing Y N 133 
HIS CE1 HE1  sing N N 134 
HIS NE2 HE2  sing N N 135 
HIS OXT HXT  sing N N 136 
HOH O   H1   sing N N 137 
HOH O   H2   sing N N 138 
ILE N   CA   sing N N 139 
ILE N   H    sing N N 140 
ILE N   H2   sing N N 141 
ILE CA  C    sing N N 142 
ILE CA  CB   sing N N 143 
ILE CA  HA   sing N N 144 
ILE C   O    doub N N 145 
ILE C   OXT  sing N N 146 
ILE CB  CG1  sing N N 147 
ILE CB  CG2  sing N N 148 
ILE CB  HB   sing N N 149 
ILE CG1 CD1  sing N N 150 
ILE CG1 HG12 sing N N 151 
ILE CG1 HG13 sing N N 152 
ILE CG2 HG21 sing N N 153 
ILE CG2 HG22 sing N N 154 
ILE CG2 HG23 sing N N 155 
ILE CD1 HD11 sing N N 156 
ILE CD1 HD12 sing N N 157 
ILE CD1 HD13 sing N N 158 
ILE OXT HXT  sing N N 159 
LEU N   CA   sing N N 160 
LEU N   H    sing N N 161 
LEU N   H2   sing N N 162 
LEU CA  C    sing N N 163 
LEU CA  CB   sing N N 164 
LEU CA  HA   sing N N 165 
LEU C   O    doub N N 166 
LEU C   OXT  sing N N 167 
LEU CB  CG   sing N N 168 
LEU CB  HB2  sing N N 169 
LEU CB  HB3  sing N N 170 
LEU CG  CD1  sing N N 171 
LEU CG  CD2  sing N N 172 
LEU CG  HG   sing N N 173 
LEU CD1 HD11 sing N N 174 
LEU CD1 HD12 sing N N 175 
LEU CD1 HD13 sing N N 176 
LEU CD2 HD21 sing N N 177 
LEU CD2 HD22 sing N N 178 
LEU CD2 HD23 sing N N 179 
LEU OXT HXT  sing N N 180 
LYS N   CA   sing N N 181 
LYS N   H    sing N N 182 
LYS N   H2   sing N N 183 
LYS CA  C    sing N N 184 
LYS CA  CB   sing N N 185 
LYS CA  HA   sing N N 186 
LYS C   O    doub N N 187 
LYS C   OXT  sing N N 188 
LYS CB  CG   sing N N 189 
LYS CB  HB2  sing N N 190 
LYS CB  HB3  sing N N 191 
LYS CG  CD   sing N N 192 
LYS CG  HG2  sing N N 193 
LYS CG  HG3  sing N N 194 
LYS CD  CE   sing N N 195 
LYS CD  HD2  sing N N 196 
LYS CD  HD3  sing N N 197 
LYS CE  NZ   sing N N 198 
LYS CE  HE2  sing N N 199 
LYS CE  HE3  sing N N 200 
LYS NZ  HZ1  sing N N 201 
LYS NZ  HZ2  sing N N 202 
LYS NZ  HZ3  sing N N 203 
LYS OXT HXT  sing N N 204 
PHE N   CA   sing N N 205 
PHE N   H    sing N N 206 
PHE N   H2   sing N N 207 
PHE CA  C    sing N N 208 
PHE CA  CB   sing N N 209 
PHE CA  HA   sing N N 210 
PHE C   O    doub N N 211 
PHE C   OXT  sing N N 212 
PHE CB  CG   sing N N 213 
PHE CB  HB2  sing N N 214 
PHE CB  HB3  sing N N 215 
PHE CG  CD1  doub Y N 216 
PHE CG  CD2  sing Y N 217 
PHE CD1 CE1  sing Y N 218 
PHE CD1 HD1  sing N N 219 
PHE CD2 CE2  doub Y N 220 
PHE CD2 HD2  sing N N 221 
PHE CE1 CZ   doub Y N 222 
PHE CE1 HE1  sing N N 223 
PHE CE2 CZ   sing Y N 224 
PHE CE2 HE2  sing N N 225 
PHE CZ  HZ   sing N N 226 
PHE OXT HXT  sing N N 227 
PRO N   CA   sing N N 228 
PRO N   CD   sing N N 229 
PRO N   H    sing N N 230 
PRO CA  C    sing N N 231 
PRO CA  CB   sing N N 232 
PRO CA  HA   sing N N 233 
PRO C   O    doub N N 234 
PRO C   OXT  sing N N 235 
PRO CB  CG   sing N N 236 
PRO CB  HB2  sing N N 237 
PRO CB  HB3  sing N N 238 
PRO CG  CD   sing N N 239 
PRO CG  HG2  sing N N 240 
PRO CG  HG3  sing N N 241 
PRO CD  HD2  sing N N 242 
PRO CD  HD3  sing N N 243 
PRO OXT HXT  sing N N 244 
SER N   CA   sing N N 245 
SER N   H    sing N N 246 
SER N   H2   sing N N 247 
SER CA  C    sing N N 248 
SER CA  CB   sing N N 249 
SER CA  HA   sing N N 250 
SER C   O    doub N N 251 
SER C   OXT  sing N N 252 
SER CB  OG   sing N N 253 
SER CB  HB2  sing N N 254 
SER CB  HB3  sing N N 255 
SER OG  HG   sing N N 256 
SER OXT HXT  sing N N 257 
THR N   CA   sing N N 258 
THR N   H    sing N N 259 
THR N   H2   sing N N 260 
THR CA  C    sing N N 261 
THR CA  CB   sing N N 262 
THR CA  HA   sing N N 263 
THR C   O    doub N N 264 
THR C   OXT  sing N N 265 
THR CB  OG1  sing N N 266 
THR CB  CG2  sing N N 267 
THR CB  HB   sing N N 268 
THR OG1 HG1  sing N N 269 
THR CG2 HG21 sing N N 270 
THR CG2 HG22 sing N N 271 
THR CG2 HG23 sing N N 272 
THR OXT HXT  sing N N 273 
TYR N   CA   sing N N 274 
TYR N   H    sing N N 275 
TYR N   H2   sing N N 276 
TYR CA  C    sing N N 277 
TYR CA  CB   sing N N 278 
TYR CA  HA   sing N N 279 
TYR C   O    doub N N 280 
TYR C   OXT  sing N N 281 
TYR CB  CG   sing N N 282 
TYR CB  HB2  sing N N 283 
TYR CB  HB3  sing N N 284 
TYR CG  CD1  doub Y N 285 
TYR CG  CD2  sing Y N 286 
TYR CD1 CE1  sing Y N 287 
TYR CD1 HD1  sing N N 288 
TYR CD2 CE2  doub Y N 289 
TYR CD2 HD2  sing N N 290 
TYR CE1 CZ   doub Y N 291 
TYR CE1 HE1  sing N N 292 
TYR CE2 CZ   sing Y N 293 
TYR CE2 HE2  sing N N 294 
TYR CZ  OH   sing N N 295 
TYR OH  HH   sing N N 296 
TYR OXT HXT  sing N N 297 
VAL N   CA   sing N N 298 
VAL N   H    sing N N 299 
VAL N   H2   sing N N 300 
VAL CA  C    sing N N 301 
VAL CA  CB   sing N N 302 
VAL CA  HA   sing N N 303 
VAL C   O    doub N N 304 
VAL C   OXT  sing N N 305 
VAL CB  CG1  sing N N 306 
VAL CB  CG2  sing N N 307 
VAL CB  HB   sing N N 308 
VAL CG1 HG11 sing N N 309 
VAL CG1 HG12 sing N N 310 
VAL CG1 HG13 sing N N 311 
VAL CG2 HG21 sing N N 312 
VAL CG2 HG22 sing N N 313 
VAL CG2 HG23 sing N N 314 
VAL OXT HXT  sing N N 315 
# 
_atom_sites.entry_id                    2VO8 
_atom_sites.fract_transf_matrix[1][1]   -0.00997220 
_atom_sites.fract_transf_matrix[1][2]   -0.01325758 
_atom_sites.fract_transf_matrix[1][3]   0.02034986 
_atom_sites.fract_transf_matrix[2][1]   0.01519719 
_atom_sites.fract_transf_matrix[2][2]   0.01375371 
_atom_sites.fract_transf_matrix[2][3]   0.01640749 
_atom_sites.fract_transf_matrix[3][1]   -0.00412677 
_atom_sites.fract_transf_matrix[3][2]   0.00392326 
_atom_sites.fract_transf_matrix[3][3]   0.00053366 
_atom_sites.fract_transf_vector[1]      0.541995 
_atom_sites.fract_transf_vector[2]      0.168845 
_atom_sites.fract_transf_vector[3]      0.108271 
# 
loop_
_atom_type.symbol 
C 
N 
O 
# 
loop_
_atom_site.group_PDB 
_atom_site.id 
_atom_site.type_symbol 
_atom_site.label_atom_id 
_atom_site.label_alt_id 
_atom_site.label_comp_id 
_atom_site.label_asym_id 
_atom_site.label_entity_id 
_atom_site.label_seq_id 
_atom_site.pdbx_PDB_ins_code 
_atom_site.Cartn_x 
_atom_site.Cartn_y 
_atom_site.Cartn_z 
_atom_site.occupancy 
_atom_site.B_iso_or_equiv 
_atom_site.pdbx_formal_charge 
_atom_site.auth_seq_id 
_atom_site.auth_comp_id 
_atom_site.auth_asym_id 
_atom_site.auth_atom_id 
_atom_site.pdbx_PDB_model_num 
ATOM   1    N N   . THR A 1 7   ? -20.170 -2.226  -6.195  1.00 36.26 ? 939  THR A N   1 
ATOM   2    C CA  . THR A 1 7   ? -19.301 -1.179  -6.784  1.00 34.42 ? 939  THR A CA  1 
ATOM   3    C C   . THR A 1 7   ? -18.335 -0.719  -5.670  1.00 33.16 ? 939  THR A C   1 
ATOM   4    O O   . THR A 1 7   ? -17.987 -1.570  -4.834  1.00 33.02 ? 939  THR A O   1 
ATOM   5    C CB  . THR A 1 7   ? -20.122 -0.048  -7.455  1.00 36.22 ? 939  THR A CB  1 
ATOM   6    O OG1 . THR A 1 7   ? -21.179 0.391   -6.591  1.00 38.87 ? 939  THR A OG1 1 
ATOM   7    C CG2 . THR A 1 7   ? -20.720 -0.527  -8.793  1.00 36.29 ? 939  THR A CG2 1 
ATOM   8    N N   . THR A 1 8   ? -17.911 0.560   -5.667  1.00 30.45 ? 940  THR A N   1 
ATOM   9    C CA  . THR A 1 8   ? -16.773 1.073   -4.859  1.00 29.62 ? 940  THR A CA  1 
ATOM   10   C C   . THR A 1 8   ? -17.058 2.438   -4.233  1.00 28.60 ? 940  THR A C   1 
ATOM   11   O O   . THR A 1 8   ? -17.911 3.180   -4.710  1.00 29.74 ? 940  THR A O   1 
ATOM   12   C CB  . THR A 1 8   ? -15.473 1.238   -5.720  1.00 29.30 ? 940  THR A CB  1 
ATOM   13   O OG1 . THR A 1 8   ? -15.683 2.220   -6.767  1.00 29.16 ? 940  THR A OG1 1 
ATOM   14   C CG2 . THR A 1 8   ? -15.047 -0.099  -6.299  1.00 27.45 ? 940  THR A CG2 1 
ATOM   15   N N   . VAL A 1 9   ? -16.342 2.762   -3.160  1.00 27.00 ? 941  VAL A N   1 
ATOM   16   C CA  . VAL A 1 9   ? -16.564 3.985   -2.410  1.00 25.28 ? 941  VAL A CA  1 
ATOM   17   C C   . VAL A 1 9   ? -15.421 4.994   -2.558  1.00 24.72 ? 941  VAL A C   1 
ATOM   18   O O   . VAL A 1 9   ? -15.502 6.130   -2.097  1.00 25.90 ? 941  VAL A O   1 
ATOM   19   C CB  . VAL A 1 9   ? -16.903 3.653   -0.908  1.00 26.11 ? 941  VAL A CB  1 
ATOM   20   C CG1 . VAL A 1 9   ? -18.194 2.762   -0.799  1.00 26.91 ? 941  VAL A CG1 1 
ATOM   21   C CG2 . VAL A 1 9   ? -15.757 2.982   -0.183  1.00 25.09 ? 941  VAL A CG2 1 
ATOM   22   N N   . GLY A 1 10  ? -14.346 4.600   -3.248  1.00 22.55 ? 942  GLY A N   1 
ATOM   23   C CA  . GLY A 1 10  ? -13.214 5.484   -3.399  1.00 21.19 ? 942  GLY A CA  1 
ATOM   24   C C   . GLY A 1 10  ? -12.116 4.750   -4.150  1.00 19.81 ? 942  GLY A C   1 
ATOM   25   O O   . GLY A 1 10  ? -12.339 3.644   -4.603  1.00 18.09 ? 942  GLY A O   1 
ATOM   26   N N   . ASN A 1 11  ? -10.969 5.399   -4.267  1.00 19.47 ? 943  ASN A N   1 
ATOM   27   C CA  . ASN A 1 11  ? -9.791  4.818   -4.910  1.00 19.71 ? 943  ASN A CA  1 
ATOM   28   C C   . ASN A 1 11  ? -8.660  4.479   -3.935  1.00 20.36 ? 943  ASN A C   1 
ATOM   29   O O   . ASN A 1 11  ? -8.340  5.282   -3.059  1.00 20.22 ? 943  ASN A O   1 
ATOM   30   C CB  . ASN A 1 11  ? -9.226  5.793   -5.906  1.00 20.34 ? 943  ASN A CB  1 
ATOM   31   C CG  . ASN A 1 11  ? -10.252 6.192   -6.992  1.00 20.98 ? 943  ASN A CG  1 
ATOM   32   O OD1 . ASN A 1 11  ? -10.353 7.369   -7.365  1.00 26.00 ? 943  ASN A OD1 1 
ATOM   33   N ND2 . ASN A 1 11  ? -10.985 5.224   -7.476  1.00 16.98 ? 943  ASN A ND2 1 
ATOM   34   N N   . SER A 1 12  ? -8.006  3.350   -4.176  1.00 19.79 ? 944  SER A N   1 
ATOM   35   C CA  . SER A 1 12  ? -6.685  3.097   -3.522  1.00 18.68 ? 944  SER A CA  1 
ATOM   36   C C   . SER A 1 12  ? -5.624  3.909   -4.261  1.00 19.19 ? 944  SER A C   1 
ATOM   37   O O   . SER A 1 12  ? -5.792  4.209   -5.443  1.00 18.20 ? 944  SER A O   1 
ATOM   38   C CB  . SER A 1 12  ? -6.347  1.606   -3.499  1.00 19.24 ? 944  SER A CB  1 
ATOM   39   O OG  . SER A 1 12  ? -6.205  1.037   -4.786  1.00 15.28 ? 944  SER A OG  1 
ATOM   40   N N   . THR A 1 13  ? -4.519  4.235   -3.594  1.00 17.48 ? 945  THR A N   1 
ATOM   41   C CA  . THR A 1 13  ? -3.408  4.955   -4.175  1.00 17.62 ? 945  THR A CA  1 
ATOM   42   C C   . THR A 1 13  ? -2.139  4.217   -3.855  1.00 18.51 ? 945  THR A C   1 
ATOM   43   O O   . THR A 1 13  ? -2.034  3.616   -2.794  1.00 17.72 ? 945  THR A O   1 
ATOM   44   C CB  . THR A 1 13  ? -3.294  6.403   -3.663  1.00 18.26 ? 945  THR A CB  1 
ATOM   45   O OG1 . THR A 1 13  ? -3.088  6.421   -2.232  1.00 17.33 ? 945  THR A OG1 1 
ATOM   46   C CG2 . THR A 1 13  ? -4.552  7.222   -4.036  1.00 16.38 ? 945  THR A CG2 1 
ATOM   47   N N   . ILE A 1 14  ? -1.228  4.189   -4.822  1.00 18.66 ? 946  ILE A N   1 
ATOM   48   C CA  . ILE A 1 14  ? 0.161   3.750   -4.563  1.00 19.26 ? 946  ILE A CA  1 
ATOM   49   C C   . ILE A 1 14  ? 1.097   4.741   -5.249  1.00 19.00 ? 946  ILE A C   1 
ATOM   50   O O   . ILE A 1 14  ? 0.948   4.995   -6.440  1.00 18.97 ? 946  ILE A O   1 
ATOM   51   C CB  . ILE A 1 14  ? 0.389   2.264   -4.963  1.00 18.81 ? 946  ILE A CB  1 
ATOM   52   C CG1 . ILE A 1 14  ? 1.890   1.886   -4.908  1.00 19.75 ? 946  ILE A CG1 1 
ATOM   53   C CG2 . ILE A 1 14  ? -0.221  1.872   -6.306  1.00 21.74 ? 946  ILE A CG2 1 
ATOM   54   C CD1 . ILE A 1 14  ? 2.105   0.322   -4.919  1.00 20.89 ? 946  ILE A CD1 1 
ATOM   55   N N   . LYS A 1 15  ? 2.033   5.293   -4.492  1.00 18.09 ? 947  LYS A N   1 
ATOM   56   C CA  . LYS A 1 15  ? 2.971   6.311   -4.957  1.00 19.13 ? 947  LYS A CA  1 
ATOM   57   C C   . LYS A 1 15  ? 4.363   5.757   -4.733  1.00 19.15 ? 947  LYS A C   1 
ATOM   58   O O   . LYS A 1 15  ? 4.690   5.290   -3.642  1.00 18.19 ? 947  LYS A O   1 
ATOM   59   C CB  . LYS A 1 15  ? 2.805   7.655   -4.282  1.00 19.84 ? 947  LYS A CB  1 
ATOM   60   C CG  . LYS A 1 15  ? 1.542   8.402   -4.685  1.00 19.83 ? 947  LYS A CG  1 
ATOM   61   C CD  . LYS A 1 15  ? 1.494   9.847   -4.140  1.00 20.69 ? 947  LYS A CD  1 
ATOM   62   C CE  . LYS A 1 15  ? 1.362   9.911   -2.648  1.00 20.32 ? 947  LYS A CE  1 
ATOM   63   N NZ  . LYS A 1 15  ? 0.038   9.440   -2.157  1.00 15.58 ? 947  LYS A NZ  1 
ATOM   64   N N   . VAL A 1 16  ? 5.129   5.729   -5.807  1.00 18.97 ? 948  VAL A N   1 
ATOM   65   C CA  . VAL A 1 16  ? 6.484   5.199   -5.759  1.00 19.83 ? 948  VAL A CA  1 
ATOM   66   C C   . VAL A 1 16  ? 7.270   5.818   -6.902  1.00 19.64 ? 948  VAL A C   1 
ATOM   67   O O   . VAL A 1 16  ? 6.716   6.191   -7.984  1.00 18.38 ? 948  VAL A O   1 
ATOM   68   C CB  . VAL A 1 16  ? 6.461   3.627   -5.821  1.00 20.42 ? 948  VAL A CB  1 
ATOM   69   C CG1 . VAL A 1 16  ? 5.754   3.180   -6.988  1.00 22.01 ? 948  VAL A CG1 1 
ATOM   70   C CG2 . VAL A 1 16  ? 7.921   2.986   -5.790  1.00 19.06 ? 948  VAL A CG2 1 
ATOM   71   N N   . ASN A 1 17  ? 8.567   5.961   -6.694  1.00 19.36 ? 949  ASN A N   1 
ATOM   72   C CA  . ASN A 1 17  ? 9.419   6.522   -7.712  1.00 19.76 ? 949  ASN A CA  1 
ATOM   73   C C   . ASN A 1 17  ? 9.393   5.551   -8.905  1.00 20.09 ? 949  ASN A C   1 
ATOM   74   O O   . ASN A 1 17  ? 9.200   4.354   -8.732  1.00 20.87 ? 949  ASN A O   1 
ATOM   75   C CB  . ASN A 1 17  ? 10.882  6.659   -7.231  1.00 19.88 ? 949  ASN A CB  1 
ATOM   76   C CG  . ASN A 1 17  ? 11.070  7.719   -6.150  1.00 20.58 ? 949  ASN A CG  1 
ATOM   77   O OD1 . ASN A 1 17  ? 10.315  8.704   -6.055  1.00 15.37 ? 949  ASN A OD1 1 
ATOM   78   N ND2 . ASN A 1 17  ? 12.133  7.530   -5.350  1.00 17.41 ? 949  ASN A ND2 1 
ATOM   79   N N   . ASP A 1 18  ? 9.486   6.147   -10.081 1.00 21.85 ? 950  ASP A N   1 
ATOM   80   C CA  . ASP A 1 18  ? 9.537   5.465   -11.374 1.00 22.86 ? 950  ASP A CA  1 
ATOM   81   C C   . ASP A 1 18  ? 10.772  4.570   -11.475 1.00 22.60 ? 950  ASP A C   1 
ATOM   82   O O   . ASP A 1 18  ? 10.736  3.517   -12.121 1.00 21.62 ? 950  ASP A O   1 
ATOM   83   C CB  . ASP A 1 18  ? 9.641   6.524   -12.490 1.00 24.38 ? 950  ASP A CB  1 
ATOM   84   C CG  . ASP A 1 18  ? 8.324   7.188   -12.804 1.00 27.71 ? 950  ASP A CG  1 
ATOM   85   O OD1 . ASP A 1 18  ? 7.278   6.824   -12.185 1.00 31.70 ? 950  ASP A OD1 1 
ATOM   86   O OD2 . ASP A 1 18  ? 8.330   8.061   -13.712 1.00 27.38 ? 950  ASP A OD2 1 
ATOM   87   N N   . GLU A 1 19  ? 11.866  5.022   -10.890 1.00 22.05 ? 951  GLU A N   1 
ATOM   88   C CA  . GLU A 1 19  ? 13.120  4.289   -10.942 1.00 22.81 ? 951  GLU A CA  1 
ATOM   89   C C   . GLU A 1 19  ? 13.615  4.044   -9.536  1.00 21.42 ? 951  GLU A C   1 
ATOM   90   O O   . GLU A 1 19  ? 13.645  4.972   -8.685  1.00 21.10 ? 951  GLU A O   1 
ATOM   91   C CB  . GLU A 1 19  ? 14.173  5.012   -11.778 1.00 23.62 ? 951  GLU A CB  1 
ATOM   92   C CG  . GLU A 1 19  ? 13.767  5.060   -13.282 1.00 26.33 ? 951  GLU A CG  1 
ATOM   93   C CD  . GLU A 1 19  ? 14.850  5.566   -14.199 1.00 26.55 ? 951  GLU A CD  1 
ATOM   94   O OE1 . GLU A 1 19  ? 16.052  5.462   -13.874 1.00 26.39 ? 951  GLU A OE1 1 
ATOM   95   O OE2 . GLU A 1 19  ? 14.481  6.068   -15.293 1.00 32.71 ? 951  GLU A OE2 1 
ATOM   96   N N   . VAL A 1 20  ? 13.994  2.783   -9.333  1.00 20.44 ? 952  VAL A N   1 
ATOM   97   C CA  . VAL A 1 20  ? 14.630  2.306   -8.105  1.00 19.68 ? 952  VAL A CA  1 
ATOM   98   C C   . VAL A 1 20  ? 15.962  1.650   -8.489  1.00 18.96 ? 952  VAL A C   1 
ATOM   99   O O   . VAL A 1 20  ? 16.282  1.554   -9.700  1.00 18.23 ? 952  VAL A O   1 
ATOM   100  C CB  . VAL A 1 20  ? 13.677  1.381   -7.366  1.00 19.82 ? 952  VAL A CB  1 
ATOM   101  C CG1 . VAL A 1 20  ? 12.363  2.168   -7.053  1.00 18.57 ? 952  VAL A CG1 1 
ATOM   102  C CG2 . VAL A 1 20  ? 13.385  0.100   -8.142  1.00 21.87 ? 952  VAL A CG2 1 
ATOM   103  N N   . GLN A 1 21  ? 16.755  1.237   -7.506  1.00 19.69 ? 953  GLN A N   1 
ATOM   104  C CA  . GLN A 1 21  ? 18.083  0.694   -7.835  1.00 20.00 ? 953  GLN A CA  1 
ATOM   105  C C   . GLN A 1 21  ? 18.495  -0.470  -6.930  1.00 19.76 ? 953  GLN A C   1 
ATOM   106  O O   . GLN A 1 21  ? 18.298  -0.413  -5.721  1.00 19.81 ? 953  GLN A O   1 
ATOM   107  C CB  . GLN A 1 21  ? 19.116  1.813   -7.841  1.00 21.34 ? 953  GLN A CB  1 
ATOM   108  C CG  . GLN A 1 21  ? 20.546  1.357   -8.198  1.00 22.69 ? 953  GLN A CG  1 
ATOM   109  C CD  . GLN A 1 21  ? 21.532  2.520   -8.174  1.00 25.49 ? 953  GLN A CD  1 
ATOM   110  O OE1 . GLN A 1 21  ? 21.201  3.570   -7.682  1.00 32.69 ? 953  GLN A OE1 1 
ATOM   111  N NE2 . GLN A 1 21  ? 22.756  2.314   -8.692  1.00 31.03 ? 953  GLN A NE2 1 
ATOM   112  N N   . VAL A 1 22  ? 19.068  -1.534  -7.520  1.00 19.41 ? 954  VAL A N   1 
ATOM   113  C CA  . VAL A 1 22  ? 19.536  -2.694  -6.737  1.00 19.58 ? 954  VAL A CA  1 
ATOM   114  C C   . VAL A 1 22  ? 20.379  -2.195  -5.560  1.00 19.55 ? 954  VAL A C   1 
ATOM   115  O O   . VAL A 1 22  ? 21.261  -1.323  -5.748  1.00 21.73 ? 954  VAL A O   1 
ATOM   116  C CB  . VAL A 1 22  ? 20.399  -3.662  -7.570  1.00 19.77 ? 954  VAL A CB  1 
ATOM   117  C CG1 . VAL A 1 22  ? 21.023  -4.742  -6.677  1.00 20.19 ? 954  VAL A CG1 1 
ATOM   118  C CG2 . VAL A 1 22  ? 19.591  -4.253  -8.677  1.00 18.10 ? 954  VAL A CG2 1 
ATOM   119  N N   . GLY A 1 23  ? 20.098  -2.720  -4.375  1.00 20.37 ? 955  GLY A N   1 
ATOM   120  C CA  . GLY A 1 23  ? 20.802  -2.337  -3.149  1.00 19.59 ? 955  GLY A CA  1 
ATOM   121  C C   . GLY A 1 23  ? 20.450  -1.022  -2.433  1.00 20.29 ? 955  GLY A C   1 
ATOM   122  O O   . GLY A 1 23  ? 21.066  -0.696  -1.419  1.00 20.48 ? 955  GLY A O   1 
ATOM   123  N N   . SER A 1 24  ? 19.443  -0.308  -2.938  1.00 19.89 ? 956  SER A N   1 
ATOM   124  C CA  A SER A 1 24  ? 19.033  0.960   -2.357  0.50 19.78 ? 956  SER A CA  1 
ATOM   125  C CA  B SER A 1 24  ? 19.019  0.989   -2.406  0.50 20.01 ? 956  SER A CA  1 
ATOM   126  C C   . SER A 1 24  ? 17.564  0.837   -1.953  1.00 20.06 ? 956  SER A C   1 
ATOM   127  O O   . SER A 1 24  ? 16.695  0.554   -2.771  1.00 20.99 ? 956  SER A O   1 
ATOM   128  C CB  A SER A 1 24  ? 19.250  2.086   -3.368  0.50 19.32 ? 956  SER A CB  1 
ATOM   129  C CB  B SER A 1 24  ? 19.101  2.057   -3.513  0.50 19.57 ? 956  SER A CB  1 
ATOM   130  O OG  A SER A 1 24  ? 19.191  3.361   -2.741  0.50 20.39 ? 956  SER A OG  1 
ATOM   131  O OG  B SER A 1 24  ? 20.426  2.444   -3.823  0.50 22.61 ? 956  SER A OG  1 
ATOM   132  N N   . ALA A 1 25  ? 17.292  1.024   -0.662  1.00 20.18 ? 957  ALA A N   1 
ATOM   133  C CA  . ALA A 1 25  ? 15.947  0.940   -0.139  1.00 19.10 ? 957  ALA A CA  1 
ATOM   134  C C   . ALA A 1 25  ? 15.109  2.134   -0.677  1.00 18.70 ? 957  ALA A C   1 
ATOM   135  O O   . ALA A 1 25  ? 15.605  3.263   -0.859  1.00 18.91 ? 957  ALA A O   1 
ATOM   136  C CB  . ALA A 1 25  ? 15.952  0.942   1.386   1.00 19.84 ? 957  ALA A CB  1 
ATOM   137  N N   . PHE A 1 26  ? 13.847  1.852   -0.932  1.00 17.12 ? 958  PHE A N   1 
ATOM   138  C CA  . PHE A 1 26  ? 12.891  2.884   -1.352  1.00 18.76 ? 958  PHE A CA  1 
ATOM   139  C C   . PHE A 1 26  ? 11.536  2.602   -0.694  1.00 18.19 ? 958  PHE A C   1 
ATOM   140  O O   . PHE A 1 26  ? 11.319  1.525   -0.216  1.00 18.34 ? 958  PHE A O   1 
ATOM   141  C CB  . PHE A 1 26  ? 12.782  2.887   -2.905  1.00 18.58 ? 958  PHE A CB  1 
ATOM   142  C CG  . PHE A 1 26  ? 12.058  1.681   -3.469  1.00 19.01 ? 958  PHE A CG  1 
ATOM   143  C CD1 . PHE A 1 26  ? 10.678  1.689   -3.722  1.00 18.82 ? 958  PHE A CD1 1 
ATOM   144  C CD2 . PHE A 1 26  ? 12.767  0.512   -3.779  1.00 18.12 ? 958  PHE A CD2 1 
ATOM   145  C CE1 . PHE A 1 26  ? 10.047  0.554   -4.200  1.00 20.38 ? 958  PHE A CE1 1 
ATOM   146  C CE2 . PHE A 1 26  ? 12.139  -0.620  -4.216  1.00 18.00 ? 958  PHE A CE2 1 
ATOM   147  C CZ  . PHE A 1 26  ? 10.778  -0.604  -4.463  1.00 20.10 ? 958  PHE A CZ  1 
ATOM   148  N N   . GLU A 1 27  ? 10.595  3.562   -0.727  1.00 19.66 ? 959  GLU A N   1 
ATOM   149  C CA  A GLU A 1 27  ? 9.260   3.484   -0.122  0.50 20.16 ? 959  GLU A CA  1 
ATOM   150  C CA  B GLU A 1 27  ? 9.270   3.231   -0.187  0.50 19.30 ? 959  GLU A CA  1 
ATOM   151  C C   . GLU A 1 27  ? 8.156   3.374   -1.220  1.00 19.04 ? 959  GLU A C   1 
ATOM   152  O O   . GLU A 1 27  ? 8.209   4.180   -2.149  1.00 21.16 ? 959  GLU A O   1 
ATOM   153  C CB  A GLU A 1 27  ? 9.031   4.799   0.700   0.50 20.50 ? 959  GLU A CB  1 
ATOM   154  C CB  B GLU A 1 27  ? 8.935   3.960   1.134   0.50 19.00 ? 959  GLU A CB  1 
ATOM   155  C CG  A GLU A 1 27  ? 9.652   4.792   2.163   0.50 22.90 ? 959  GLU A CG  1 
ATOM   156  C CG  B GLU A 1 27  ? 9.236   3.133   2.399   0.50 20.03 ? 959  GLU A CG  1 
ATOM   157  C CD  A GLU A 1 27  ? 11.091  5.386   2.328   0.50 23.84 ? 959  GLU A CD  1 
ATOM   158  C CD  B GLU A 1 27  ? 9.224   3.920   3.706   0.50 20.25 ? 959  GLU A CD  1 
ATOM   159  O OE1 A GLU A 1 27  ? 11.705  5.170   3.395   0.50 25.96 ? 959  GLU A OE1 1 
ATOM   160  O OE1 B GLU A 1 27  ? 8.760   5.092   3.667   0.50 24.39 ? 959  GLU A OE1 1 
ATOM   161  O OE2 A GLU A 1 27  ? 11.624  6.086   1.443   0.50 29.78 ? 959  GLU A OE2 1 
ATOM   162  O OE2 B GLU A 1 27  ? 9.629   3.350   4.774   0.50 13.14 ? 959  GLU A OE2 1 
ATOM   163  N N   . ALA A 1 28  ? 7.222   2.435   -1.125  1.00 18.71 ? 960  ALA A N   1 
ATOM   164  C CA  . ALA A 1 28  ? 5.927   2.595   -1.769  1.00 18.68 ? 960  ALA A CA  1 
ATOM   165  C C   . ALA A 1 28  ? 4.892   3.075   -0.762  1.00 18.48 ? 960  ALA A C   1 
ATOM   166  O O   . ALA A 1 28  ? 4.764   2.510   0.326   1.00 19.27 ? 960  ALA A O   1 
ATOM   167  C CB  . ALA A 1 28  ? 5.484   1.287   -2.404  1.00 17.84 ? 960  ALA A CB  1 
ATOM   168  N N   . ILE A 1 29  ? 4.156   4.118   -1.132  1.00 18.42 ? 961  ILE A N   1 
ATOM   169  C CA  . ILE A 1 29  ? 3.239   4.779   -0.212  1.00 19.52 ? 961  ILE A CA  1 
ATOM   170  C C   . ILE A 1 29  ? 1.788   4.462   -0.560  1.00 19.69 ? 961  ILE A C   1 
ATOM   171  O O   . ILE A 1 29  ? 1.286   4.872   -1.607  1.00 18.70 ? 961  ILE A O   1 
ATOM   172  C CB  . ILE A 1 29  ? 3.436   6.306   -0.218  1.00 19.49 ? 961  ILE A CB  1 
ATOM   173  C CG1 . ILE A 1 29  ? 4.867   6.660   0.190   1.00 22.48 ? 961  ILE A CG1 1 
ATOM   174  C CG2 . ILE A 1 29  ? 2.432   6.977   0.706   1.00 20.78 ? 961  ILE A CG2 1 
ATOM   175  C CD1 . ILE A 1 29  ? 5.196   8.130   0.052   1.00 22.75 ? 961  ILE A CD1 1 
ATOM   176  N N   . LEU A 1 30  ? 1.123   3.729   0.325   1.00 18.38 ? 962  LEU A N   1 
ATOM   177  C CA  . LEU A 1 30  ? -0.226  3.261   0.075   1.00 18.00 ? 962  LEU A CA  1 
ATOM   178  C C   . LEU A 1 30  ? -1.257  4.194   0.722   1.00 18.55 ? 962  LEU A C   1 
ATOM   179  O O   . LEU A 1 30  ? -1.093  4.619   1.865   1.00 17.46 ? 962  LEU A O   1 
ATOM   180  C CB  . LEU A 1 30  ? -0.436  1.864   0.567   1.00 16.97 ? 962  LEU A CB  1 
ATOM   181  C CG  . LEU A 1 30  ? 0.665   0.825   0.370   1.00 18.39 ? 962  LEU A CG  1 
ATOM   182  C CD1 . LEU A 1 30  ? 0.124   -0.524  0.818   1.00 17.08 ? 962  LEU A CD1 1 
ATOM   183  C CD2 . LEU A 1 30  ? 1.036   0.837   -1.146  1.00 17.03 ? 962  LEU A CD2 1 
ATOM   184  N N   . GLY A 1 31  ? -2.301  4.543   -0.019  1.00 18.71 ? 963  GLY A N   1 
ATOM   185  C CA  . GLY A 1 31  ? -3.310  5.449   0.553   1.00 18.76 ? 963  GLY A CA  1 
ATOM   186  C C   . GLY A 1 31  ? -4.684  5.285   -0.047  1.00 17.91 ? 963  GLY A C   1 
ATOM   187  O O   . GLY A 1 31  ? -5.001  4.256   -0.643  1.00 16.15 ? 963  GLY A O   1 
ATOM   188  N N   . ILE A 1 32  ? -5.496  6.315   0.174   1.00 18.94 ? 964  ILE A N   1 
ATOM   189  C CA  . ILE A 1 32  ? -6.860  6.385   -0.392  1.00 20.16 ? 964  ILE A CA  1 
ATOM   190  C C   . ILE A 1 32  ? -7.039  7.760   -1.027  1.00 19.42 ? 964  ILE A C   1 
ATOM   191  O O   . ILE A 1 32  ? -6.272  8.705   -0.734  1.00 19.39 ? 964  ILE A O   1 
ATOM   192  C CB  . ILE A 1 32  ? -7.927  6.079   0.696   1.00 19.29 ? 964  ILE A CB  1 
ATOM   193  C CG1 . ILE A 1 32  ? -7.841  7.044   1.885   1.00 19.27 ? 964  ILE A CG1 1 
ATOM   194  C CG2 . ILE A 1 32  ? -7.858  4.601   1.187   1.00 18.25 ? 964  ILE A CG2 1 
ATOM   195  C CD1 . ILE A 1 32  ? -9.040  6.888   2.851   1.00 21.44 ? 964  ILE A CD1 1 
ATOM   196  N N   . GLU A 1 33  ? -8.028  7.894   -1.921  1.00 22.40 ? 965  GLU A N   1 
ATOM   197  C CA  . GLU A 1 33  ? -8.284  9.169   -2.602  1.00 22.16 ? 965  GLU A CA  1 
ATOM   198  C C   . GLU A 1 33  ? -9.730  9.169   -3.107  1.00 21.98 ? 965  GLU A C   1 
ATOM   199  O O   . GLU A 1 33  ? -10.298 8.127   -3.379  1.00 20.41 ? 965  GLU A O   1 
ATOM   200  C CB  . GLU A 1 33  ? -7.286  9.397   -3.749  1.00 24.11 ? 965  GLU A CB  1 
ATOM   201  C CG  . GLU A 1 33  ? -7.457  10.701  -4.564  1.00 24.49 ? 965  GLU A CG  1 
ATOM   202  C CD  . GLU A 1 33  ? -8.534  10.594  -5.645  1.00 27.10 ? 965  GLU A CD  1 
ATOM   203  O OE1 . GLU A 1 33  ? -8.786  9.486   -6.141  1.00 30.08 ? 965  GLU A OE1 1 
ATOM   204  O OE2 . GLU A 1 33  ? -9.147  11.629  -5.983  1.00 31.61 ? 965  GLU A OE2 1 
ATOM   205  N N   . GLY A 1 34  ? -10.334 10.354  -3.119  1.00 23.31 ? 966  GLY A N   1 
ATOM   206  C CA  . GLY A 1 34  ? -11.678 10.512  -3.669  1.00 24.78 ? 966  GLY A CA  1 
ATOM   207  C C   . GLY A 1 34  ? -12.774 9.712   -2.996  1.00 25.75 ? 966  GLY A C   1 
ATOM   208  O O   . GLY A 1 34  ? -13.703 9.259   -3.651  1.00 26.57 ? 966  GLY A O   1 
ATOM   209  N N   . LEU A 1 35  ? -12.674 9.508   -1.683  1.00 27.08 ? 967  LEU A N   1 
ATOM   210  C CA  . LEU A 1 35  ? -13.712 8.776   -0.965  1.00 28.47 ? 967  LEU A CA  1 
ATOM   211  C C   . LEU A 1 35  ? -15.051 9.539   -1.040  1.00 29.64 ? 967  LEU A C   1 
ATOM   212  O O   . LEU A 1 35  ? -15.045 10.778  -1.059  1.00 29.73 ? 967  LEU A O   1 
ATOM   213  C CB  . LEU A 1 35  ? -13.338 8.556   0.506   1.00 28.57 ? 967  LEU A CB  1 
ATOM   214  C CG  . LEU A 1 35  ? -12.641 7.227   0.792   1.00 29.07 ? 967  LEU A CG  1 
ATOM   215  C CD1 . LEU A 1 35  ? -13.660 6.060   0.921   1.00 29.70 ? 967  LEU A CD1 1 
ATOM   216  C CD2 . LEU A 1 35  ? -11.581 6.948   -0.324  1.00 30.18 ? 967  LEU A CD2 1 
ATOM   217  N N   . ASN A 1 36  ? -16.146 8.777   -1.088  1.00 30.51 ? 968  ASN A N   1 
ATOM   218  C CA  . ASN A 1 36  ? -17.512 9.307   -1.089  1.00 32.44 ? 968  ASN A CA  1 
ATOM   219  C C   . ASN A 1 36  ? -17.681 10.147  0.157   1.00 33.05 ? 968  ASN A C   1 
ATOM   220  O O   . ASN A 1 36  ? -17.177 9.775   1.219   1.00 33.40 ? 968  ASN A O   1 
ATOM   221  C CB  . ASN A 1 36  ? -18.555 8.170   -1.097  1.00 32.36 ? 968  ASN A CB  1 
ATOM   222  C CG  . ASN A 1 36  ? -18.625 7.426   -2.429  1.00 35.57 ? 968  ASN A CG  1 
ATOM   223  O OD1 . ASN A 1 36  ? -18.049 7.858   -3.447  1.00 40.85 ? 968  ASN A OD1 1 
ATOM   224  N ND2 . ASN A 1 36  ? -19.339 6.303   -2.432  1.00 33.83 ? 968  ASN A ND2 1 
ATOM   225  N N   . GLY A 1 37  ? -18.384 11.278  0.040   1.00 33.99 ? 969  GLY A N   1 
ATOM   226  C CA  . GLY A 1 37  ? -18.464 12.229  1.153   1.00 34.39 ? 969  GLY A CA  1 
ATOM   227  C C   . GLY A 1 37  ? -19.096 11.691  2.431   1.00 34.51 ? 969  GLY A C   1 
ATOM   228  O O   . GLY A 1 37  ? -18.715 12.091  3.527   1.00 35.59 ? 969  GLY A O   1 
ATOM   229  N N   . ASP A 1 38  ? -20.051 10.775  2.272   1.00 35.03 ? 970  ASP A N   1 
ATOM   230  C CA  . ASP A 1 38  ? -20.759 10.127  3.380   1.00 34.69 ? 970  ASP A CA  1 
ATOM   231  C C   . ASP A 1 38  ? -20.104 8.836   3.853   1.00 33.75 ? 970  ASP A C   1 
ATOM   232  O O   . ASP A 1 38  ? -20.704 8.108   4.640   1.00 33.90 ? 970  ASP A O   1 
ATOM   233  C CB  . ASP A 1 38  ? -22.158 9.748   2.921   1.00 35.99 ? 970  ASP A CB  1 
ATOM   234  C CG  . ASP A 1 38  ? -22.139 8.689   1.836   1.00 39.19 ? 970  ASP A CG  1 
ATOM   235  O OD1 . ASP A 1 38  ? -22.940 7.733   1.905   1.00 44.86 ? 970  ASP A OD1 1 
ATOM   236  O OD2 . ASP A 1 38  ? -21.304 8.813   0.908   1.00 45.06 ? 970  ASP A OD2 1 
ATOM   237  N N   . THR A 1 39  ? -18.931 8.480   3.328   1.00 32.52 ? 971  THR A N   1 
ATOM   238  C CA  . THR A 1 39  ? -18.263 7.279   3.812   1.00 32.18 ? 971  THR A CA  1 
ATOM   239  C C   . THR A 1 39  ? -17.297 7.724   4.901   1.00 31.38 ? 971  THR A C   1 
ATOM   240  O O   . THR A 1 39  ? -16.429 8.547   4.650   1.00 31.95 ? 971  THR A O   1 
ATOM   241  C CB  . THR A 1 39  ? -17.574 6.464   2.660   1.00 32.12 ? 971  THR A CB  1 
ATOM   242  O OG1 . THR A 1 39  ? -18.582 5.750   1.926   1.00 30.99 ? 971  THR A OG1 1 
ATOM   243  C CG2 . THR A 1 39  ? -16.588 5.456   3.242   1.00 31.54 ? 971  THR A CG2 1 
ATOM   244  N N   . GLU A 1 40  ? -17.530 7.247   6.130   1.00 30.59 ? 972  GLU A N   1 
ATOM   245  C CA  . GLU A 1 40  ? -16.693 7.560   7.281   1.00 30.50 ? 972  GLU A CA  1 
ATOM   246  C C   . GLU A 1 40  ? -15.711 6.419   7.520   1.00 27.93 ? 972  GLU A C   1 
ATOM   247  O O   . GLU A 1 40  ? -16.117 5.394   7.975   1.00 29.25 ? 972  GLU A O   1 
ATOM   248  C CB  . GLU A 1 40  ? -17.567 7.719   8.529   1.00 31.76 ? 972  GLU A CB  1 
ATOM   249  C CG  . GLU A 1 40  ? -18.215 9.065   8.679   1.00 34.08 ? 972  GLU A CG  1 
ATOM   250  C CD  . GLU A 1 40  ? -18.684 9.332   10.117  1.00 35.08 ? 972  GLU A CD  1 
ATOM   251  O OE1 . GLU A 1 40  ? -17.915 9.077   11.087  1.00 42.44 ? 972  GLU A OE1 1 
ATOM   252  O OE2 . GLU A 1 40  ? -19.827 9.811   10.277  1.00 38.74 ? 972  GLU A OE2 1 
ATOM   253  N N   . VAL A 1 41  ? -14.427 6.605   7.215   1.00 25.49 ? 973  VAL A N   1 
ATOM   254  C CA  . VAL A 1 41  ? -13.500 5.472   7.168   1.00 23.97 ? 973  VAL A CA  1 
ATOM   255  C C   . VAL A 1 41  ? -12.774 5.327   8.514   1.00 21.54 ? 973  VAL A C   1 
ATOM   256  O O   . VAL A 1 41  ? -12.250 6.284   9.009   1.00 19.76 ? 973  VAL A O   1 
ATOM   257  C CB  . VAL A 1 41  ? -12.445 5.625   6.017   1.00 24.34 ? 973  VAL A CB  1 
ATOM   258  C CG1 . VAL A 1 41  ? -11.481 4.490   6.007   1.00 21.96 ? 973  VAL A CG1 1 
ATOM   259  C CG2 . VAL A 1 41  ? -13.139 5.686   4.668   1.00 25.58 ? 973  VAL A CG2 1 
ATOM   260  N N   . TYR A 1 42  ? -12.769 4.122   9.062   1.00 20.50 ? 974  TYR A N   1 
ATOM   261  C CA  . TYR A 1 42  ? -12.016 3.838   10.300  1.00 21.01 ? 974  TYR A CA  1 
ATOM   262  C C   . TYR A 1 42  ? -10.901 2.786   10.112  1.00 21.09 ? 974  TYR A C   1 
ATOM   263  O O   . TYR A 1 42  ? -10.054 2.570   10.998  1.00 20.41 ? 974  TYR A O   1 
ATOM   264  C CB  . TYR A 1 42  ? -12.963 3.533   11.470  1.00 22.72 ? 974  TYR A CB  1 
ATOM   265  C CG  . TYR A 1 42  ? -13.677 4.802   11.937  1.00 22.49 ? 974  TYR A CG  1 
ATOM   266  C CD1 . TYR A 1 42  ? -13.050 5.666   12.812  1.00 24.36 ? 974  TYR A CD1 1 
ATOM   267  C CD2 . TYR A 1 42  ? -14.954 5.164   11.438  1.00 25.23 ? 974  TYR A CD2 1 
ATOM   268  C CE1 . TYR A 1 42  ? -13.670 6.839   13.258  1.00 25.77 ? 974  TYR A CE1 1 
ATOM   269  C CE2 . TYR A 1 42  ? -15.570 6.318   11.859  1.00 26.13 ? 974  TYR A CE2 1 
ATOM   270  C CZ  . TYR A 1 42  ? -14.913 7.165   12.777  1.00 26.83 ? 974  TYR A CZ  1 
ATOM   271  O OH  . TYR A 1 42  ? -15.458 8.350   13.255  1.00 27.31 ? 974  TYR A OH  1 
ATOM   272  N N   . SER A 1 43  ? -10.876 2.121   8.971   1.00 20.17 ? 975  SER A N   1 
ATOM   273  C CA  . SER A 1 43  ? -9.845  1.083   8.781   1.00 20.13 ? 975  SER A CA  1 
ATOM   274  C C   . SER A 1 43  ? -9.684  0.889   7.300   1.00 20.86 ? 975  SER A C   1 
ATOM   275  O O   . SER A 1 43  ? -10.621 1.186   6.553   1.00 20.04 ? 975  SER A O   1 
ATOM   276  C CB  . SER A 1 43  ? -10.267 -0.235  9.442   1.00 20.06 ? 975  SER A CB  1 
ATOM   277  O OG  . SER A 1 43  ? -11.494 -0.730  8.970   1.00 21.66 ? 975  SER A OG  1 
ATOM   278  N N   . ALA A 1 44  ? -8.521  0.396   6.874   1.00 19.18 ? 976  ALA A N   1 
ATOM   279  C CA  . ALA A 1 44  ? -8.385  -0.046  5.475   1.00 19.40 ? 976  ALA A CA  1 
ATOM   280  C C   . ALA A 1 44  ? -7.676  -1.401  5.448   1.00 19.56 ? 976  ALA A C   1 
ATOM   281  O O   . ALA A 1 44  ? -7.057  -1.835  6.453   1.00 19.34 ? 976  ALA A O   1 
ATOM   282  C CB  . ALA A 1 44  ? -7.704  0.992   4.656   1.00 18.25 ? 976  ALA A CB  1 
ATOM   283  N N   . GLU A 1 45  ? -7.761  -2.076  4.306   1.00 20.29 ? 977  GLU A N   1 
ATOM   284  C CA  . GLU A 1 45  ? -7.057  -3.338  4.109   1.00 20.11 ? 977  GLU A CA  1 
ATOM   285  C C   . GLU A 1 45  ? -6.575  -3.482  2.669   1.00 19.93 ? 977  GLU A C   1 
ATOM   286  O O   . GLU A 1 45  ? -7.365  -3.390  1.728   1.00 18.36 ? 977  GLU A O   1 
ATOM   287  C CB  . GLU A 1 45  ? -7.956  -4.518  4.482   1.00 20.68 ? 977  GLU A CB  1 
ATOM   288  C CG  . GLU A 1 45  ? -7.461  -5.862  3.973   1.00 22.04 ? 977  GLU A CG  1 
ATOM   289  C CD  . GLU A 1 45  ? -8.322  -7.017  4.447   1.00 24.21 ? 977  GLU A CD  1 
ATOM   290  O OE1 . GLU A 1 45  ? -9.268  -6.775  5.224   1.00 29.53 ? 977  GLU A OE1 1 
ATOM   291  O OE2 . GLU A 1 45  ? -8.051  -8.167  4.040   1.00 26.57 ? 977  GLU A OE2 1 
ATOM   292  N N   . TYR A 1 46  ? -5.277  -3.707  2.503   1.00 18.91 ? 978  TYR A N   1 
ATOM   293  C CA  . TYR A 1 46  ? -4.713  -4.020  1.195   1.00 19.34 ? 978  TYR A CA  1 
ATOM   294  C C   . TYR A 1 46  ? -4.267  -5.476  1.122   1.00 19.77 ? 978  TYR A C   1 
ATOM   295  O O   . TYR A 1 46  ? -4.022  -6.113  2.146   1.00 19.51 ? 978  TYR A O   1 
ATOM   296  C CB  . TYR A 1 46  ? -3.536  -3.093  0.883   1.00 18.43 ? 978  TYR A CB  1 
ATOM   297  C CG  . TYR A 1 46  ? -3.854  -1.624  1.047   1.00 20.07 ? 978  TYR A CG  1 
ATOM   298  C CD1 . TYR A 1 46  ? -4.553  -0.931  0.068   1.00 18.74 ? 978  TYR A CD1 1 
ATOM   299  C CD2 . TYR A 1 46  ? -3.453  -0.929  2.180   1.00 18.91 ? 978  TYR A CD2 1 
ATOM   300  C CE1 . TYR A 1 46  ? -4.846  0.412   0.214   1.00 20.14 ? 978  TYR A CE1 1 
ATOM   301  C CE2 . TYR A 1 46  ? -3.740  0.414   2.335   1.00 18.20 ? 978  TYR A CE2 1 
ATOM   302  C CZ  . TYR A 1 46  ? -4.436  1.079   1.349   1.00 18.41 ? 978  TYR A CZ  1 
ATOM   303  O OH  . TYR A 1 46  ? -4.726  2.416   1.497   1.00 19.90 ? 978  TYR A OH  1 
ATOM   304  N N   . LEU A 1 47  ? -4.166  -5.997  -0.097  1.00 19.68 ? 979  LEU A N   1 
ATOM   305  C CA  . LEU A 1 47  ? -3.284  -7.101  -0.377  1.00 20.64 ? 979  LEU A CA  1 
ATOM   306  C C   . LEU A 1 47  ? -2.290  -6.503  -1.364  1.00 20.45 ? 979  LEU A C   1 
ATOM   307  O O   . LEU A 1 47  ? -2.645  -6.106  -2.483  1.00 19.29 ? 979  LEU A O   1 
ATOM   308  C CB  . LEU A 1 47  ? -3.968  -8.391  -0.839  1.00 20.63 ? 979  LEU A CB  1 
ATOM   309  C CG  . LEU A 1 47  ? -2.909  -9.526  -0.910  1.00 21.39 ? 979  LEU A CG  1 
ATOM   310  C CD1 . LEU A 1 47  ? -2.552  -10.142 0.432   1.00 23.29 ? 979  LEU A CD1 1 
ATOM   311  C CD2 . LEU A 1 47  ? -3.264  -10.593 -1.958  1.00 24.05 ? 979  LEU A CD2 1 
ATOM   312  N N   . PHE A 1 48  ? -1.059  -6.369  -0.864  1.00 19.54 ? 980  PHE A N   1 
ATOM   313  C CA  . PHE A 1 48  ? 0.038   -5.702  -1.564  1.00 19.77 ? 980  PHE A CA  1 
ATOM   314  C C   . PHE A 1 48  ? 0.854   -6.774  -2.272  1.00 19.27 ? 980  PHE A C   1 
ATOM   315  O O   . PHE A 1 48  ? 1.255   -7.735  -1.649  1.00 19.13 ? 980  PHE A O   1 
ATOM   316  C CB  . PHE A 1 48  ? 0.944   -4.958  -0.595  1.00 18.05 ? 980  PHE A CB  1 
ATOM   317  C CG  . PHE A 1 48  ? 2.176   -4.361  -1.253  1.00 18.42 ? 980  PHE A CG  1 
ATOM   318  C CD1 . PHE A 1 48  ? 2.120   -3.159  -1.939  1.00 18.10 ? 980  PHE A CD1 1 
ATOM   319  C CD2 . PHE A 1 48  ? 3.396   -5.023  -1.195  1.00 18.91 ? 980  PHE A CD2 1 
ATOM   320  C CE1 . PHE A 1 48  ? 3.238   -2.617  -2.535  1.00 18.12 ? 980  PHE A CE1 1 
ATOM   321  C CE2 . PHE A 1 48  ? 4.499   -4.477  -1.759  1.00 16.46 ? 980  PHE A CE2 1 
ATOM   322  C CZ  . PHE A 1 48  ? 4.452   -3.292  -2.420  1.00 18.80 ? 980  PHE A CZ  1 
ATOM   323  N N   . GLU A 1 49  ? 1.080   -6.615  -3.568  1.00 19.80 ? 981  GLU A N   1 
ATOM   324  C CA  . GLU A 1 49  ? 1.773   -7.663  -4.349  1.00 19.63 ? 981  GLU A CA  1 
ATOM   325  C C   . GLU A 1 49  ? 3.007   -7.094  -5.000  1.00 18.28 ? 981  GLU A C   1 
ATOM   326  O O   . GLU A 1 49  ? 3.058   -5.931  -5.424  1.00 17.70 ? 981  GLU A O   1 
ATOM   327  C CB  . GLU A 1 49  ? 0.813   -8.305  -5.355  1.00 20.38 ? 981  GLU A CB  1 
ATOM   328  C CG  . GLU A 1 49  ? -0.295  -9.079  -4.644  1.00 22.49 ? 981  GLU A CG  1 
ATOM   329  C CD  . GLU A 1 49  ? -0.900  -10.155 -5.492  1.00 21.87 ? 981  GLU A CD  1 
ATOM   330  O OE1 . GLU A 1 49  ? -0.150  -10.808 -6.269  1.00 22.32 ? 981  GLU A OE1 1 
ATOM   331  O OE2 . GLU A 1 49  ? -2.123  -10.392 -5.356  1.00 23.00 ? 981  GLU A OE2 1 
ATOM   332  N N   . TYR A 1 50  ? 4.042   -7.933  -5.021  1.00 18.47 ? 982  TYR A N   1 
ATOM   333  C CA  . TYR A 1 50  ? 5.317   -7.560  -5.585  1.00 18.52 ? 982  TYR A CA  1 
ATOM   334  C C   . TYR A 1 50  ? 6.084   -8.851  -5.958  1.00 17.45 ? 982  TYR A C   1 
ATOM   335  O O   . TYR A 1 50  ? 5.729   -9.946  -5.519  1.00 16.22 ? 982  TYR A O   1 
ATOM   336  C CB  . TYR A 1 50  ? 6.116   -6.762  -4.576  1.00 18.59 ? 982  TYR A CB  1 
ATOM   337  C CG  . TYR A 1 50  ? 6.722   -7.587  -3.470  1.00 18.90 ? 982  TYR A CG  1 
ATOM   338  C CD1 . TYR A 1 50  ? 8.065   -8.006  -3.526  1.00 17.98 ? 982  TYR A CD1 1 
ATOM   339  C CD2 . TYR A 1 50  ? 5.972   -7.924  -2.330  1.00 19.01 ? 982  TYR A CD2 1 
ATOM   340  C CE1 . TYR A 1 50  ? 8.631   -8.728  -2.466  1.00 19.93 ? 982  TYR A CE1 1 
ATOM   341  C CE2 . TYR A 1 50  ? 6.523   -8.670  -1.296  1.00 20.31 ? 982  TYR A CE2 1 
ATOM   342  C CZ  . TYR A 1 50  ? 7.865   -9.072  -1.367  1.00 19.06 ? 982  TYR A CZ  1 
ATOM   343  O OH  . TYR A 1 50  ? 8.381   -9.850  -0.338  1.00 18.57 ? 982  TYR A OH  1 
ATOM   344  N N   . ASN A 1 51  ? 7.100   -8.666  -6.770  1.00 18.53 ? 983  ASN A N   1 
ATOM   345  C CA  . ASN A 1 51  ? 7.861   -9.792  -7.275  1.00 17.80 ? 983  ASN A CA  1 
ATOM   346  C C   . ASN A 1 51  ? 8.944   -10.105 -6.250  1.00 17.43 ? 983  ASN A C   1 
ATOM   347  O O   . ASN A 1 51  ? 9.919   -9.364  -6.145  1.00 19.59 ? 983  ASN A O   1 
ATOM   348  C CB  . ASN A 1 51  ? 8.422   -9.477  -8.657  1.00 17.91 ? 983  ASN A CB  1 
ATOM   349  C CG  . ASN A 1 51  ? 9.375   -10.544 -9.178  1.00 17.68 ? 983  ASN A CG  1 
ATOM   350  O OD1 . ASN A 1 51  ? 9.588   -11.605 -8.533  1.00 23.08 ? 983  ASN A OD1 1 
ATOM   351  N ND2 . ASN A 1 51  ? 9.918   -10.291 -10.369 1.00 17.56 ? 983  ASN A ND2 1 
ATOM   352  N N   . ALA A 1 52  ? 8.717   -11.186 -5.508  1.00 18.11 ? 984  ALA A N   1 
ATOM   353  C CA  . ALA A 1 52  ? 9.578   -11.599 -4.387  1.00 17.93 ? 984  ALA A CA  1 
ATOM   354  C C   . ALA A 1 52  ? 10.981  -12.000 -4.890  1.00 18.40 ? 984  ALA A C   1 
ATOM   355  O O   . ALA A 1 52  ? 11.947  -12.037 -4.104  1.00 20.00 ? 984  ALA A O   1 
ATOM   356  C CB  . ALA A 1 52  ? 8.925   -12.746 -3.603  1.00 18.87 ? 984  ALA A CB  1 
ATOM   357  N N   . GLU A 1 53  ? 11.129  -12.252 -6.188  1.00 19.23 ? 985  GLU A N   1 
ATOM   358  C CA  . GLU A 1 53  ? 12.488  -12.516 -6.748  1.00 18.75 ? 985  GLU A CA  1 
ATOM   359  C C   . GLU A 1 53  ? 13.303  -11.226 -6.912  1.00 19.39 ? 985  GLU A C   1 
ATOM   360  O O   . GLU A 1 53  ? 14.549  -11.228 -6.815  1.00 19.98 ? 985  GLU A O   1 
ATOM   361  C CB  . GLU A 1 53  ? 12.410  -13.229 -8.110  1.00 20.14 ? 985  GLU A CB  1 
ATOM   362  C CG  . GLU A 1 53  ? 11.726  -14.566 -8.065  1.00 20.72 ? 985  GLU A CG  1 
ATOM   363  C CD  . GLU A 1 53  ? 11.825  -15.315 -9.385  1.00 21.37 ? 985  GLU A CD  1 
ATOM   364  O OE1 . GLU A 1 53  ? 11.934  -14.669 -10.437 1.00 26.67 ? 985  GLU A OE1 1 
ATOM   365  O OE2 . GLU A 1 53  ? 11.795  -16.564 -9.339  1.00 25.08 ? 985  GLU A OE2 1 
ATOM   366  N N   . ALA A 1 54  ? 12.611  -10.117 -7.141  1.00 18.37 ? 986  ALA A N   1 
ATOM   367  C CA  . ALA A 1 54  ? 13.265  -8.868  -7.465  1.00 17.78 ? 986  ALA A CA  1 
ATOM   368  C C   . ALA A 1 54  ? 13.496  -7.919  -6.287  1.00 17.28 ? 986  ALA A C   1 
ATOM   369  O O   . ALA A 1 54  ? 14.356  -7.051  -6.393  1.00 16.31 ? 986  ALA A O   1 
ATOM   370  C CB  . ALA A 1 54  ? 12.530  -8.160  -8.555  1.00 18.24 ? 986  ALA A CB  1 
ATOM   371  N N   . PHE A 1 55  ? 12.702  -8.057  -5.226  1.00 18.00 ? 987  PHE A N   1 
ATOM   372  C CA  . PHE A 1 55  ? 12.704  -7.209  -4.033  1.00 17.67 ? 987  PHE A CA  1 
ATOM   373  C C   . PHE A 1 55  ? 12.797  -7.990  -2.742  1.00 17.35 ? 987  PHE A C   1 
ATOM   374  O O   . PHE A 1 55  ? 12.269  -9.042  -2.636  1.00 16.12 ? 987  PHE A O   1 
ATOM   375  C CB  . PHE A 1 55  ? 11.465  -6.319  -3.931  1.00 18.12 ? 987  PHE A CB  1 
ATOM   376  C CG  . PHE A 1 55  ? 11.168  -5.533  -5.154  1.00 15.57 ? 987  PHE A CG  1 
ATOM   377  C CD1 . PHE A 1 55  ? 11.683  -4.310  -5.319  1.00 16.34 ? 987  PHE A CD1 1 
ATOM   378  C CD2 . PHE A 1 55  ? 10.342  -6.036  -6.135  1.00 20.86 ? 987  PHE A CD2 1 
ATOM   379  C CE1 . PHE A 1 55  ? 11.406  -3.598  -6.402  1.00 17.53 ? 987  PHE A CE1 1 
ATOM   380  C CE2 . PHE A 1 55  ? 10.067  -5.334  -7.205  1.00 18.08 ? 987  PHE A CE2 1 
ATOM   381  C CZ  . PHE A 1 55  ? 10.617  -4.117  -7.360  1.00 18.02 ? 987  PHE A CZ  1 
ATOM   382  N N   . ILE A 1 56  ? 13.447  -7.362  -1.776  1.00 18.59 ? 988  ILE A N   1 
ATOM   383  C CA  . ILE A 1 56  ? 13.433  -7.724  -0.364  1.00 18.20 ? 988  ILE A CA  1 
ATOM   384  C C   . ILE A 1 56  ? 12.375  -6.830  0.402   1.00 17.83 ? 988  ILE A C   1 
ATOM   385  O O   . ILE A 1 56  ? 12.534  -5.660  0.341   1.00 16.13 ? 988  ILE A O   1 
ATOM   386  C CB  . ILE A 1 56  ? 14.874  -7.437  0.224   1.00 18.82 ? 988  ILE A CB  1 
ATOM   387  C CG1 . ILE A 1 56  ? 15.951  -8.226  -0.522  1.00 19.84 ? 988  ILE A CG1 1 
ATOM   388  C CG2 . ILE A 1 56  ? 14.949  -7.661  1.647   1.00 18.64 ? 988  ILE A CG2 1 
ATOM   389  C CD1 . ILE A 1 56  ? 17.316  -7.647  -0.461  1.00 18.72 ? 988  ILE A CD1 1 
ATOM   390  N N   . LEU A 1 57  ? 11.383  -7.439  1.098   1.00 18.11 ? 989  LEU A N   1 
ATOM   391  C CA  . LEU A 1 57  ? 10.492  -6.654  1.944   1.00 19.20 ? 989  LEU A CA  1 
ATOM   392  C C   . LEU A 1 57  ? 11.153  -6.314  3.275   1.00 20.52 ? 989  LEU A C   1 
ATOM   393  O O   . LEU A 1 57  ? 11.461  -7.201  4.070   1.00 21.42 ? 989  LEU A O   1 
ATOM   394  C CB  . LEU A 1 57  ? 9.181   -7.405  2.184   1.00 18.44 ? 989  LEU A CB  1 
ATOM   395  C CG  . LEU A 1 57  ? 8.148   -6.701  3.066   1.00 20.64 ? 989  LEU A CG  1 
ATOM   396  C CD1 . LEU A 1 57  ? 7.657   -5.423  2.403   1.00 20.69 ? 989  LEU A CD1 1 
ATOM   397  C CD2 . LEU A 1 57  ? 6.985   -7.629  3.378   1.00 18.68 ? 989  LEU A CD2 1 
ATOM   398  N N   . ASN A 1 58  ? 11.367  -5.023  3.511   1.00 20.35 ? 990  ASN A N   1 
ATOM   399  C CA  . ASN A 1 58  ? 12.108  -4.568  4.697   1.00 21.36 ? 990  ASN A CA  1 
ATOM   400  C C   . ASN A 1 58  ? 11.249  -4.315  5.903   1.00 23.73 ? 990  ASN A C   1 
ATOM   401  O O   . ASN A 1 58  ? 11.455  -4.942  6.945   1.00 25.06 ? 990  ASN A O   1 
ATOM   402  C CB  . ASN A 1 58  ? 12.915  -3.311  4.415   1.00 20.59 ? 990  ASN A CB  1 
ATOM   403  C CG  . ASN A 1 58  ? 13.945  -3.522  3.353   1.00 20.86 ? 990  ASN A CG  1 
ATOM   404  O OD1 . ASN A 1 58  ? 14.140  -2.675  2.453   1.00 20.92 ? 990  ASN A OD1 1 
ATOM   405  N ND2 . ASN A 1 58  ? 14.604  -4.673  3.428   1.00 21.45 ? 990  ASN A ND2 1 
ATOM   406  N N   . GLU A 1 59  ? 10.306  -3.391  5.793   1.00 23.11 ? 991  GLU A N   1 
ATOM   407  C CA  . GLU A 1 59  ? 9.361   -3.097  6.910   1.00 22.99 ? 991  GLU A CA  1 
ATOM   408  C C   . GLU A 1 59  ? 8.149   -2.405  6.312   1.00 22.14 ? 991  GLU A C   1 
ATOM   409  O O   . GLU A 1 59  ? 8.263   -1.735  5.271   1.00 21.68 ? 991  GLU A O   1 
ATOM   410  C CB  . GLU A 1 59  ? 9.937   -2.190  7.970   1.00 24.43 ? 991  GLU A CB  1 
ATOM   411  C CG  . GLU A 1 59  ? 10.528  -0.892  7.409   1.00 26.54 ? 991  GLU A CG  1 
ATOM   412  C CD  . GLU A 1 59  ? 10.773  0.222   8.450   1.00 29.69 ? 991  GLU A CD  1 
ATOM   413  O OE1 . GLU A 1 59  ? 10.803  -0.082  9.679   1.00 35.82 ? 991  GLU A OE1 1 
ATOM   414  O OE2 . GLU A 1 59  ? 10.975  1.395   8.022   1.00 31.01 ? 991  GLU A OE2 1 
ATOM   415  N N   . ILE A 1 60  ? 7.017   -2.582  6.978   1.00 20.96 ? 992  ILE A N   1 
ATOM   416  C CA  . ILE A 1 60  ? 5.761   -1.952  6.563   1.00 20.64 ? 992  ILE A CA  1 
ATOM   417  C C   . ILE A 1 60  ? 5.304   -1.190  7.810   1.00 20.60 ? 992  ILE A C   1 
ATOM   418  O O   . ILE A 1 60  ? 5.143   -1.773  8.880   1.00 21.47 ? 992  ILE A O   1 
ATOM   419  C CB  . ILE A 1 60  ? 4.740   -2.985  6.138   1.00 20.20 ? 992  ILE A CB  1 
ATOM   420  C CG1 . ILE A 1 60  ? 5.155   -3.671  4.817   1.00 18.90 ? 992  ILE A CG1 1 
ATOM   421  C CG2 . ILE A 1 60  ? 3.352   -2.367  5.923   1.00 19.41 ? 992  ILE A CG2 1 
ATOM   422  C CD1 . ILE A 1 60  ? 4.306   -4.830  4.526   1.00 18.07 ? 992  ILE A CD1 1 
ATOM   423  N N   . THR A 1 61  ? 5.161   0.120   7.677   1.00 20.27 ? 993  THR A N   1 
ATOM   424  C CA  . THR A 1 61  ? 4.778   0.948   8.814   1.00 21.11 ? 993  THR A CA  1 
ATOM   425  C C   . THR A 1 61  ? 3.664   1.936   8.499   1.00 21.34 ? 993  THR A C   1 
ATOM   426  O O   . THR A 1 61  ? 3.318   2.231   7.335   1.00 20.99 ? 993  THR A O   1 
ATOM   427  C CB  . THR A 1 61  ? 5.976   1.753   9.327   1.00 21.73 ? 993  THR A CB  1 
ATOM   428  O OG1 . THR A 1 61  ? 6.462   2.576   8.288   1.00 21.89 ? 993  THR A OG1 1 
ATOM   429  C CG2 . THR A 1 61  ? 7.139   0.806   9.810   1.00 19.93 ? 993  THR A CG2 1 
ATOM   430  N N   . SER A 1 62  ? 3.085   2.470   9.556   1.00 21.70 ? 994  SER A N   1 
ATOM   431  C CA  . SER A 1 62  ? 2.042   3.487   9.368   1.00 22.38 ? 994  SER A CA  1 
ATOM   432  C C   . SER A 1 62  ? 2.616   4.785   8.832   1.00 22.02 ? 994  SER A C   1 
ATOM   433  O O   . SER A 1 62  ? 3.756   5.186   9.120   1.00 21.83 ? 994  SER A O   1 
ATOM   434  C CB  . SER A 1 62  ? 1.309   3.716   10.705  1.00 22.08 ? 994  SER A CB  1 
ATOM   435  O OG  . SER A 1 62  ? 2.202   4.316   11.595  1.00 23.64 ? 994  SER A OG  1 
ATOM   436  N N   . PHE A 1 63  ? 1.808   5.482   8.017   1.00 23.23 ? 995  PHE A N   1 
ATOM   437  C CA  . PHE A 1 63  ? 2.257   6.718   7.416   1.00 25.36 ? 995  PHE A CA  1 
ATOM   438  C C   . PHE A 1 63  ? 2.347   7.833   8.464   1.00 26.17 ? 995  PHE A C   1 
ATOM   439  O O   . PHE A 1 63  ? 3.131   8.768   8.319   1.00 27.46 ? 995  PHE A O   1 
ATOM   440  C CB  . PHE A 1 63  ? 1.383   7.096   6.209   1.00 26.12 ? 995  PHE A CB  1 
ATOM   441  C CG  . PHE A 1 63  ? 1.932   8.232   5.402   1.00 26.45 ? 995  PHE A CG  1 
ATOM   442  C CD1 . PHE A 1 63  ? 2.897   8.012   4.428   1.00 28.34 ? 995  PHE A CD1 1 
ATOM   443  C CD2 . PHE A 1 63  ? 1.466   9.532   5.610   1.00 28.54 ? 995  PHE A CD2 1 
ATOM   444  C CE1 . PHE A 1 63  ? 3.400   9.093   3.675   1.00 28.78 ? 995  PHE A CE1 1 
ATOM   445  C CE2 . PHE A 1 63  ? 1.953   10.585  4.869   1.00 28.85 ? 995  PHE A CE2 1 
ATOM   446  C CZ  . PHE A 1 63  ? 2.926   10.370  3.899   1.00 28.03 ? 995  PHE A CZ  1 
ATOM   447  N N   . ASN A 1 64  ? 1.583   7.677   9.552   1.00 27.83 ? 996  ASN A N   1 
ATOM   448  C CA  . ASN A 1 64  ? 1.707   8.532   10.725  1.00 28.97 ? 996  ASN A CA  1 
ATOM   449  C C   . ASN A 1 64  ? 1.172   7.806   11.969  1.00 28.99 ? 996  ASN A C   1 
ATOM   450  O O   . ASN A 1 64  ? 0.598   6.692   11.899  1.00 27.51 ? 996  ASN A O   1 
ATOM   451  C CB  . ASN A 1 64  ? 0.983   9.875   10.513  1.00 29.68 ? 996  ASN A CB  1 
ATOM   452  C CG  . ASN A 1 64  ? -0.508  9.704   10.330  1.00 29.53 ? 996  ASN A CG  1 
ATOM   453  O OD1 . ASN A 1 64  ? -1.150  8.923   11.030  1.00 33.55 ? 996  ASN A OD1 1 
ATOM   454  N ND2 . ASN A 1 64  ? -1.076  10.435  9.365   1.00 31.08 ? 996  ASN A ND2 1 
ATOM   455  N N   . ASP A 1 65  ? 1.350   8.457   13.113  1.00 31.02 ? 997  ASP A N   1 
ATOM   456  C CA  . ASP A 1 65  ? 1.068   7.829   14.394  1.00 31.17 ? 997  ASP A CA  1 
ATOM   457  C C   . ASP A 1 65  ? -0.390  7.993   14.880  1.00 31.01 ? 997  ASP A C   1 
ATOM   458  O O   . ASP A 1 65  ? -0.690  7.720   16.046  1.00 30.74 ? 997  ASP A O   1 
ATOM   459  C CB  . ASP A 1 65  ? 2.106   8.306   15.433  1.00 32.98 ? 997  ASP A CB  1 
ATOM   460  C CG  . ASP A 1 65  ? 1.942   9.766   15.798  1.00 35.27 ? 997  ASP A CG  1 
ATOM   461  O OD1 . ASP A 1 65  ? 1.045   10.418  15.206  1.00 40.94 ? 997  ASP A OD1 1 
ATOM   462  O OD2 . ASP A 1 65  ? 2.714   10.263  16.678  1.00 35.33 ? 997  ASP A OD2 1 
ATOM   463  N N   . SER A 1 66  ? -1.305  8.372   13.981  1.00 29.51 ? 998  SER A N   1 
ATOM   464  C CA  . SER A 1 66  ? -2.747  8.277   14.263  1.00 28.39 ? 998  SER A CA  1 
ATOM   465  C C   . SER A 1 66  ? -3.403  6.996   13.749  1.00 26.93 ? 998  SER A C   1 
ATOM   466  O O   . SER A 1 66  ? -4.619  6.810   13.884  1.00 25.91 ? 998  SER A O   1 
ATOM   467  C CB  . SER A 1 66  ? -3.494  9.489   13.701  1.00 28.77 ? 998  SER A CB  1 
ATOM   468  O OG  . SER A 1 66  ? -3.559  9.439   12.290  1.00 31.97 ? 998  SER A OG  1 
ATOM   469  N N   . LEU A 1 67  ? -2.583  6.115   13.178  1.00 25.87 ? 999  LEU A N   1 
ATOM   470  C CA  . LEU A 1 67  ? -3.001  4.829   12.642  1.00 24.77 ? 999  LEU A CA  1 
ATOM   471  C C   . LEU A 1 67  ? -2.076  3.772   13.198  1.00 23.37 ? 999  LEU A C   1 
ATOM   472  O O   . LEU A 1 67  ? -0.993  4.093   13.652  1.00 25.30 ? 999  LEU A O   1 
ATOM   473  C CB  . LEU A 1 67  ? -2.851  4.816   11.109  1.00 25.82 ? 999  LEU A CB  1 
ATOM   474  C CG  . LEU A 1 67  ? -3.417  6.004   10.306  1.00 27.16 ? 999  LEU A CG  1 
ATOM   475  C CD1 . LEU A 1 67  ? -2.632  6.190   8.977   1.00 27.04 ? 999  LEU A CD1 1 
ATOM   476  C CD2 . LEU A 1 67  ? -4.881  5.820   10.043  1.00 25.93 ? 999  LEU A CD2 1 
ATOM   477  N N   . PHE A 1 68  ? -2.512  2.528   13.178  1.00 21.56 ? 1000 PHE A N   1 
ATOM   478  C CA  . PHE A 1 68  ? -1.588  1.388   13.322  1.00 22.43 ? 1000 PHE A CA  1 
ATOM   479  C C   . PHE A 1 68  ? -1.775  0.361   12.188  1.00 22.82 ? 1000 PHE A C   1 
ATOM   480  O O   . PHE A 1 68  ? -2.897  0.110   11.683  1.00 21.23 ? 1000 PHE A O   1 
ATOM   481  C CB  . PHE A 1 68  ? -1.631  0.750   14.730  1.00 20.49 ? 1000 PHE A CB  1 
ATOM   482  C CG  . PHE A 1 68  ? -2.671  -0.325  14.921  1.00 21.89 ? 1000 PHE A CG  1 
ATOM   483  C CD1 . PHE A 1 68  ? -2.279  -1.667  15.065  1.00 20.66 ? 1000 PHE A CD1 1 
ATOM   484  C CD2 . PHE A 1 68  ? -4.040  -0.010  15.044  1.00 20.53 ? 1000 PHE A CD2 1 
ATOM   485  C CE1 . PHE A 1 68  ? -3.201  -2.681  15.289  1.00 18.94 ? 1000 PHE A CE1 1 
ATOM   486  C CE2 . PHE A 1 68  ? -4.984  -1.025  15.246  1.00 18.48 ? 1000 PHE A CE2 1 
ATOM   487  C CZ  . PHE A 1 68  ? -4.579  -2.364  15.387  1.00 20.96 ? 1000 PHE A CZ  1 
ATOM   488  N N   . VAL A 1 69  ? -0.644  -0.211  11.789  1.00 23.72 ? 1001 VAL A N   1 
ATOM   489  C CA  . VAL A 1 69  ? -0.550  -1.183  10.716  1.00 23.80 ? 1001 VAL A CA  1 
ATOM   490  C C   . VAL A 1 69  ? -0.106  -2.550  11.271  1.00 24.46 ? 1001 VAL A C   1 
ATOM   491  O O   . VAL A 1 69  ? 0.766   -2.639  12.176  1.00 24.16 ? 1001 VAL A O   1 
ATOM   492  C CB  . VAL A 1 69  ? 0.412   -0.666  9.600   1.00 23.83 ? 1001 VAL A CB  1 
ATOM   493  C CG1 . VAL A 1 69  ? 0.441   -1.602  8.429   1.00 27.80 ? 1001 VAL A CG1 1 
ATOM   494  C CG2 . VAL A 1 69  ? -0.019  0.756   9.113   1.00 24.75 ? 1001 VAL A CG2 1 
ATOM   495  N N   . LYS A 1 70  ? -0.772  -3.587  10.795  1.00 24.11 ? 1002 LYS A N   1 
ATOM   496  C CA  . LYS A 1 70  ? -0.365  -4.962  10.966  1.00 24.99 ? 1002 LYS A CA  1 
ATOM   497  C C   . LYS A 1 70  ? -0.272  -5.575  9.576   1.00 25.74 ? 1002 LYS A C   1 
ATOM   498  O O   . LYS A 1 70  ? -1.100  -5.271  8.705   1.00 23.96 ? 1002 LYS A O   1 
ATOM   499  C CB  . LYS A 1 70  ? -1.398  -5.748  11.791  1.00 25.24 ? 1002 LYS A CB  1 
ATOM   500  C CG  . LYS A 1 70  ? -1.512  -5.331  13.294  1.00 25.57 ? 1002 LYS A CG  1 
ATOM   501  C CD  . LYS A 1 70  ? -0.191  -5.581  14.071  1.00 27.75 ? 1002 LYS A CD  1 
ATOM   502  C CE  . LYS A 1 70  ? -0.268  -5.087  15.530  1.00 28.95 ? 1002 LYS A CE  1 
ATOM   503  N NZ  . LYS A 1 70  ? 0.943   -5.458  16.343  1.00 25.21 ? 1002 LYS A NZ  1 
ATOM   504  N N   . SER A 1 71  ? 0.697   -6.473  9.389   1.00 25.31 ? 1003 SER A N   1 
ATOM   505  C CA  . SER A 1 71  ? 0.937   -7.048  8.074   1.00 24.86 ? 1003 SER A CA  1 
ATOM   506  C C   . SER A 1 71  ? 1.492   -8.462  8.185   1.00 25.63 ? 1003 SER A C   1 
ATOM   507  O O   . SER A 1 71  ? 2.199   -8.781  9.143   1.00 24.61 ? 1003 SER A O   1 
ATOM   508  C CB  . SER A 1 71  ? 1.879   -6.175  7.268   1.00 25.53 ? 1003 SER A CB  1 
ATOM   509  O OG  . SER A 1 71  ? 3.210   -6.239  7.755   1.00 25.50 ? 1003 SER A OG  1 
ATOM   510  N N   . LYS A 1 72  ? 1.170   -9.290  7.197   1.00 26.12 ? 1004 LYS A N   1 
ATOM   511  C CA  . LYS A 1 72  ? 1.709   -10.654 7.089   1.00 26.34 ? 1004 LYS A CA  1 
ATOM   512  C C   . LYS A 1 72  ? 1.933   -10.977 5.615   1.00 25.78 ? 1004 LYS A C   1 
ATOM   513  O O   . LYS A 1 72  ? 1.026   -10.823 4.780   1.00 24.15 ? 1004 LYS A O   1 
ATOM   514  C CB  . LYS A 1 72  ? 0.751   -11.698 7.689   1.00 26.81 ? 1004 LYS A CB  1 
ATOM   515  C CG  . LYS A 1 72  ? 1.382   -13.124 7.885   1.00 28.21 ? 1004 LYS A CG  1 
ATOM   516  C CD  . LYS A 1 72  ? 0.350   -14.257 8.231   1.00 29.54 ? 1004 LYS A CD  1 
ATOM   517  C CE  . LYS A 1 72  ? -0.866  -14.281 7.272   1.00 32.66 ? 1004 LYS A CE  1 
ATOM   518  N NZ  . LYS A 1 72  ? -1.725  -15.549 7.267   1.00 34.00 ? 1004 LYS A NZ  1 
ATOM   519  N N   . GLU A 1 73  ? 3.147   -11.415 5.314   1.00 24.01 ? 1005 GLU A N   1 
ATOM   520  C CA  . GLU A 1 73  ? 3.434   -11.934 4.012   1.00 24.97 ? 1005 GLU A CA  1 
ATOM   521  C C   . GLU A 1 73  ? 2.886   -13.362 4.001   1.00 25.91 ? 1005 GLU A C   1 
ATOM   522  O O   . GLU A 1 73  ? 3.529   -14.296 4.534   1.00 26.17 ? 1005 GLU A O   1 
ATOM   523  C CB  . GLU A 1 73  ? 4.930   -11.864 3.745   1.00 24.19 ? 1005 GLU A CB  1 
ATOM   524  C CG  . GLU A 1 73  ? 5.221   -12.202 2.324   1.00 23.50 ? 1005 GLU A CG  1 
ATOM   525  C CD  . GLU A 1 73  ? 6.576   -11.735 1.852   1.00 23.69 ? 1005 GLU A CD  1 
ATOM   526  O OE1 . GLU A 1 73  ? 7.479   -11.588 2.687   1.00 22.52 ? 1005 GLU A OE1 1 
ATOM   527  O OE2 . GLU A 1 73  ? 6.755   -11.579 0.619   1.00 24.73 ? 1005 GLU A OE2 1 
ATOM   528  N N   . VAL A 1 74  ? 1.682   -13.514 3.436   1.00 25.74 ? 1006 VAL A N   1 
ATOM   529  C CA  . VAL A 1 74  ? 0.951   -14.790 3.456   1.00 26.64 ? 1006 VAL A CA  1 
ATOM   530  C C   . VAL A 1 74  ? 1.411   -15.801 2.389   1.00 27.75 ? 1006 VAL A C   1 
ATOM   531  O O   . VAL A 1 74  ? 1.201   -16.998 2.536   1.00 27.95 ? 1006 VAL A O   1 
ATOM   532  C CB  . VAL A 1 74  ? -0.569  -14.575 3.369   1.00 26.83 ? 1006 VAL A CB  1 
ATOM   533  C CG1 . VAL A 1 74  ? -1.035  -13.527 4.394   1.00 27.80 ? 1006 VAL A CG1 1 
ATOM   534  C CG2 . VAL A 1 74  ? -1.010  -14.194 1.944   1.00 25.79 ? 1006 VAL A CG2 1 
ATOM   535  N N   . GLU A 1 75  ? 2.022   -15.300 1.326   1.00 27.93 ? 1007 GLU A N   1 
ATOM   536  C CA  . GLU A 1 75  ? 2.785   -16.105 0.370   1.00 27.68 ? 1007 GLU A CA  1 
ATOM   537  C C   . GLU A 1 75  ? 3.890   -15.212 -0.052  1.00 26.21 ? 1007 GLU A C   1 
ATOM   538  O O   . GLU A 1 75  ? 3.741   -14.018 0.039   1.00 25.61 ? 1007 GLU A O   1 
ATOM   539  C CB  . GLU A 1 75  ? 1.990   -16.357 -0.905  1.00 28.77 ? 1007 GLU A CB  1 
ATOM   540  C CG  . GLU A 1 75  ? 0.885   -17.366 -0.878  1.00 30.56 ? 1007 GLU A CG  1 
ATOM   541  C CD  . GLU A 1 75  ? 0.254   -17.473 -2.267  1.00 31.56 ? 1007 GLU A CD  1 
ATOM   542  O OE1 . GLU A 1 75  ? 1.023   -17.537 -3.292  1.00 36.24 ? 1007 GLU A OE1 1 
ATOM   543  O OE2 . GLU A 1 75  ? -0.997  -17.464 -2.345  1.00 36.05 ? 1007 GLU A OE2 1 
ATOM   544  N N   . PRO A 1 76  ? 4.988   -15.768 -0.596  1.00 25.66 ? 1008 PRO A N   1 
ATOM   545  C CA  . PRO A 1 76  ? 6.016   -14.868 -1.111  1.00 24.33 ? 1008 PRO A CA  1 
ATOM   546  C C   . PRO A 1 76  ? 5.421   -13.844 -2.115  1.00 23.39 ? 1008 PRO A C   1 
ATOM   547  O O   . PRO A 1 76  ? 4.708   -14.226 -3.060  1.00 23.48 ? 1008 PRO A O   1 
ATOM   548  C CB  . PRO A 1 76  ? 6.990   -15.828 -1.793  1.00 25.74 ? 1008 PRO A CB  1 
ATOM   549  C CG  . PRO A 1 76  ? 6.799   -17.096 -1.083  1.00 24.46 ? 1008 PRO A CG  1 
ATOM   550  C CD  . PRO A 1 76  ? 5.360   -17.186 -0.769  1.00 25.74 ? 1008 PRO A CD  1 
ATOM   551  N N   . GLY A 1 77  ? 5.645   -12.562 -1.854  1.00 21.85 ? 1009 GLY A N   1 
ATOM   552  C CA  . GLY A 1 77  ? 5.212   -11.504 -2.769  1.00 22.11 ? 1009 GLY A CA  1 
ATOM   553  C C   . GLY A 1 77  ? 3.747   -11.107 -2.659  1.00 22.27 ? 1009 GLY A C   1 
ATOM   554  O O   . GLY A 1 77  ? 3.248   -10.370 -3.503  1.00 21.36 ? 1009 GLY A O   1 
ATOM   555  N N   . LYS A 1 78  ? 3.072   -11.590 -1.618  1.00 21.96 ? 1010 LYS A N   1 
ATOM   556  C CA  . LYS A 1 78  ? 1.658   -11.241 -1.333  1.00 22.35 ? 1010 LYS A CA  1 
ATOM   557  C C   . LYS A 1 78  ? 1.509   -10.943 0.148   1.00 21.60 ? 1010 LYS A C   1 
ATOM   558  O O   . LYS A 1 78  ? 1.684   -11.840 0.971   1.00 20.54 ? 1010 LYS A O   1 
ATOM   559  C CB  . LYS A 1 78  ? 0.710   -12.366 -1.728  1.00 23.46 ? 1010 LYS A CB  1 
ATOM   560  C CG  . LYS A 1 78  ? 0.733   -12.660 -3.226  1.00 23.81 ? 1010 LYS A CG  1 
ATOM   561  C CD  . LYS A 1 78  ? -0.307  -13.668 -3.606  1.00 25.61 ? 1010 LYS A CD  1 
ATOM   562  C CE  . LYS A 1 78  ? -0.325  -13.895 -5.119  1.00 29.64 ? 1010 LYS A CE  1 
ATOM   563  N NZ  . LYS A 1 78  ? -0.933  -15.194 -5.491  1.00 28.76 ? 1010 LYS A NZ  1 
ATOM   564  N N   . VAL A 1 79  ? 1.207   -9.677  0.465   1.00 21.07 ? 1011 VAL A N   1 
ATOM   565  C CA  . VAL A 1 79  ? 1.279   -9.171  1.849   1.00 21.83 ? 1011 VAL A CA  1 
ATOM   566  C C   . VAL A 1 79  ? -0.088  -8.583  2.237   1.00 22.39 ? 1011 VAL A C   1 
ATOM   567  O O   . VAL A 1 79  ? -0.558  -7.607  1.631   1.00 20.12 ? 1011 VAL A O   1 
ATOM   568  C CB  . VAL A 1 79  ? 2.349   -8.109  2.046   1.00 22.04 ? 1011 VAL A CB  1 
ATOM   569  C CG1 . VAL A 1 79  ? 2.549   -7.785  3.592   1.00 24.94 ? 1011 VAL A CG1 1 
ATOM   570  C CG2 . VAL A 1 79  ? 3.680   -8.495  1.396   1.00 21.93 ? 1011 VAL A CG2 1 
ATOM   571  N N   . ARG A 1 80  ? -0.694  -9.197  3.242   1.00 22.91 ? 1012 ARG A N   1 
ATOM   572  C CA  . ARG A 1 80  ? -1.934  -8.709  3.824   1.00 23.36 ? 1012 ARG A CA  1 
ATOM   573  C C   . ARG A 1 80  ? -1.601  -7.582  4.784   1.00 21.87 ? 1012 ARG A C   1 
ATOM   574  O O   . ARG A 1 80  ? -0.811  -7.775  5.706   1.00 22.31 ? 1012 ARG A O   1 
ATOM   575  C CB  . ARG A 1 80  ? -2.680  -9.826  4.544   1.00 23.21 ? 1012 ARG A CB  1 
ATOM   576  C CG  . ARG A 1 80  ? -3.974  -9.312  5.142   1.00 26.15 ? 1012 ARG A CG  1 
ATOM   577  C CD  . ARG A 1 80  ? -4.917  -10.431 5.499   1.00 29.24 ? 1012 ARG A CD  1 
ATOM   578  N NE  . ARG A 1 80  ? -4.508  -11.142 6.717   1.00 33.32 ? 1012 ARG A NE  1 
ATOM   579  C CZ  . ARG A 1 80  ? -4.146  -12.431 6.788   1.00 34.25 ? 1012 ARG A CZ  1 
ATOM   580  N NH1 . ARG A 1 80  ? -4.115  -13.217 5.699   1.00 38.01 ? 1012 ARG A NH1 1 
ATOM   581  N NH2 . ARG A 1 80  ? -3.798  -12.951 7.962   1.00 35.34 ? 1012 ARG A NH2 1 
ATOM   582  N N   . ILE A 1 81  ? -2.207  -6.424  4.569   1.00 20.16 ? 1013 ILE A N   1 
ATOM   583  C CA  . ILE A 1 81  ? -1.929  -5.197  5.320   1.00 19.96 ? 1013 ILE A CA  1 
ATOM   584  C C   . ILE A 1 81  ? -3.248  -4.657  5.869   1.00 21.42 ? 1013 ILE A C   1 
ATOM   585  O O   . ILE A 1 81  ? -4.190  -4.403  5.100   1.00 19.94 ? 1013 ILE A O   1 
ATOM   586  C CB  . ILE A 1 81  ? -1.249  -4.128  4.487   1.00 20.48 ? 1013 ILE A CB  1 
ATOM   587  C CG1 . ILE A 1 81  ? 0.040   -4.681  3.847   1.00 18.48 ? 1013 ILE A CG1 1 
ATOM   588  C CG2 . ILE A 1 81  ? -1.025  -2.837  5.315   1.00 20.07 ? 1013 ILE A CG2 1 
ATOM   589  C CD1 . ILE A 1 81  ? 0.742   -3.711  3.096   1.00 18.31 ? 1013 ILE A CD1 1 
ATOM   590  N N   . LEU A 1 82  ? -3.323  -4.578  7.212   1.00 20.68 ? 1014 LEU A N   1 
ATOM   591  C CA  . LEU A 1 82  ? -4.501  -4.031  7.908   1.00 22.04 ? 1014 LEU A CA  1 
ATOM   592  C C   . LEU A 1 82  ? -4.070  -2.718  8.526   1.00 22.23 ? 1014 LEU A C   1 
ATOM   593  O O   . LEU A 1 82  ? -3.104  -2.703  9.332   1.00 21.18 ? 1014 LEU A O   1 
ATOM   594  C CB  . LEU A 1 82  ? -4.976  -4.987  9.014   1.00 23.43 ? 1014 LEU A CB  1 
ATOM   595  C CG  . LEU A 1 82  ? -5.373  -6.401  8.592   1.00 25.74 ? 1014 LEU A CG  1 
ATOM   596  C CD1 . LEU A 1 82  ? -5.837  -7.303  9.781   1.00 27.70 ? 1014 LEU A CD1 1 
ATOM   597  C CD2 . LEU A 1 82  ? -6.461  -6.353  7.548   1.00 26.49 ? 1014 LEU A CD2 1 
ATOM   598  N N   . VAL A 1 83  ? -4.762  -1.631  8.155   1.00 21.50 ? 1015 VAL A N   1 
ATOM   599  C CA  . VAL A 1 83  ? -4.554  -0.275  8.669   1.00 22.12 ? 1015 VAL A CA  1 
ATOM   600  C C   . VAL A 1 83  ? -5.792  0.048   9.524   1.00 22.40 ? 1015 VAL A C   1 
ATOM   601  O O   . VAL A 1 83  ? -6.908  -0.118  9.070   1.00 20.69 ? 1015 VAL A O   1 
ATOM   602  C CB  . VAL A 1 83  ? -4.568  0.884   7.606   1.00 24.95 ? 1015 VAL A CB  1 
ATOM   603  C CG1 . VAL A 1 83  ? -3.924  2.119   8.195   1.00 25.43 ? 1015 VAL A CG1 1 
ATOM   604  C CG2 . VAL A 1 83  ? -3.947  0.537   6.244   1.00 25.60 ? 1015 VAL A CG2 1 
ATOM   605  N N   . ALA A 1 84  ? -5.596  0.527   10.746  1.00 21.61 ? 1016 ALA A N   1 
ATOM   606  C CA  . ALA A 1 84  ? -6.748  0.891   11.612  1.00 22.18 ? 1016 ALA A CA  1 
ATOM   607  C C   . ALA A 1 84  ? -6.506  2.225   12.296  1.00 21.63 ? 1016 ALA A C   1 
ATOM   608  O O   . ALA A 1 84  ? -5.390  2.560   12.735  1.00 20.42 ? 1016 ALA A O   1 
ATOM   609  C CB  . ALA A 1 84  ? -7.058  -0.212  12.626  1.00 23.02 ? 1016 ALA A CB  1 
ATOM   610  N N   . SER A 1 85  ? -7.577  3.019   12.381  1.00 22.11 ? 1017 SER A N   1 
ATOM   611  C CA  . SER A 1 85  ? -7.537  4.263   13.093  1.00 21.38 ? 1017 SER A CA  1 
ATOM   612  C C   . SER A 1 85  ? -7.348  3.975   14.587  1.00 20.69 ? 1017 SER A C   1 
ATOM   613  O O   . SER A 1 85  ? -7.886  2.995   15.097  1.00 20.67 ? 1017 SER A O   1 
ATOM   614  C CB  . SER A 1 85  ? -8.871  5.001   12.942  1.00 21.32 ? 1017 SER A CB  1 
ATOM   615  O OG  . SER A 1 85  ? -8.770  6.273   13.535  1.00 24.21 ? 1017 SER A OG  1 
ATOM   616  N N   . LEU A 1 86  ? -6.658  4.878   15.256  1.00 20.94 ? 1018 LEU A N   1 
ATOM   617  C CA  . LEU A 1 86  ? -6.520  4.829   16.694  1.00 21.16 ? 1018 LEU A CA  1 
ATOM   618  C C   . LEU A 1 86  ? -7.630  5.637   17.392  1.00 21.76 ? 1018 LEU A C   1 
ATOM   619  O O   . LEU A 1 86  ? -7.700  5.689   18.637  1.00 21.29 ? 1018 LEU A O   1 
ATOM   620  C CB  . LEU A 1 86  ? -5.135  5.356   17.078  1.00 21.12 ? 1018 LEU A CB  1 
ATOM   621  C CG  . LEU A 1 86  ? -3.998  4.432   16.642  1.00 18.53 ? 1018 LEU A CG  1 
ATOM   622  C CD1 . LEU A 1 86  ? -2.659  5.028   17.081  1.00 19.71 ? 1018 LEU A CD1 1 
ATOM   623  C CD2 . LEU A 1 86  ? -4.124  3.009   17.124  1.00 19.08 ? 1018 LEU A CD2 1 
ATOM   624  N N   . GLY A 1 87  ? -8.481  6.290   16.602  1.00 22.76 ? 1019 GLY A N   1 
ATOM   625  C CA  . GLY A 1 87  ? -9.557  7.088   17.181  1.00 24.22 ? 1019 GLY A CA  1 
ATOM   626  C C   . GLY A 1 87  ? -10.359 7.846   16.158  1.00 25.91 ? 1019 GLY A C   1 
ATOM   627  O O   . GLY A 1 87  ? -11.521 7.509   15.953  1.00 27.33 ? 1019 GLY A O   1 
ATOM   628  N N   . ASN A 1 88  ? -9.718  8.823   15.505  1.00 26.88 ? 1020 ASN A N   1 
ATOM   629  C CA  . ASN A 1 88  ? -10.399 9.720   14.536  1.00 27.75 ? 1020 ASN A CA  1 
ATOM   630  C C   . ASN A 1 88  ? -10.736 9.025   13.214  1.00 27.88 ? 1020 ASN A C   1 
ATOM   631  O O   . ASN A 1 88  ? -10.044 8.082   12.750  1.00 27.33 ? 1020 ASN A O   1 
ATOM   632  C CB  . ASN A 1 88  ? -9.497  10.894  14.156  1.00 29.30 ? 1020 ASN A CB  1 
ATOM   633  C CG  . ASN A 1 88  ? -8.993  11.689  15.356  1.00 31.49 ? 1020 ASN A CG  1 
ATOM   634  O OD1 . ASN A 1 88  ? -9.778  12.281  16.073  1.00 34.41 ? 1020 ASN A OD1 1 
ATOM   635  N ND2 . ASN A 1 88  ? -7.675  11.687  15.570  1.00 30.98 ? 1020 ASN A ND2 1 
ATOM   636  N N   . GLU A 1 89  ? -11.746 9.573   12.555  1.00 27.47 ? 1021 GLU A N   1 
ATOM   637  C CA  . GLU A 1 89  ? -12.000 9.271   11.157  1.00 27.01 ? 1021 GLU A CA  1 
ATOM   638  C C   . GLU A 1 89  ? -10.750 9.548   10.289  1.00 24.46 ? 1021 GLU A C   1 
ATOM   639  O O   . GLU A 1 89  ? -10.056 10.545  10.472  1.00 24.72 ? 1021 GLU A O   1 
ATOM   640  C CB  . GLU A 1 89  ? -13.165 10.161  10.682  1.00 27.08 ? 1021 GLU A CB  1 
ATOM   641  C CG  . GLU A 1 89  ? -13.860 9.613   9.519   1.00 28.27 ? 1021 GLU A CG  1 
ATOM   642  C CD  . GLU A 1 89  ? -14.935 10.574  8.999   1.00 29.67 ? 1021 GLU A CD  1 
ATOM   643  O OE1 . GLU A 1 89  ? -15.563 11.328  9.815   1.00 33.10 ? 1021 GLU A OE1 1 
ATOM   644  O OE2 . GLU A 1 89  ? -15.115 10.579  7.784   1.00 29.83 ? 1021 GLU A OE2 1 
ATOM   645  N N   . ILE A 1 90  ? -10.508 8.647   9.346   1.00 24.30 ? 1022 ILE A N   1 
ATOM   646  C CA  . ILE A 1 90  ? -9.392  8.681   8.415   1.00 25.13 ? 1022 ILE A CA  1 
ATOM   647  C C   . ILE A 1 90  ? -9.778  9.674   7.323   1.00 25.23 ? 1022 ILE A C   1 
ATOM   648  O O   . ILE A 1 90  ? -10.826 9.583   6.782   1.00 25.56 ? 1022 ILE A O   1 
ATOM   649  C CB  . ILE A 1 90  ? -9.126  7.222   7.872   1.00 24.64 ? 1022 ILE A CB  1 
ATOM   650  C CG1 . ILE A 1 90  ? -8.478  6.375   8.988   1.00 22.42 ? 1022 ILE A CG1 1 
ATOM   651  C CG2 . ILE A 1 90  ? -8.229  7.210   6.632   1.00 24.79 ? 1022 ILE A CG2 1 
ATOM   652  C CD1 . ILE A 1 90  ? -8.160  4.961   8.642   1.00 23.24 ? 1022 ILE A CD1 1 
ATOM   653  N N   . GLU A 1 91  ? -8.928  10.638  7.022   1.00 26.21 ? 1023 GLU A N   1 
ATOM   654  C CA  . GLU A 1 91  ? -9.277  11.618  5.989   1.00 27.56 ? 1023 GLU A CA  1 
ATOM   655  C C   . GLU A 1 91  ? -9.364  11.023  4.558   1.00 26.90 ? 1023 GLU A C   1 
ATOM   656  O O   . GLU A 1 91  ? -8.756  9.986   4.263   1.00 27.43 ? 1023 GLU A O   1 
ATOM   657  C CB  . GLU A 1 91  ? -8.293  12.777  6.047   1.00 28.01 ? 1023 GLU A CB  1 
ATOM   658  C CG  . GLU A 1 91  ? -8.194  13.405  7.434   1.00 31.38 ? 1023 GLU A CG  1 
ATOM   659  C CD  . GLU A 1 91  ? -7.361  14.661  7.404   1.00 31.37 ? 1023 GLU A CD  1 
ATOM   660  O OE1 . GLU A 1 91  ? -6.326  14.725  8.102   1.00 36.19 ? 1023 GLU A OE1 1 
ATOM   661  O OE2 . GLU A 1 91  ? -7.741  15.585  6.650   1.00 35.71 ? 1023 GLU A OE2 1 
ATOM   662  N N   . LYS A 1 92  ? -10.108 11.704  3.686   1.00 26.15 ? 1024 LYS A N   1 
ATOM   663  C CA  . LYS A 1 92  ? -10.585 11.135  2.420   1.00 26.57 ? 1024 LYS A CA  1 
ATOM   664  C C   . LYS A 1 92  ? -9.425  10.874  1.413   1.00 25.61 ? 1024 LYS A C   1 
ATOM   665  O O   . LYS A 1 92  ? -9.529  9.994   0.550   1.00 26.27 ? 1024 LYS A O   1 
ATOM   666  C CB  . LYS A 1 92  ? -11.621 12.066  1.786   1.00 27.07 ? 1024 LYS A CB  1 
ATOM   667  C CG  . LYS A 1 92  ? -12.823 12.448  2.692   1.00 30.08 ? 1024 LYS A CG  1 
ATOM   668  C CD  . LYS A 1 92  ? -13.922 11.344  2.784   1.00 30.63 ? 1024 LYS A CD  1 
ATOM   669  C CE  . LYS A 1 92  ? -15.068 11.765  3.743   1.00 31.27 ? 1024 LYS A CE  1 
ATOM   670  N NZ  . LYS A 1 92  ? -15.536 10.578  4.535   1.00 33.99 ? 1024 LYS A NZ  1 
ATOM   671  N N   . ASP A 1 93  ? -8.360  11.654  1.529   1.00 24.47 ? 1025 ASP A N   1 
ATOM   672  C CA  . ASP A 1 93  ? -7.226  11.582  0.553   1.00 25.01 ? 1025 ASP A CA  1 
ATOM   673  C C   . ASP A 1 93  ? -5.897  11.268  1.244   1.00 23.70 ? 1025 ASP A C   1 
ATOM   674  O O   . ASP A 1 93  ? -4.813  11.608  0.726   1.00 24.13 ? 1025 ASP A O   1 
ATOM   675  C CB  . ASP A 1 93  ? -7.139  12.903  -0.212  1.00 24.12 ? 1025 ASP A CB  1 
ATOM   676  C CG  . ASP A 1 93  ? -8.175  13.000  -1.368  1.00 24.63 ? 1025 ASP A CG  1 
ATOM   677  O OD1 . ASP A 1 93  ? -9.159  12.252  -1.439  1.00 29.96 ? 1025 ASP A OD1 1 
ATOM   678  O OD2 . ASP A 1 93  ? -7.984  13.860  -2.220  1.00 27.78 ? 1025 ASP A OD2 1 
ATOM   679  N N   . SER A 1 94  ? -5.980  10.620  2.400   1.00 23.90 ? 1026 SER A N   1 
ATOM   680  C CA  . SER A 1 94  ? -4.789  10.394  3.222   1.00 23.85 ? 1026 SER A CA  1 
ATOM   681  C C   . SER A 1 94  ? -3.884  9.254   2.700   1.00 22.46 ? 1026 SER A C   1 
ATOM   682  O O   . SER A 1 94  ? -4.342  8.300   2.132   1.00 21.29 ? 1026 SER A O   1 
ATOM   683  C CB  . SER A 1 94  ? -5.084  10.173  4.733   1.00 25.00 ? 1026 SER A CB  1 
ATOM   684  O OG  . SER A 1 94  ? -6.419  9.802   5.043   1.00 30.22 ? 1026 SER A OG  1 
ATOM   685  N N   . ASP A 1 95  ? -2.598  9.403   2.981   1.00 22.01 ? 1027 ASP A N   1 
ATOM   686  C CA  . ASP A 1 95  ? -1.628  8.344   2.858   1.00 21.60 ? 1027 ASP A CA  1 
ATOM   687  C C   . ASP A 1 95  ? -1.621  7.558   4.184   1.00 20.69 ? 1027 ASP A C   1 
ATOM   688  O O   . ASP A 1 95  ? -1.713  8.154   5.292   1.00 18.91 ? 1027 ASP A O   1 
ATOM   689  C CB  . ASP A 1 95  ? -0.262  8.932   2.491   1.00 21.09 ? 1027 ASP A CB  1 
ATOM   690  C CG  . ASP A 1 95  ? -0.249  9.537   1.071   1.00 23.86 ? 1027 ASP A CG  1 
ATOM   691  O OD1 . ASP A 1 95  ? -1.213  9.321   0.335   1.00 25.94 ? 1027 ASP A OD1 1 
ATOM   692  O OD2 . ASP A 1 95  ? 0.717   10.209  0.707   1.00 21.68 ? 1027 ASP A OD2 1 
ATOM   693  N N   . LEU A 1 96  ? -1.587  6.235   4.058   1.00 20.41 ? 1028 LEU A N   1 
ATOM   694  C CA  . LEU A 1 96  ? -1.840  5.331   5.176   1.00 20.38 ? 1028 LEU A CA  1 
ATOM   695  C C   . LEU A 1 96  ? -0.651  4.418   5.566   1.00 20.00 ? 1028 LEU A C   1 
ATOM   696  O O   . LEU A 1 96  ? -0.442  4.150   6.746   1.00 19.74 ? 1028 LEU A O   1 
ATOM   697  C CB  . LEU A 1 96  ? -3.059  4.471   4.877   1.00 20.56 ? 1028 LEU A CB  1 
ATOM   698  C CG  . LEU A 1 96  ? -4.400  5.187   4.720   1.00 20.19 ? 1028 LEU A CG  1 
ATOM   699  C CD1 . LEU A 1 96  ? -5.502  4.207   4.461   1.00 19.89 ? 1028 LEU A CD1 1 
ATOM   700  C CD2 . LEU A 1 96  ? -4.716  5.986   6.021   1.00 20.15 ? 1028 LEU A CD2 1 
ATOM   701  N N   . VAL A 1 97  ? 0.115   3.959   4.579   1.00 19.41 ? 1029 VAL A N   1 
ATOM   702  C CA  . VAL A 1 97  ? 1.119   2.914   4.824   1.00 20.20 ? 1029 VAL A CA  1 
ATOM   703  C C   . VAL A 1 97  ? 2.387   3.200   4.013   1.00 20.27 ? 1029 VAL A C   1 
ATOM   704  O O   . VAL A 1 97  ? 2.295   3.671   2.873   1.00 18.84 ? 1029 VAL A O   1 
ATOM   705  C CB  . VAL A 1 97  ? 0.607   1.528   4.426   1.00 18.94 ? 1029 VAL A CB  1 
ATOM   706  C CG1 . VAL A 1 97  ? 1.754   0.414   4.718   1.00 19.19 ? 1029 VAL A CG1 1 
ATOM   707  C CG2 . VAL A 1 97  ? -0.721  1.205   5.074   1.00 19.22 ? 1029 VAL A CG2 1 
ATOM   708  N N   . LYS A 1 98  ? 3.549   2.956   4.632   1.00 20.56 ? 1030 LYS A N   1 
ATOM   709  C CA  . LYS A 1 98  ? 4.862   3.020   3.964   1.00 21.35 ? 1030 LYS A CA  1 
ATOM   710  C C   . LYS A 1 98  ? 5.347   1.580   3.837   1.00 19.92 ? 1030 LYS A C   1 
ATOM   711  O O   . LYS A 1 98  ? 5.500   0.899   4.851   1.00 17.72 ? 1030 LYS A O   1 
ATOM   712  C CB  . LYS A 1 98  ? 5.874   3.755   4.839   1.00 22.91 ? 1030 LYS A CB  1 
ATOM   713  C CG  . LYS A 1 98  ? 5.561   5.203   5.163   1.00 24.77 ? 1030 LYS A CG  1 
ATOM   714  C CD  . LYS A 1 98  ? 6.745   5.887   5.868   1.00 24.98 ? 1030 LYS A CD  1 
ATOM   715  C CE  . LYS A 1 98  ? 6.522   6.260   7.338   1.00 28.91 ? 1030 LYS A CE  1 
ATOM   716  N NZ  . LYS A 1 98  ? 7.402   7.467   7.602   1.00 27.28 ? 1030 LYS A NZ  1 
ATOM   717  N N   . VAL A 1 99  ? 5.605   1.115   2.612   1.00 17.85 ? 1031 VAL A N   1 
ATOM   718  C CA  . VAL A 1 99  ? 6.183   -0.217  2.396   1.00 18.80 ? 1031 VAL A CA  1 
ATOM   719  C C   . VAL A 1 99  ? 7.628   -0.033  1.919   1.00 18.46 ? 1031 VAL A C   1 
ATOM   720  O O   . VAL A 1 99  ? 7.881   0.570   0.890   1.00 19.17 ? 1031 VAL A O   1 
ATOM   721  C CB  . VAL A 1 99  ? 5.379   -1.074  1.360   1.00 18.98 ? 1031 VAL A CB  1 
ATOM   722  C CG1 . VAL A 1 99  ? 5.990   -2.491  1.192   1.00 16.95 ? 1031 VAL A CG1 1 
ATOM   723  C CG2 . VAL A 1 99  ? 3.943   -1.181  1.716   1.00 17.73 ? 1031 VAL A CG2 1 
ATOM   724  N N   . ASN A 1 100 ? 8.593   -0.472  2.728   1.00 18.17 ? 1032 ASN A N   1 
ATOM   725  C CA  . ASN A 1 100 ? 10.004  -0.218  2.454   1.00 17.20 ? 1032 ASN A CA  1 
ATOM   726  C C   . ASN A 1 100 ? 10.585  -1.505  1.840   1.00 16.52 ? 1032 ASN A C   1 
ATOM   727  O O   . ASN A 1 100 ? 10.421  -2.590  2.396   1.00 15.44 ? 1032 ASN A O   1 
ATOM   728  C CB  . ASN A 1 100 ? 10.749  0.163   3.733   1.00 18.09 ? 1032 ASN A CB  1 
ATOM   729  C CG  . ASN A 1 100 ? 12.098  0.717   3.447   1.00 20.50 ? 1032 ASN A CG  1 
ATOM   730  O OD1 . ASN A 1 100 ? 13.036  -0.054  3.084   1.00 23.08 ? 1032 ASN A OD1 1 
ATOM   731  N ND2 . ASN A 1 100 ? 12.238  2.047   3.538   1.00 18.44 ? 1032 ASN A ND2 1 
ATOM   732  N N   . LEU A 1 101 ? 11.162  -1.352  0.655   1.00 17.39 ? 1033 LEU A N   1 
ATOM   733  C CA  . LEU A 1 101 ? 11.677  -2.449  -0.191  1.00 16.91 ? 1033 LEU A CA  1 
ATOM   734  C C   . LEU A 1 101 ? 13.072  -2.128  -0.667  1.00 15.96 ? 1033 LEU A C   1 
ATOM   735  O O   . LEU A 1 101 ? 13.405  -1.006  -0.846  1.00 14.37 ? 1033 LEU A O   1 
ATOM   736  C CB  . LEU A 1 101 ? 10.777  -2.645  -1.424  1.00 17.10 ? 1033 LEU A CB  1 
ATOM   737  C CG  . LEU A 1 101 ? 9.353   -3.091  -1.064  1.00 18.98 ? 1033 LEU A CG  1 
ATOM   738  C CD1 . LEU A 1 101 ? 8.302   -2.207  -1.788  1.00 19.85 ? 1033 LEU A CD1 1 
ATOM   739  C CD2 . LEU A 1 101 ? 9.083   -4.521  -1.315  1.00 19.21 ? 1033 LEU A CD2 1 
ATOM   740  N N   . THR A 1 102 ? 13.901  -3.150  -0.888  1.00 17.74 ? 1034 THR A N   1 
ATOM   741  C CA  . THR A 1 102 ? 15.212  -2.987  -1.541  1.00 16.73 ? 1034 THR A CA  1 
ATOM   742  C C   . THR A 1 102 ? 15.278  -3.935  -2.749  1.00 16.04 ? 1034 THR A C   1 
ATOM   743  O O   . THR A 1 102 ? 15.072  -5.154  -2.593  1.00 16.55 ? 1034 THR A O   1 
ATOM   744  C CB  . THR A 1 102 ? 16.375  -3.289  -0.601  1.00 18.60 ? 1034 THR A CB  1 
ATOM   745  O OG1 . THR A 1 102 ? 16.292  -2.450  0.576   1.00 18.70 ? 1034 THR A OG1 1 
ATOM   746  C CG2 . THR A 1 102 ? 17.750  -3.116  -1.317  1.00 16.60 ? 1034 THR A CG2 1 
ATOM   747  N N   . PRO A 1 103 ? 15.514  -3.385  -3.939  1.00 16.33 ? 1035 PRO A N   1 
ATOM   748  C CA  . PRO A 1 103 ? 15.618  -4.313  -5.104  1.00 17.09 ? 1035 PRO A CA  1 
ATOM   749  C C   . PRO A 1 103 ? 16.873  -5.152  -5.011  1.00 18.25 ? 1035 PRO A C   1 
ATOM   750  O O   . PRO A 1 103 ? 17.857  -4.707  -4.442  1.00 17.35 ? 1035 PRO A O   1 
ATOM   751  C CB  . PRO A 1 103 ? 15.671  -3.382  -6.324  1.00 17.62 ? 1035 PRO A CB  1 
ATOM   752  C CG  . PRO A 1 103 ? 15.316  -1.950  -5.771  1.00 15.87 ? 1035 PRO A CG  1 
ATOM   753  C CD  . PRO A 1 103 ? 15.688  -1.979  -4.333  1.00 16.72 ? 1035 PRO A CD  1 
ATOM   754  N N   . LYS A 1 104 ? 16.820  -6.387  -5.511  1.00 19.42 ? 1036 LYS A N   1 
ATOM   755  C CA  . LYS A 1 104 ? 18.063  -7.197  -5.524  1.00 19.64 ? 1036 LYS A CA  1 
ATOM   756  C C   . LYS A 1 104 ? 18.421  -7.733  -6.904  1.00 21.27 ? 1036 LYS A C   1 
ATOM   757  O O   . LYS A 1 104 ? 19.425  -8.467  -7.026  1.00 23.73 ? 1036 LYS A O   1 
ATOM   758  C CB  . LYS A 1 104 ? 17.963  -8.313  -4.503  1.00 19.53 ? 1036 LYS A CB  1 
ATOM   759  C CG  . LYS A 1 104 ? 16.862  -9.338  -4.726  1.00 17.98 ? 1036 LYS A CG  1 
ATOM   760  C CD  . LYS A 1 104 ? 16.926  -10.336 -3.625  1.00 19.29 ? 1036 LYS A CD  1 
ATOM   761  C CE  . LYS A 1 104 ? 15.933  -11.470 -3.706  1.00 18.20 ? 1036 LYS A CE  1 
ATOM   762  N NZ  . LYS A 1 104 ? 16.317  -12.592 -4.654  1.00 21.52 ? 1036 LYS A NZ  1 
ATOM   763  N N   . ILE A 1 105 ? 17.604  -7.428  -7.904  1.00 21.18 ? 1037 ILE A N   1 
ATOM   764  C CA  . ILE A 1 105 ? 17.894  -7.719  -9.316  1.00 22.91 ? 1037 ILE A CA  1 
ATOM   765  C C   . ILE A 1 105 ? 17.435  -6.597  -10.211 1.00 23.14 ? 1037 ILE A C   1 
ATOM   766  O O   . ILE A 1 105 ? 16.331  -6.100  -10.062 1.00 22.78 ? 1037 ILE A O   1 
ATOM   767  C CB  . ILE A 1 105 ? 17.140  -8.958  -9.858  1.00 24.70 ? 1037 ILE A CB  1 
ATOM   768  C CG1 . ILE A 1 105 ? 17.551  -10.204 -9.103  1.00 24.42 ? 1037 ILE A CG1 1 
ATOM   769  C CG2 . ILE A 1 105 ? 17.402  -9.125  -11.376 1.00 23.47 ? 1037 ILE A CG2 1 
ATOM   770  C CD1 . ILE A 1 105 ? 16.623  -11.408 -9.394  1.00 26.27 ? 1037 ILE A CD1 1 
ATOM   771  N N   . SER A 1 106 ? 18.239  -6.257  -11.208 1.00 22.26 ? 1038 SER A N   1 
ATOM   772  C CA  . SER A 1 106 ? 17.809  -5.277  -12.208 1.00 22.95 ? 1038 SER A CA  1 
ATOM   773  C C   . SER A 1 106 ? 16.672  -5.823  -13.091 1.00 22.75 ? 1038 SER A C   1 
ATOM   774  O O   . SER A 1 106 ? 16.571  -7.057  -13.386 1.00 23.47 ? 1038 SER A O   1 
ATOM   775  C CB  . SER A 1 106 ? 18.985  -4.828  -13.064 1.00 23.17 ? 1038 SER A CB  1 
ATOM   776  O OG  . SER A 1 106 ? 19.388  -5.887  -13.919 1.00 22.79 ? 1038 SER A OG  1 
ATOM   777  N N   . SER A 1 107 ? 15.856  -4.894  -13.558 1.00 22.92 ? 1039 SER A N   1 
ATOM   778  C CA  . SER A 1 107 ? 14.677  -5.204  -14.349 1.00 23.91 ? 1039 SER A CA  1 
ATOM   779  C C   . SER A 1 107 ? 14.156  -3.977  -15.051 1.00 24.45 ? 1039 SER A C   1 
ATOM   780  O O   . SER A 1 107 ? 14.163  -2.868  -14.492 1.00 23.74 ? 1039 SER A O   1 
ATOM   781  C CB  . SER A 1 107 ? 13.577  -5.817  -13.474 1.00 24.11 ? 1039 SER A CB  1 
ATOM   782  O OG  . SER A 1 107 ? 12.416  -6.021  -14.267 1.00 25.43 ? 1039 SER A OG  1 
ATOM   783  N N   . GLU A 1 108 ? 13.658  -4.174  -16.288 1.00 24.02 ? 1040 GLU A N   1 
ATOM   784  C CA  . GLU A 1 108 ? 13.125  -3.080  -17.031 1.00 23.54 ? 1040 GLU A CA  1 
ATOM   785  C C   . GLU A 1 108 ? 11.747  -2.676  -16.496 1.00 22.17 ? 1040 GLU A C   1 
ATOM   786  O O   . GLU A 1 108 ? 11.368  -1.559  -16.669 1.00 21.58 ? 1040 GLU A O   1 
ATOM   787  C CB  . GLU A 1 108 ? 13.008  -3.403  -18.540 1.00 25.48 ? 1040 GLU A CB  1 
ATOM   788  C CG  . GLU A 1 108 ? 14.367  -3.578  -19.266 1.00 28.69 ? 1040 GLU A CG  1 
ATOM   789  C CD  . GLU A 1 108 ? 15.078  -2.260  -19.515 1.00 30.66 ? 1040 GLU A CD  1 
ATOM   790  O OE1 . GLU A 1 108 ? 14.463  -1.185  -19.341 1.00 33.01 ? 1040 GLU A OE1 1 
ATOM   791  O OE2 . GLU A 1 108 ? 16.281  -2.288  -19.899 1.00 35.17 ? 1040 GLU A OE2 1 
ATOM   792  N N   . LEU A 1 109 ? 11.029  -3.613  -15.895 1.00 21.43 ? 1041 LEU A N   1 
ATOM   793  C CA  . LEU A 1 109 ? 9.663   -3.326  -15.467 1.00 21.26 ? 1041 LEU A CA  1 
ATOM   794  C C   . LEU A 1 109 ? 9.295   -4.318  -14.420 1.00 20.68 ? 1041 LEU A C   1 
ATOM   795  O O   . LEU A 1 109 ? 9.304   -5.544  -14.657 1.00 18.52 ? 1041 LEU A O   1 
ATOM   796  C CB  . LEU A 1 109 ? 8.666   -3.329  -16.656 1.00 21.30 ? 1041 LEU A CB  1 
ATOM   797  C CG  . LEU A 1 109 ? 7.181   -2.968  -16.416 1.00 21.76 ? 1041 LEU A CG  1 
ATOM   798  C CD1 . LEU A 1 109 ? 6.498   -2.670  -17.769 1.00 21.01 ? 1041 LEU A CD1 1 
ATOM   799  C CD2 . LEU A 1 109 ? 6.437   -4.089  -15.694 1.00 24.56 ? 1041 LEU A CD2 1 
ATOM   800  N N   . GLU A 1 110 ? 8.971   -3.779  -13.230 1.00 18.82 ? 1042 GLU A N   1 
ATOM   801  C CA  . GLU A 1 110 ? 8.271   -4.558  -12.225 1.00 18.91 ? 1042 GLU A CA  1 
ATOM   802  C C   . GLU A 1 110 ? 7.012   -3.818  -11.720 1.00 17.63 ? 1042 GLU A C   1 
ATOM   803  O O   . GLU A 1 110 ? 6.999   -2.615  -11.677 1.00 17.68 ? 1042 GLU A O   1 
ATOM   804  C CB  . GLU A 1 110 ? 9.152   -4.824  -11.010 1.00 18.95 ? 1042 GLU A CB  1 
ATOM   805  C CG  . GLU A 1 110 ? 10.481  -5.548  -11.375 1.00 20.77 ? 1042 GLU A CG  1 
ATOM   806  C CD  . GLU A 1 110 ? 10.233  -6.990  -11.817 1.00 24.49 ? 1042 GLU A CD  1 
ATOM   807  O OE1 . GLU A 1 110 ? 9.258   -7.625  -11.352 1.00 25.34 ? 1042 GLU A OE1 1 
ATOM   808  O OE2 . GLU A 1 110 ? 11.028  -7.500  -12.627 1.00 22.34 ? 1042 GLU A OE2 1 
ATOM   809  N N   . VAL A 1 111 ? 6.020   -4.578  -11.330 1.00 17.01 ? 1043 VAL A N   1 
ATOM   810  C CA  . VAL A 1 111 ? 4.729   -4.009  -10.890 1.00 17.82 ? 1043 VAL A CA  1 
ATOM   811  C C   . VAL A 1 111 ? 4.533   -4.212  -9.391  1.00 18.33 ? 1043 VAL A C   1 
ATOM   812  O O   . VAL A 1 111 ? 4.559   -5.348  -8.904  1.00 18.22 ? 1043 VAL A O   1 
ATOM   813  C CB  . VAL A 1 111 ? 3.567   -4.603  -11.681 1.00 18.22 ? 1043 VAL A CB  1 
ATOM   814  C CG1 . VAL A 1 111 ? 2.213   -4.043  -11.194 1.00 19.31 ? 1043 VAL A CG1 1 
ATOM   815  C CG2 . VAL A 1 111 ? 3.808   -4.379  -13.223 1.00 19.87 ? 1043 VAL A CG2 1 
ATOM   816  N N   . LEU A 1 112 ? 4.318   -3.088  -8.690  1.00 18.65 ? 1044 LEU A N   1 
ATOM   817  C CA  . LEU A 1 112 ? 3.857   -3.057  -7.316  1.00 18.21 ? 1044 LEU A CA  1 
ATOM   818  C C   . LEU A 1 112 ? 2.333   -2.787  -7.346  1.00 18.34 ? 1044 LEU A C   1 
ATOM   819  O O   . LEU A 1 112 ? 1.923   -1.749  -7.851  1.00 17.17 ? 1044 LEU A O   1 
ATOM   820  C CB  . LEU A 1 112 ? 4.596   -1.991  -6.559  1.00 18.23 ? 1044 LEU A CB  1 
ATOM   821  C CG  . LEU A 1 112 ? 6.140   -2.076  -6.710  1.00 17.86 ? 1044 LEU A CG  1 
ATOM   822  C CD1 . LEU A 1 112 ? 6.797   -0.910  -6.077  1.00 17.12 ? 1044 LEU A CD1 1 
ATOM   823  C CD2 . LEU A 1 112 ? 6.614   -3.489  -6.193  1.00 16.53 ? 1044 LEU A CD2 1 
ATOM   824  N N   . GLY A 1 113 ? 1.566   -3.778  -6.912  1.00 17.89 ? 1045 GLY A N   1 
ATOM   825  C CA  . GLY A 1 113 ? 0.105   -3.817  -7.049  1.00 19.97 ? 1045 GLY A CA  1 
ATOM   826  C C   . GLY A 1 113 ? -0.681  -3.903  -5.754  1.00 20.29 ? 1045 GLY A C   1 
ATOM   827  O O   . GLY A 1 113 ? -0.227  -4.438  -4.759  1.00 20.15 ? 1045 GLY A O   1 
ATOM   828  N N   . LEU A 1 114 ? -1.901  -3.395  -5.807  1.00 20.25 ? 1046 LEU A N   1 
ATOM   829  C CA  . LEU A 1 114 ? -2.864  -3.603  -4.740  1.00 21.38 ? 1046 LEU A CA  1 
ATOM   830  C C   . LEU A 1 114 ? -3.992  -4.413  -5.353  1.00 21.75 ? 1046 LEU A C   1 
ATOM   831  O O   . LEU A 1 114 ? -4.766  -3.876  -6.193  1.00 22.77 ? 1046 LEU A O   1 
ATOM   832  C CB  . LEU A 1 114 ? -3.316  -2.246  -4.162  1.00 21.28 ? 1046 LEU A CB  1 
ATOM   833  C CG  . LEU A 1 114 ? -2.297  -1.305  -3.495  1.00 20.66 ? 1046 LEU A CG  1 
ATOM   834  C CD1 . LEU A 1 114 ? -2.824  0.141   -3.116  1.00 20.54 ? 1046 LEU A CD1 1 
ATOM   835  C CD2 . LEU A 1 114 ? -1.671  -1.923  -2.185  1.00 19.22 ? 1046 LEU A CD2 1 
ATOM   836  N N   . THR A 1 115 ? -4.078  -5.693  -4.992  1.00 21.97 ? 1047 THR A N   1 
ATOM   837  C CA  . THR A 1 115 ? -5.058  -6.590  -5.609  1.00 22.37 ? 1047 THR A CA  1 
ATOM   838  C C   . THR A 1 115 ? -6.351  -6.741  -4.789  1.00 22.71 ? 1047 THR A C   1 
ATOM   839  O O   . THR A 1 115 ? -7.314  -7.352  -5.246  1.00 22.99 ? 1047 THR A O   1 
ATOM   840  C CB  . THR A 1 115 ? -4.445  -7.978  -5.887  1.00 23.19 ? 1047 THR A CB  1 
ATOM   841  O OG1 . THR A 1 115 ? -3.869  -8.499  -4.679  1.00 20.88 ? 1047 THR A OG1 1 
ATOM   842  C CG2 . THR A 1 115 ? -3.372  -7.881  -6.938  1.00 22.99 ? 1047 THR A CG2 1 
ATOM   843  N N   . THR A 1 116 ? -6.295  -6.220  -3.563  1.00 22.70 ? 1048 THR A N   1 
ATOM   844  C CA  . THR A 1 116 ? -7.421  -6.070  -2.619  1.00 22.31 ? 1048 THR A CA  1 
ATOM   845  C C   . THR A 1 116 ? -7.222  -4.694  -1.995  1.00 21.28 ? 1048 THR A C   1 
ATOM   846  O O   . THR A 1 116 ? -6.064  -4.273  -1.653  1.00 20.21 ? 1048 THR A O   1 
ATOM   847  C CB  . THR A 1 116 ? -7.429  -7.190  -1.564  1.00 21.54 ? 1048 THR A CB  1 
ATOM   848  O OG1 . THR A 1 116 ? -7.692  -8.464  -2.184  1.00 22.67 ? 1048 THR A OG1 1 
ATOM   849  C CG2 . THR A 1 116 ? -8.461  -6.943  -0.391  1.00 23.16 ? 1048 THR A CG2 1 
ATOM   850  N N   . ALA A 1 117 ? -8.330  -3.942  -1.887  1.00 20.46 ? 1049 ALA A N   1 
ATOM   851  C CA  . ALA A 1 117 ? -8.306  -2.602  -1.282  1.00 20.73 ? 1049 ALA A CA  1 
ATOM   852  C C   . ALA A 1 117 ? -9.725  -2.319  -0.794  1.00 20.75 ? 1049 ALA A C   1 
ATOM   853  O O   . ALA A 1 117 ? -10.653 -2.282  -1.587  1.00 19.87 ? 1049 ALA A O   1 
ATOM   854  C CB  . ALA A 1 117 ? -7.856  -1.573  -2.256  1.00 19.67 ? 1049 ALA A CB  1 
ATOM   855  N N   . LEU A 1 118 ? -9.867  -2.227  0.520   1.00 20.56 ? 1050 LEU A N   1 
ATOM   856  C CA  . LEU A 1 118 ? -11.204 -2.184  1.180   1.00 22.04 ? 1050 LEU A CA  1 
ATOM   857  C C   . LEU A 1 118 ? -11.095 -1.159  2.287   1.00 22.67 ? 1050 LEU A C   1 
ATOM   858  O O   . LEU A 1 118 ? -9.974  -0.947  2.817   1.00 21.52 ? 1050 LEU A O   1 
ATOM   859  C CB  . LEU A 1 118 ? -11.535 -3.514  1.833   1.00 23.40 ? 1050 LEU A CB  1 
ATOM   860  C CG  . LEU A 1 118 ? -11.432 -4.895  1.199   1.00 25.82 ? 1050 LEU A CG  1 
ATOM   861  C CD1 . LEU A 1 118 ? -11.437 -5.911  2.295   1.00 27.37 ? 1050 LEU A CD1 1 
ATOM   862  C CD2 . LEU A 1 118 ? -12.587 -5.140  0.218   1.00 28.68 ? 1050 LEU A CD2 1 
ATOM   863  N N   . VAL A 1 119 ? -12.235 -0.571  2.669   1.00 21.98 ? 1051 VAL A N   1 
ATOM   864  C CA  . VAL A 1 119 ? -12.313 0.272   3.876   1.00 22.16 ? 1051 VAL A CA  1 
ATOM   865  C C   . VAL A 1 119 ? -13.448 -0.213  4.782   1.00 22.43 ? 1051 VAL A C   1 
ATOM   866  O O   . VAL A 1 119 ? -14.472 -0.710  4.304   1.00 21.18 ? 1051 VAL A O   1 
ATOM   867  C CB  . VAL A 1 119 ? -12.449 1.816   3.597   1.00 22.57 ? 1051 VAL A CB  1 
ATOM   868  C CG1 . VAL A 1 119 ? -11.170 2.424   2.960   1.00 20.46 ? 1051 VAL A CG1 1 
ATOM   869  C CG2 . VAL A 1 119 ? -13.677 2.122   2.737   1.00 23.67 ? 1051 VAL A CG2 1 
ATOM   870  N N   . GLY A 1 120 ? -13.214 -0.136  6.102   1.00 22.18 ? 1052 GLY A N   1 
ATOM   871  C CA  . GLY A 1 120 ? -14.241 -0.343  7.111   1.00 22.13 ? 1052 GLY A CA  1 
ATOM   872  C C   . GLY A 1 120 ? -14.711 1.035   7.471   1.00 21.79 ? 1052 GLY A C   1 
ATOM   873  O O   . GLY A 1 120 ? -13.894 1.963   7.637   1.00 20.69 ? 1052 GLY A O   1 
ATOM   874  N N   . ALA A 1 121 ? -16.024 1.174   7.593   1.00 23.26 ? 1053 ALA A N   1 
ATOM   875  C CA  . ALA A 1 121 ? -16.648 2.477   7.696   1.00 24.76 ? 1053 ALA A CA  1 
ATOM   876  C C   . ALA A 1 121 ? -17.528 2.537   8.932   1.00 25.16 ? 1053 ALA A C   1 
ATOM   877  O O   . ALA A 1 121 ? -17.713 1.545   9.636   1.00 25.12 ? 1053 ALA A O   1 
ATOM   878  C CB  . ALA A 1 121 ? -17.463 2.775   6.447   1.00 23.37 ? 1053 ALA A CB  1 
ATOM   879  N N   . GLY A 1 122 ? -18.067 3.720   9.182   1.00 27.63 ? 1054 GLY A N   1 
ATOM   880  C CA  . GLY A 1 122 ? -18.924 3.987   10.366  1.00 28.86 ? 1054 GLY A CA  1 
ATOM   881  C C   . GLY A 1 122 ? -20.335 3.413   10.334  1.00 30.12 ? 1054 GLY A C   1 
ATOM   882  O O   . GLY A 1 122 ? -21.109 3.560   11.289  1.00 31.25 ? 1054 GLY A O   1 
ATOM   883  N N   . ASP A 1 123 ? -20.681 2.759   9.241   1.00 30.78 ? 1055 ASP A N   1 
ATOM   884  C CA  . ASP A 1 123 ? -21.882 1.948   9.174   1.00 31.01 ? 1055 ASP A CA  1 
ATOM   885  C C   . ASP A 1 123 ? -21.651 0.526   9.660   1.00 31.22 ? 1055 ASP A C   1 
ATOM   886  O O   . ASP A 1 123 ? -22.570 -0.309  9.625   1.00 32.14 ? 1055 ASP A O   1 
ATOM   887  C CB  . ASP A 1 123 ? -22.475 1.977   7.749   1.00 31.92 ? 1055 ASP A CB  1 
ATOM   888  C CG  . ASP A 1 123 ? -21.592 1.291   6.686   1.00 32.04 ? 1055 ASP A CG  1 
ATOM   889  O OD1 . ASP A 1 123 ? -20.410 0.959   6.938   1.00 31.54 ? 1055 ASP A OD1 1 
ATOM   890  O OD2 . ASP A 1 123 ? -22.102 1.094   5.563   1.00 31.22 ? 1055 ASP A OD2 1 
ATOM   891  N N   . GLY A 1 124 ? -20.425 0.228   10.093  1.00 31.24 ? 1056 GLY A N   1 
ATOM   892  C CA  . GLY A 1 124 ? -20.074 -1.103  10.579  1.00 30.60 ? 1056 GLY A CA  1 
ATOM   893  C C   . GLY A 1 124 ? -19.789 -2.110  9.467   1.00 31.08 ? 1056 GLY A C   1 
ATOM   894  O O   . GLY A 1 124 ? -19.635 -3.296  9.728   1.00 31.51 ? 1056 GLY A O   1 
ATOM   895  N N   . ASN A 1 125 ? -19.687 -1.641  8.230   1.00 30.07 ? 1057 ASN A N   1 
ATOM   896  C CA  . ASN A 1 125 ? -19.545 -2.552  7.098   1.00 29.90 ? 1057 ASN A CA  1 
ATOM   897  C C   . ASN A 1 125 ? -18.237 -2.288  6.375   1.00 28.55 ? 1057 ASN A C   1 
ATOM   898  O O   . ASN A 1 125 ? -17.687 -1.181  6.453   1.00 28.47 ? 1057 ASN A O   1 
ATOM   899  C CB  . ASN A 1 125 ? -20.698 -2.397  6.113   1.00 30.24 ? 1057 ASN A CB  1 
ATOM   900  C CG  . ASN A 1 125 ? -22.065 -2.618  6.763   1.00 31.41 ? 1057 ASN A CG  1 
ATOM   901  O OD1 . ASN A 1 125 ? -22.954 -1.751  6.658   1.00 33.64 ? 1057 ASN A OD1 1 
ATOM   902  N ND2 . ASN A 1 125 ? -22.238 -3.758  7.434   1.00 31.12 ? 1057 ASN A ND2 1 
ATOM   903  N N   . THR A 1 126 ? -17.780 -3.304  5.658   1.00 28.16 ? 1058 THR A N   1 
ATOM   904  C CA  . THR A 1 126 ? -16.676 -3.140  4.707   1.00 27.42 ? 1058 THR A CA  1 
ATOM   905  C C   . THR A 1 126 ? -17.190 -2.729  3.319   1.00 26.77 ? 1058 THR A C   1 
ATOM   906  O O   . THR A 1 126 ? -18.322 -3.042  2.945   1.00 27.66 ? 1058 THR A O   1 
ATOM   907  C CB  . THR A 1 126 ? -15.821 -4.406  4.636   1.00 27.56 ? 1058 THR A CB  1 
ATOM   908  O OG1 . THR A 1 126 ? -15.391 -4.734  5.966   1.00 29.50 ? 1058 THR A OG1 1 
ATOM   909  C CG2 . THR A 1 126 ? -14.611 -4.200  3.768   1.00 27.32 ? 1058 THR A CG2 1 
ATOM   910  N N   . HIS A 1 127 ? -16.351 -1.984  2.606   1.00 26.01 ? 1059 HIS A N   1 
ATOM   911  C CA  . HIS A 1 127 ? -16.668 -1.389  1.314   1.00 25.46 ? 1059 HIS A CA  1 
ATOM   912  C C   . HIS A 1 127 ? -15.453 -1.443  0.385   1.00 24.71 ? 1059 HIS A C   1 
ATOM   913  O O   . HIS A 1 127 ? -14.317 -1.262  0.823   1.00 23.41 ? 1059 HIS A O   1 
ATOM   914  C CB  . HIS A 1 127 ? -17.020 0.064   1.496   1.00 24.92 ? 1059 HIS A CB  1 
ATOM   915  C CG  . HIS A 1 127 ? -18.250 0.281   2.307   1.00 26.96 ? 1059 HIS A CG  1 
ATOM   916  N ND1 . HIS A 1 127 ? -18.207 0.466   3.670   1.00 28.96 ? 1059 HIS A ND1 1 
ATOM   917  C CD2 . HIS A 1 127 ? -19.554 0.348   1.951   1.00 27.96 ? 1059 HIS A CD2 1 
ATOM   918  C CE1 . HIS A 1 127 ? -19.443 0.626   4.121   1.00 27.45 ? 1059 HIS A CE1 1 
ATOM   919  N NE2 . HIS A 1 127 ? -20.278 0.578   3.097   1.00 27.09 ? 1059 HIS A NE2 1 
ATOM   920  N N   . ASP A 1 128 ? -15.699 -1.657  -0.902  1.00 24.48 ? 1060 ASP A N   1 
ATOM   921  C CA  . ASP A 1 128 ? -14.587 -1.759  -1.862  1.00 23.82 ? 1060 ASP A CA  1 
ATOM   922  C C   . ASP A 1 128 ? -13.997 -0.435  -2.266  1.00 22.74 ? 1060 ASP A C   1 
ATOM   923  O O   . ASP A 1 128 ? -14.681 0.569   -2.374  1.00 22.50 ? 1060 ASP A O   1 
ATOM   924  C CB  . ASP A 1 128 ? -15.031 -2.464  -3.135  1.00 24.92 ? 1060 ASP A CB  1 
ATOM   925  C CG  . ASP A 1 128 ? -15.467 -3.871  -2.921  1.00 26.89 ? 1060 ASP A CG  1 
ATOM   926  O OD1 . ASP A 1 128 ? -15.063 -4.526  -1.929  1.00 29.46 ? 1060 ASP A OD1 1 
ATOM   927  O OD2 . ASP A 1 128 ? -16.192 -4.353  -3.831  1.00 28.23 ? 1060 ASP A OD2 1 
ATOM   928  N N   . LEU A 1 129 ? -12.692 -0.459  -2.561  1.00 21.04 ? 1061 LEU A N   1 
ATOM   929  C CA  . LEU A 1 129 ? -12.010 0.673   -3.189  1.00 21.38 ? 1061 LEU A CA  1 
ATOM   930  C C   . LEU A 1 129 ? -11.599 0.157   -4.587  1.00 21.22 ? 1061 LEU A C   1 
ATOM   931  O O   . LEU A 1 129 ? -11.421 -1.018  -4.755  1.00 21.62 ? 1061 LEU A O   1 
ATOM   932  C CB  . LEU A 1 129 ? -10.739 1.066   -2.431  1.00 19.78 ? 1061 LEU A CB  1 
ATOM   933  C CG  . LEU A 1 129 ? -10.838 1.694   -1.011  1.00 20.27 ? 1061 LEU A CG  1 
ATOM   934  C CD1 . LEU A 1 129 ? -9.451  1.929   -0.494  1.00 20.81 ? 1061 LEU A CD1 1 
ATOM   935  C CD2 . LEU A 1 129 ? -11.690 2.968   -0.915  1.00 20.01 ? 1061 LEU A CD2 1 
ATOM   936  N N   . GLU A 1 130 ? -11.441 1.063   -5.528  1.00 21.48 ? 1062 GLU A N   1 
ATOM   937  C CA  . GLU A 1 130 ? -10.816 0.722   -6.815  1.00 22.57 ? 1062 GLU A CA  1 
ATOM   938  C C   . GLU A 1 130 ? -9.364  0.301   -6.560  1.00 21.76 ? 1062 GLU A C   1 
ATOM   939  O O   . GLU A 1 130 ? -8.686  0.902   -5.730  1.00 21.73 ? 1062 GLU A O   1 
ATOM   940  C CB  . GLU A 1 130 ? -10.842 1.905   -7.736  1.00 22.78 ? 1062 GLU A CB  1 
ATOM   941  C CG  . GLU A 1 130 ? -12.209 2.135   -8.355  1.00 25.12 ? 1062 GLU A CG  1 
ATOM   942  C CD  . GLU A 1 130 ? -12.164 3.031   -9.579  1.00 26.38 ? 1062 GLU A CD  1 
ATOM   943  O OE1 . GLU A 1 130 ? -11.103 3.123   -10.257 1.00 33.16 ? 1062 GLU A OE1 1 
ATOM   944  O OE2 . GLU A 1 130 ? -13.204 3.691   -9.847  1.00 31.94 ? 1062 GLU A OE2 1 
ATOM   945  N N   . LEU A 1 131 ? -8.932  -0.724  -7.292  1.00 21.53 ? 1063 LEU A N   1 
ATOM   946  C CA  . LEU A 1 131 ? -7.569  -1.226  -7.197  1.00 20.90 ? 1063 LEU A CA  1 
ATOM   947  C C   . LEU A 1 131 ? -6.558  -0.286  -7.873  1.00 19.97 ? 1063 LEU A C   1 
ATOM   948  O O   . LEU A 1 131 ? -6.896  0.662   -8.558  1.00 19.97 ? 1063 LEU A O   1 
ATOM   949  C CB  . LEU A 1 131 ? -7.506  -2.656  -7.755  1.00 20.51 ? 1063 LEU A CB  1 
ATOM   950  C CG  . LEU A 1 131 ? -8.500  -3.646  -7.141  1.00 19.48 ? 1063 LEU A CG  1 
ATOM   951  C CD1 . LEU A 1 131 ? -8.386  -5.079  -7.715  1.00 17.05 ? 1063 LEU A CD1 1 
ATOM   952  C CD2 . LEU A 1 131 ? -8.351  -3.640  -5.598  1.00 19.82 ? 1063 LEU A CD2 1 
ATOM   953  N N   . SER A 1 132 ? -5.273  -0.534  -7.644  1.00 19.52 ? 1064 SER A N   1 
ATOM   954  C CA  . SER A 1 132 ? -4.254  0.311   -8.239  1.00 20.06 ? 1064 SER A CA  1 
ATOM   955  C C   . SER A 1 132 ? -2.922  -0.479  -8.332  1.00 19.98 ? 1064 SER A C   1 
ATOM   956  O O   . SER A 1 132 ? -2.731  -1.455  -7.613  1.00 19.29 ? 1064 SER A O   1 
ATOM   957  C CB  . SER A 1 132 ? -4.072  1.627   -7.484  1.00 21.21 ? 1064 SER A CB  1 
ATOM   958  O OG  . SER A 1 132 ? -3.731  1.395   -6.105  1.00 19.73 ? 1064 SER A OG  1 
ATOM   959  N N   . SER A 1 133 ? -2.044  -0.024  -9.219  1.00 20.16 ? 1065 SER A N   1 
ATOM   960  C CA  . SER A 1 133 ? -0.658  -0.511  -9.258  1.00 20.64 ? 1065 SER A CA  1 
ATOM   961  C C   . SER A 1 133 ? 0.239   0.562   -9.791  1.00 20.84 ? 1065 SER A C   1 
ATOM   962  O O   . SER A 1 133 ? -0.221  1.564   -10.311 1.00 21.08 ? 1065 SER A O   1 
ATOM   963  C CB  . SER A 1 133 ? -0.513  -1.800  -10.076 1.00 19.76 ? 1065 SER A CB  1 
ATOM   964  O OG  . SER A 1 133 ? -0.733  -1.544  -11.452 1.00 22.44 ? 1065 SER A OG  1 
ATOM   965  N N   . LYS A 1 134 ? 1.548   0.336   -9.683  1.00 21.73 ? 1066 LYS A N   1 
ATOM   966  C CA  . LYS A 1 134 ? 2.547   1.262   -10.169 1.00 20.89 ? 1066 LYS A CA  1 
ATOM   967  C C   . LYS A 1 134 ? 3.719   0.418   -10.714 1.00 21.02 ? 1066 LYS A C   1 
ATOM   968  O O   . LYS A 1 134 ? 4.046   -0.628  -10.133 1.00 20.32 ? 1066 LYS A O   1 
ATOM   969  C CB  . LYS A 1 134 ? 3.001   2.185   -9.028  1.00 22.31 ? 1066 LYS A CB  1 
ATOM   970  C CG  . LYS A 1 134 ? 4.299   2.970   -9.218  1.00 25.52 ? 1066 LYS A CG  1 
ATOM   971  C CD  . LYS A 1 134 ? 4.237   4.078   -10.190 1.00 28.49 ? 1066 LYS A CD  1 
ATOM   972  C CE  . LYS A 1 134 ? 5.653   4.681   -10.368 1.00 28.24 ? 1066 LYS A CE  1 
ATOM   973  N NZ  . LYS A 1 134 ? 5.540   6.149   -10.451 1.00 30.53 ? 1066 LYS A NZ  1 
ATOM   974  N N   . GLU A 1 135 ? 4.261   0.854   -11.851 1.00 20.38 ? 1067 GLU A N   1 
ATOM   975  C CA  . GLU A 1 135 ? 5.438   0.208   -12.463 1.00 19.86 ? 1067 GLU A CA  1 
ATOM   976  C C   . GLU A 1 135 ? 6.692   0.940   -12.051 1.00 19.00 ? 1067 GLU A C   1 
ATOM   977  O O   . GLU A 1 135 ? 6.726   2.155   -12.008 1.00 19.47 ? 1067 GLU A O   1 
ATOM   978  C CB  . GLU A 1 135 ? 5.359   0.168   -13.997 1.00 20.99 ? 1067 GLU A CB  1 
ATOM   979  C CG  . GLU A 1 135 ? 4.087   -0.368  -14.523 1.00 22.71 ? 1067 GLU A CG  1 
ATOM   980  C CD  . GLU A 1 135 ? 3.968   -0.246  -16.039 1.00 21.96 ? 1067 GLU A CD  1 
ATOM   981  O OE1 . GLU A 1 135 ? 4.729   0.540   -16.628 1.00 28.37 ? 1067 GLU A OE1 1 
ATOM   982  O OE2 . GLU A 1 135 ? 3.110   -0.955  -16.584 1.00 26.51 ? 1067 GLU A OE2 1 
ATOM   983  N N   . VAL A 1 136 ? 7.747   0.171   -11.784 1.00 18.63 ? 1068 VAL A N   1 
ATOM   984  C CA  . VAL A 1 136 ? 9.060   0.706   -11.523 1.00 17.81 ? 1068 VAL A CA  1 
ATOM   985  C C   . VAL A 1 136 ? 10.096  0.027   -12.451 1.00 17.89 ? 1068 VAL A C   1 
ATOM   986  O O   . VAL A 1 136 ? 9.944   -1.150  -12.805 1.00 18.84 ? 1068 VAL A O   1 
ATOM   987  C CB  . VAL A 1 136 ? 9.529   0.500   -10.069 1.00 17.66 ? 1068 VAL A CB  1 
ATOM   988  C CG1 . VAL A 1 136 ? 8.452   1.012   -9.026  1.00 16.56 ? 1068 VAL A CG1 1 
ATOM   989  C CG2 . VAL A 1 136 ? 9.816   -0.917  -9.800  1.00 14.70 ? 1068 VAL A CG2 1 
ATOM   990  N N   . LYS A 1 137 ? 11.137  0.768   -12.775 1.00 19.84 ? 1069 LYS A N   1 
ATOM   991  C CA  . LYS A 1 137 ? 12.339  0.207   -13.436 1.00 20.76 ? 1069 LYS A CA  1 
ATOM   992  C C   . LYS A 1 137 ? 13.433  0.057   -12.375 1.00 21.89 ? 1069 LYS A C   1 
ATOM   993  O O   . LYS A 1 137 ? 13.726  1.009   -11.632 1.00 23.27 ? 1069 LYS A O   1 
ATOM   994  C CB  . LYS A 1 137 ? 12.781  1.064   -14.599 1.00 21.48 ? 1069 LYS A CB  1 
ATOM   995  C CG  . LYS A 1 137 ? 14.128  0.666   -15.217 1.00 21.30 ? 1069 LYS A CG  1 
ATOM   996  C CD  . LYS A 1 137 ? 14.640  1.766   -16.124 1.00 23.96 ? 1069 LYS A CD  1 
ATOM   997  C CE  . LYS A 1 137 ? 15.911  1.403   -16.918 1.00 27.28 ? 1069 LYS A CE  1 
ATOM   998  N NZ  . LYS A 1 137 ? 16.517  0.168   -16.459 1.00 31.02 ? 1069 LYS A NZ  1 
ATOM   999  N N   . ILE A 1 138 ? 14.039  -1.121  -12.306 1.00 21.38 ? 1070 ILE A N   1 
ATOM   1000 C CA  . ILE A 1 138 ? 15.086  -1.374  -11.308 1.00 21.14 ? 1070 ILE A CA  1 
ATOM   1001 C C   . ILE A 1 138 ? 16.426  -1.251  -12.063 1.00 22.05 ? 1070 ILE A C   1 
ATOM   1002 O O   . ILE A 1 138 ? 16.765  -2.121  -12.883 1.00 21.09 ? 1070 ILE A O   1 
ATOM   1003 C CB  . ILE A 1 138 ? 15.021  -2.774  -10.666 1.00 20.27 ? 1070 ILE A CB  1 
ATOM   1004 C CG1 . ILE A 1 138 ? 13.655  -3.091  -10.033 1.00 18.88 ? 1070 ILE A CG1 1 
ATOM   1005 C CG2 . ILE A 1 138 ? 16.160  -2.950  -9.611  1.00 19.91 ? 1070 ILE A CG2 1 
ATOM   1006 C CD1 . ILE A 1 138 ? 13.521  -4.490  -9.677  1.00 21.07 ? 1070 ILE A CD1 1 
ATOM   1007 N N   . ASN A 1 139 ? 17.148  -0.183  -11.781 1.00 22.84 ? 1071 ASN A N   1 
ATOM   1008 C CA  . ASN A 1 139 ? 18.511  -0.003  -12.269 1.00 24.92 ? 1071 ASN A CA  1 
ATOM   1009 C C   . ASN A 1 139 ? 19.550  -0.899  -11.599 1.00 25.65 ? 1071 ASN A C   1 
ATOM   1010 O O   . ASN A 1 139 ? 19.371  -1.355  -10.464 1.00 23.84 ? 1071 ASN A O   1 
ATOM   1011 C CB  . ASN A 1 139 ? 18.929  1.466   -12.125 1.00 24.67 ? 1071 ASN A CB  1 
ATOM   1012 C CG  . ASN A 1 139 ? 18.052  2.401   -12.962 1.00 28.50 ? 1071 ASN A CG  1 
ATOM   1013 O OD1 . ASN A 1 139 ? 17.491  3.402   -12.475 1.00 30.93 ? 1071 ASN A OD1 1 
ATOM   1014 N ND2 . ASN A 1 139 ? 17.925  2.069   -14.218 1.00 27.92 ? 1071 ASN A ND2 1 
ATOM   1015 N N   . GLU A 1 140 ? 20.672  -1.099  -12.297 1.00 27.23 ? 1072 GLU A N   1 
ATOM   1016 C CA  . GLU A 1 140 ? 21.816  -1.797  -11.723 1.00 29.56 ? 1072 GLU A CA  1 
ATOM   1017 C C   . GLU A 1 140 ? 22.410  -1.006  -10.576 1.00 30.77 ? 1072 GLU A C   1 
ATOM   1018 O O   . GLU A 1 140 ? 22.515  0.218   -10.636 1.00 31.69 ? 1072 GLU A O   1 
ATOM   1019 C CB  . GLU A 1 140 ? 22.971  -1.970  -12.742 1.00 30.72 ? 1072 GLU A CB  1 
ATOM   1020 C CG  . GLU A 1 140 ? 22.606  -2.450  -14.129 1.00 33.39 ? 1072 GLU A CG  1 
ATOM   1021 C CD  . GLU A 1 140 ? 22.032  -3.848  -14.199 1.00 37.76 ? 1072 GLU A CD  1 
ATOM   1022 O OE1 . GLU A 1 140 ? 22.397  -4.706  -13.366 1.00 41.56 ? 1072 GLU A OE1 1 
ATOM   1023 O OE2 . GLU A 1 140 ? 21.223  -4.087  -15.131 1.00 38.85 ? 1072 GLU A OE2 1 
ATOM   1024 N N   . GLU A 1 141 ? 22.876  -1.721  -9.574  1.00 32.61 ? 1073 GLU A N   1 
ATOM   1025 C CA  . GLU A 1 141 ? 23.679  -1.155  -8.515  1.00 33.40 ? 1073 GLU A CA  1 
ATOM   1026 C C   . GLU A 1 141 ? 24.911  -0.429  -9.063  1.00 34.11 ? 1073 GLU A C   1 
ATOM   1027 O O   . GLU A 1 141 ? 25.729  -1.031  -9.749  1.00 33.82 ? 1073 GLU A O   1 
ATOM   1028 C CB  . GLU A 1 141 ? 24.116  -2.295  -7.616  1.00 34.33 ? 1073 GLU A CB  1 
ATOM   1029 C CG  . GLU A 1 141 ? 24.614  -1.903  -6.286  1.00 35.08 ? 1073 GLU A CG  1 
ATOM   1030 C CD  . GLU A 1 141 ? 24.770  -3.110  -5.369  1.00 35.76 ? 1073 GLU A CD  1 
ATOM   1031 O OE1 . GLU A 1 141 ? 24.967  -4.258  -5.870  1.00 39.38 ? 1073 GLU A OE1 1 
ATOM   1032 O OE2 . GLU A 1 141 ? 24.692  -2.892  -4.140  1.00 40.18 ? 1073 GLU A OE2 1 
ATOM   1033 N N   . ALA A 1 142 ? 25.122  0.765   -8.845  1.00 35.44 ? 1074 ALA A N   1 
HETATM 1034 O O   . HOH B 2 .   ? 0.611   2.323   -13.882 1.00 32.61 ? 2001 HOH A O   1 
HETATM 1035 O O   . HOH B 2 .   ? -6.040  -4.106  12.396  1.00 39.16 ? 2002 HOH A O   1 
HETATM 1036 O O   . HOH B 2 .   ? -11.437 -3.915  5.939   0.50 30.20 ? 2003 HOH A O   1 
HETATM 1037 O O   . HOH B 2 .   ? 7.287   4.436   -15.147 1.00 50.58 ? 2004 HOH A O   1 
HETATM 1038 O O   . HOH B 2 .   ? 7.506   -6.374  6.724   1.00 38.87 ? 2005 HOH A O   1 
HETATM 1039 O O   . HOH B 2 .   ? 17.673  -4.219  -16.857 1.00 35.71 ? 2006 HOH A O   1 
HETATM 1040 O O   . HOH B 2 .   ? -13.196 13.996  15.054  1.00 53.62 ? 2007 HOH A O   1 
HETATM 1041 O O   . HOH B 2 .   ? 8.800   -12.447 -13.306 1.00 39.53 ? 2008 HOH A O   1 
HETATM 1042 O O   . HOH B 2 .   ? 20.832  -5.092  -0.332  1.00 39.62 ? 2009 HOH A O   1 
HETATM 1043 O O   . HOH B 2 .   ? -21.391 6.394   8.587   1.00 39.97 ? 2010 HOH A O   1 
HETATM 1044 O O   . HOH B 2 .   ? -8.225  -3.704  10.889  1.00 39.91 ? 2011 HOH A O   1 
HETATM 1045 O O   . HOH B 2 .   ? -4.416  -13.565 -3.351  1.00 41.19 ? 2012 HOH A O   1 
HETATM 1046 O O   . HOH B 2 .   ? 16.942  -6.366  -17.044 1.00 46.73 ? 2013 HOH A O   1 
HETATM 1047 O O   . HOH B 2 .   ? -11.814 13.994  7.849   1.00 44.68 ? 2014 HOH A O   1 
HETATM 1048 O O   . HOH B 2 .   ? -20.397 14.228  -3.315  0.50 36.97 ? 2015 HOH A O   1 
HETATM 1049 O O   . HOH B 2 .   ? -1.862  13.212  11.770  1.00 50.27 ? 2016 HOH A O   1 
HETATM 1050 O O   . HOH B 2 .   ? -4.699  4.374   -9.886  1.00 39.07 ? 2017 HOH A O   1 
HETATM 1051 O O   . HOH B 2 .   ? 18.027  -7.740  3.685   1.00 38.43 ? 2018 HOH A O   1 
HETATM 1052 O O   . HOH B 2 .   ? 17.372  -11.021 -14.685 1.00 34.34 ? 2019 HOH A O   1 
HETATM 1053 O O   . HOH B 2 .   ? -5.288  -6.512  13.331  1.00 44.21 ? 2020 HOH A O   1 
HETATM 1054 O O   . HOH B 2 .   ? -24.231 5.118   8.858   1.00 47.40 ? 2021 HOH A O   1 
HETATM 1055 O O   . HOH B 2 .   ? -19.097 0.095   -3.419  1.00 36.91 ? 2022 HOH A O   1 
HETATM 1056 O O   . HOH B 2 .   ? -18.982 1.969   -9.294  1.00 51.01 ? 2023 HOH A O   1 
HETATM 1057 O O   . HOH B 2 .   ? -15.186 4.682   -6.382  1.00 37.77 ? 2024 HOH A O   1 
HETATM 1058 O O   . HOH B 2 .   ? -10.926 8.821   -10.193 1.00 40.29 ? 2025 HOH A O   1 
HETATM 1059 O O   . HOH B 2 .   ? -13.447 6.447   -7.531  1.00 45.54 ? 2026 HOH A O   1 
HETATM 1060 O O   . HOH B 2 .   ? -5.131  5.878   -7.657  1.00 27.34 ? 2027 HOH A O   1 
HETATM 1061 O O   . HOH B 2 .   ? -0.530  4.718   -8.733  1.00 43.23 ? 2028 HOH A O   1 
HETATM 1062 O O   . HOH B 2 .   ? 1.572   6.827   -8.765  1.00 38.04 ? 2029 HOH A O   1 
HETATM 1063 O O   . HOH B 2 .   ? -2.158  5.662   -7.134  1.00 18.17 ? 2030 HOH A O   1 
HETATM 1064 O O   . HOH B 2 .   ? 6.600   9.415   -8.908  1.00 34.01 ? 2031 HOH A O   1 
HETATM 1065 O O   . HOH B 2 .   ? 3.961   7.864   -7.742  1.00 26.78 ? 2032 HOH A O   1 
HETATM 1066 O O   . HOH B 2 .   ? 9.532   5.980   -3.992  1.00 21.63 ? 2033 HOH A O   1 
HETATM 1067 O O   . HOH B 2 .   ? 9.071   9.984   -8.063  1.00 24.73 ? 2034 HOH A O   1 
HETATM 1068 O O   . HOH B 2 .   ? 9.584   3.104   -14.868 1.00 37.59 ? 2035 HOH A O   1 
HETATM 1069 O O   . HOH B 2 .   ? 10.207  9.272   -10.223 1.00 27.68 ? 2036 HOH A O   1 
HETATM 1070 O O   . HOH B 2 .   ? 7.640   10.585  -16.991 1.00 43.24 ? 2037 HOH A O   1 
HETATM 1071 O O   . HOH B 2 .   ? 15.250  6.539   -17.737 1.00 44.01 ? 2038 HOH A O   1 
HETATM 1072 O O   . HOH B 2 .   ? 13.919  5.380   -6.019  1.00 20.84 ? 2039 HOH A O   1 
HETATM 1073 O O   . HOH B 2 .   ? 11.806  4.441   -16.152 1.00 44.98 ? 2040 HOH A O   1 
HETATM 1074 O O   . HOH B 2 .   ? 12.507  8.319   -10.103 1.00 48.52 ? 2041 HOH A O   1 
HETATM 1075 O O   . HOH B 2 .   ? 20.018  4.946   -6.015  1.00 42.53 ? 2042 HOH A O   1 
HETATM 1076 O O   . HOH B 2 .   ? 22.345  0.748   -4.630  1.00 29.27 ? 2043 HOH A O   1 
HETATM 1077 O O   . HOH B 2 .   ? 22.178  2.937   -1.553  1.00 41.67 ? 2044 HOH A O   1 
HETATM 1078 O O   . HOH B 2 .   ? 18.033  4.474   -0.446  1.00 24.48 ? 2045 HOH A O   1 
HETATM 1079 O O   . HOH B 2 .   ? 14.392  4.914   1.501   1.00 28.78 ? 2046 HOH A O   1 
HETATM 1080 O O   . HOH B 2 .   ? -0.328  6.603   -2.134  1.00 19.73 ? 2047 HOH A O   1 
HETATM 1081 O O   . HOH B 2 .   ? -10.087 10.687  -8.442  1.00 32.55 ? 2048 HOH A O   1 
HETATM 1082 O O   . HOH B 2 .   ? -13.795 12.957  -0.969  1.00 42.89 ? 2049 HOH A O   1 
HETATM 1083 O O   . HOH B 2 .   ? -20.502 7.562   -5.302  1.00 51.20 ? 2050 HOH A O   1 
HETATM 1084 O O   . HOH B 2 .   ? -19.962 11.811  -3.163  1.00 45.64 ? 2051 HOH A O   1 
HETATM 1085 O O   . HOH B 2 .   ? -21.797 10.192  -1.055  1.00 50.05 ? 2052 HOH A O   1 
HETATM 1086 O O   . HOH B 2 .   ? -21.154 5.678   4.726   1.00 36.20 ? 2053 HOH A O   1 
HETATM 1087 O O   . HOH B 2 .   ? -19.884 3.872   2.251   1.00 35.36 ? 2054 HOH A O   1 
HETATM 1088 O O   . HOH B 2 .   ? -19.790 5.352   7.033   1.00 32.79 ? 2055 HOH A O   1 
HETATM 1089 O O   . HOH B 2 .   ? -11.103 -2.943  7.240   0.50 26.29 ? 2056 HOH A O   1 
HETATM 1090 O O   . HOH B 2 .   ? -8.384  -3.498  8.564   1.00 31.04 ? 2057 HOH A O   1 
HETATM 1091 O O   . HOH B 2 .   ? -10.460 -5.418  7.056   1.00 36.00 ? 2058 HOH A O   1 
HETATM 1092 O O   . HOH B 2 .   ? -7.511  -9.676  6.843   1.00 49.80 ? 2059 HOH A O   1 
HETATM 1093 O O   . HOH B 2 .   ? -5.643  -8.300  2.187   1.00 36.57 ? 2060 HOH A O   1 
HETATM 1094 O O   . HOH B 2 .   ? -3.301  -12.767 -5.792  1.00 35.15 ? 2061 HOH A O   1 
HETATM 1095 O O   . HOH B 2 .   ? 3.359   -9.618  -8.175  1.00 28.18 ? 2062 HOH A O   1 
HETATM 1096 O O   . HOH B 2 .   ? 8.190   -14.033 -9.320  1.00 49.18 ? 2063 HOH A O   1 
HETATM 1097 O O   . HOH B 2 .   ? 12.140  -15.570 -13.251 1.00 31.25 ? 2064 HOH A O   1 
HETATM 1098 O O   . HOH B 2 .   ? 13.842  -18.448 -8.566  1.00 31.49 ? 2065 HOH A O   1 
HETATM 1099 O O   . HOH B 2 .   ? 11.608  -12.464 -11.641 1.00 25.44 ? 2066 HOH A O   1 
HETATM 1100 O O   . HOH B 2 .   ? 9.443   -8.127  6.318   1.00 40.55 ? 2067 HOH A O   1 
HETATM 1101 O O   . HOH B 2 .   ? 12.284  -9.586  3.699   1.00 27.22 ? 2068 HOH A O   1 
HETATM 1102 O O   . HOH B 2 .   ? 17.366  -4.856  2.594   1.00 34.35 ? 2069 HOH A O   1 
HETATM 1103 O O   . HOH B 2 .   ? 13.492  -6.065  7.807   1.00 43.65 ? 2070 HOH A O   1 
HETATM 1104 O O   . HOH B 2 .   ? 15.490  -6.298  5.274   1.00 36.07 ? 2071 HOH A O   1 
HETATM 1105 O O   . HOH B 2 .   ? 12.586  3.375   6.791   1.00 46.58 ? 2072 HOH A O   1 
HETATM 1106 O O   . HOH B 2 .   ? 13.903  1.481   9.650   1.00 43.58 ? 2073 HOH A O   1 
HETATM 1107 O O   . HOH B 2 .   ? 4.506   -1.277  12.297  1.00 42.55 ? 2074 HOH A O   1 
HETATM 1108 O O   . HOH B 2 .   ? 7.168   -4.656  9.110   1.00 26.04 ? 2075 HOH A O   1 
HETATM 1109 O O   . HOH B 2 .   ? 8.298   1.416   6.494   1.00 20.35 ? 2076 HOH A O   1 
HETATM 1110 O O   . HOH B 2 .   ? 4.035   1.295   12.079  1.00 24.68 ? 2077 HOH A O   1 
HETATM 1111 O O   . HOH B 2 .   ? 4.996   8.514   11.418  1.00 36.82 ? 2078 HOH A O   1 
HETATM 1112 O O   . HOH B 2 .   ? 0.769   12.246  7.689   1.00 46.84 ? 2079 HOH A O   1 
HETATM 1113 O O   . HOH B 2 .   ? -0.743  11.491  13.913  1.00 41.15 ? 2080 HOH A O   1 
HETATM 1114 O O   . HOH B 2 .   ? 5.221   9.013   18.176  1.00 48.49 ? 2081 HOH A O   1 
HETATM 1115 O O   . HOH B 2 .   ? 0.200   7.937   18.219  1.00 31.88 ? 2082 HOH A O   1 
HETATM 1116 O O   . HOH B 2 .   ? -6.692  8.406   14.880  1.00 36.40 ? 2083 HOH A O   1 
HETATM 1117 O O   . HOH B 2 .   ? 1.424   3.292   14.373  1.00 26.71 ? 2084 HOH A O   1 
HETATM 1118 O O   . HOH B 2 .   ? -4.068  -2.462  12.001  1.00 33.00 ? 2085 HOH A O   1 
HETATM 1119 O O   . HOH B 2 .   ? 1.721   0.825   13.294  1.00 34.86 ? 2086 HOH A O   1 
HETATM 1120 O O   . HOH B 2 .   ? -0.046  -8.073  16.382  1.00 42.81 ? 2087 HOH A O   1 
HETATM 1121 O O   . HOH B 2 .   ? 3.626   -4.241  9.524   1.00 25.80 ? 2088 HOH A O   1 
HETATM 1122 O O   . HOH B 2 .   ? 2.832   -6.745  11.635  1.00 28.23 ? 2089 HOH A O   1 
HETATM 1123 O O   . HOH B 2 .   ? 4.883   -8.276  10.723  1.00 36.99 ? 2090 HOH A O   1 
HETATM 1124 O O   . HOH B 2 .   ? 5.119   -7.881  6.711   1.00 41.10 ? 2091 HOH A O   1 
HETATM 1125 O O   . HOH B 2 .   ? 10.134  -11.734 2.628   1.00 25.00 ? 2092 HOH A O   1 
HETATM 1126 O O   . HOH B 2 .   ? 5.445   -11.268 7.234   1.00 40.50 ? 2093 HOH A O   1 
HETATM 1127 O O   . HOH B 2 .   ? 7.888   -11.152 5.345   1.00 34.61 ? 2094 HOH A O   1 
HETATM 1128 O O   . HOH B 2 .   ? 3.669   -16.789 -3.763  1.00 36.10 ? 2095 HOH A O   1 
HETATM 1129 O O   . HOH B 2 .   ? 3.844   -13.538 -5.790  1.00 31.93 ? 2096 HOH A O   1 
HETATM 1130 O O   . HOH B 2 .   ? 2.883   -11.099 -5.970  1.00 28.48 ? 2097 HOH A O   1 
HETATM 1131 O O   . HOH B 2 .   ? -2.432  -9.320  8.888   1.00 44.64 ? 2098 HOH A O   1 
HETATM 1132 O O   . HOH B 2 .   ? -9.596  6.414   20.471  1.00 21.37 ? 2099 HOH A O   1 
HETATM 1133 O O   . HOH B 2 .   ? -6.216  8.874   17.252  1.00 45.85 ? 2100 HOH A O   1 
HETATM 1134 O O   . HOH B 2 .   ? -5.932  12.188  12.646  1.00 45.33 ? 2101 HOH A O   1 
HETATM 1135 O O   . HOH B 2 .   ? -14.170 12.998  12.208  1.00 36.36 ? 2102 HOH A O   1 
HETATM 1136 O O   . HOH B 2 .   ? -7.126  10.370  11.546  1.00 39.06 ? 2103 HOH A O   1 
HETATM 1137 O O   . HOH B 2 .   ? -13.198 11.497  13.723  1.00 39.17 ? 2104 HOH A O   1 
HETATM 1138 O O   . HOH B 2 .   ? -9.895  12.998  11.097  1.00 39.28 ? 2105 HOH A O   1 
HETATM 1139 O O   . HOH B 2 .   ? -13.324 9.286   6.333   1.00 31.29 ? 2106 HOH A O   1 
HETATM 1140 O O   . HOH B 2 .   ? -7.490  14.069  11.137  1.00 39.22 ? 2107 HOH A O   1 
HETATM 1141 O O   . HOH B 2 .   ? -6.281  10.318  8.715   1.00 48.99 ? 2108 HOH A O   1 
HETATM 1142 O O   . HOH B 2 .   ? -8.661  16.777  4.906   1.00 30.76 ? 2109 HOH A O   1 
HETATM 1143 O O   . HOH B 2 .   ? -17.254 11.440  6.395   1.00 33.44 ? 2110 HOH A O   1 
HETATM 1144 O O   . HOH B 2 .   ? -10.812 14.239  4.901   1.00 35.61 ? 2111 HOH A O   1 
HETATM 1145 O O   . HOH B 2 .   ? -7.392  16.471  -1.881  1.00 18.54 ? 2112 HOH A O   1 
HETATM 1146 O O   . HOH B 2 .   ? -9.381  13.661  -4.351  1.00 25.38 ? 2113 HOH A O   1 
HETATM 1147 O O   . HOH B 2 .   ? -2.269  12.307  -0.050  1.00 20.58 ? 2114 HOH A O   1 
HETATM 1148 O O   . HOH B 2 .   ? -2.541  10.497  6.511   1.00 41.05 ? 2115 HOH A O   1 
HETATM 1149 O O   . HOH B 2 .   ? -3.473  8.868   -1.069  1.00 15.11 ? 2116 HOH A O   1 
HETATM 1150 O O   . HOH B 2 .   ? 15.246  -0.252  4.681   1.00 30.51 ? 2117 HOH A O   1 
HETATM 1151 O O   . HOH B 2 .   ? 14.558  3.697   3.612   1.00 41.08 ? 2118 HOH A O   1 
HETATM 1152 O O   . HOH B 2 .   ? 18.276  -2.693  2.449   1.00 32.34 ? 2119 HOH A O   1 
HETATM 1153 O O   . HOH B 2 .   ? 20.233  -5.778  -2.934  1.00 35.76 ? 2120 HOH A O   1 
HETATM 1154 O O   . HOH B 2 .   ? 21.642  -8.671  -8.620  1.00 32.57 ? 2121 HOH A O   1 
HETATM 1155 O O   . HOH B 2 .   ? 18.966  -12.792 -4.904  1.00 21.89 ? 2122 HOH A O   1 
HETATM 1156 O O   . HOH B 2 .   ? 21.143  -6.979  -11.168 1.00 31.45 ? 2123 HOH A O   1 
HETATM 1157 O O   . HOH B 2 .   ? 14.862  -9.329  -13.663 1.00 33.13 ? 2124 HOH A O   1 
HETATM 1158 O O   . HOH B 2 .   ? 13.017  -8.475  -15.860 1.00 42.32 ? 2125 HOH A O   1 
HETATM 1159 O O   . HOH B 2 .   ? 13.971  -6.495  -17.873 1.00 34.24 ? 2126 HOH A O   1 
HETATM 1160 O O   . HOH B 2 .   ? 12.300  0.099   -18.630 1.00 38.34 ? 2127 HOH A O   1 
HETATM 1161 O O   . HOH B 2 .   ? 9.237   0.732   -16.199 1.00 30.57 ? 2128 HOH A O   1 
HETATM 1162 O O   . HOH B 2 .   ? 10.098  -7.443  -16.409 1.00 26.61 ? 2129 HOH A O   1 
HETATM 1163 O O   . HOH B 2 .   ? 9.914   -9.527  -14.136 1.00 30.59 ? 2130 HOH A O   1 
HETATM 1164 O O   . HOH B 2 .   ? 12.974  -9.617  -11.903 1.00 24.86 ? 2131 HOH A O   1 
HETATM 1165 O O   . HOH B 2 .   ? 6.605   -7.401  -11.368 1.00 27.75 ? 2132 HOH A O   1 
HETATM 1166 O O   . HOH B 2 .   ? 7.070   -6.470  -8.656  1.00 19.92 ? 2133 HOH A O   1 
HETATM 1167 O O   . HOH B 2 .   ? -9.903  -7.660  -5.103  1.00 35.41 ? 2134 HOH A O   1 
HETATM 1168 O O   . HOH B 2 .   ? -7.817  -10.493 -6.104  1.00 41.66 ? 2135 HOH A O   1 
HETATM 1169 O O   . HOH B 2 .   ? -6.117  -10.103 -3.665  1.00 32.35 ? 2136 HOH A O   1 
HETATM 1170 O O   . HOH B 2 .   ? -10.767 -5.418  -3.167  1.00 22.71 ? 2137 HOH A O   1 
HETATM 1171 O O   . HOH B 2 .   ? -16.355 -0.680  9.988   1.00 24.93 ? 2138 HOH A O   1 
HETATM 1172 O O   . HOH B 2 .   ? -25.179 0.610   9.475   1.00 41.34 ? 2139 HOH A O   1 
HETATM 1173 O O   . HOH B 2 .   ? -15.877 -3.229  8.654   1.00 28.02 ? 2140 HOH A O   1 
HETATM 1174 O O   . HOH B 2 .   ? -18.936 -6.032  5.371   1.00 40.65 ? 2141 HOH A O   1 
HETATM 1175 O O   . HOH B 2 .   ? -18.295 -1.837  -1.645  1.00 42.44 ? 2142 HOH A O   1 
HETATM 1176 O O   . HOH B 2 .   ? -12.412 -6.932  -2.111  1.00 42.33 ? 2143 HOH A O   1 
HETATM 1177 O O   . HOH B 2 .   ? -16.261 -5.032  0.701   1.00 36.49 ? 2144 HOH A O   1 
HETATM 1178 O O   . HOH B 2 .   ? -12.025 -3.892  -4.813  1.00 40.38 ? 2145 HOH A O   1 
HETATM 1179 O O   . HOH B 2 .   ? -12.407 3.368   -12.821 1.00 38.47 ? 2146 HOH A O   1 
HETATM 1180 O O   . HOH B 2 .   ? -10.640 -1.396  -9.538  1.00 22.13 ? 2147 HOH A O   1 
HETATM 1181 O O   . HOH B 2 .   ? -7.668  3.191   -7.435  1.00 21.43 ? 2148 HOH A O   1 
HETATM 1182 O O   . HOH B 2 .   ? 0.800   -0.369  -13.132 1.00 27.68 ? 2149 HOH A O   1 
HETATM 1183 O O   . HOH B 2 .   ? 3.107   3.028   -13.291 1.00 27.09 ? 2150 HOH A O   1 
HETATM 1184 O O   . HOH B 2 .   ? 3.340   -0.911  -19.091 1.00 21.36 ? 2151 HOH A O   1 
HETATM 1185 O O   . HOH B 2 .   ? 3.026   2.392   -17.650 1.00 47.43 ? 2152 HOH A O   1 
HETATM 1186 O O   . HOH B 2 .   ? 7.377   0.912   -17.960 1.00 32.17 ? 2153 HOH A O   1 
HETATM 1187 O O   . HOH B 2 .   ? 0.511   1.351   -16.287 1.00 35.39 ? 2154 HOH A O   1 
HETATM 1188 O O   . HOH B 2 .   ? 1.273   -2.136  -14.839 1.00 38.30 ? 2155 HOH A O   1 
HETATM 1189 O O   . HOH B 2 .   ? 17.305  -1.874  -15.685 1.00 37.00 ? 2156 HOH A O   1 
HETATM 1190 O O   . HOH B 2 .   ? 18.528  0.660   -18.539 1.00 33.38 ? 2157 HOH A O   1 
HETATM 1191 O O   . HOH B 2 .   ? 18.694  4.601   -10.211 1.00 33.58 ? 2158 HOH A O   1 
HETATM 1192 O O   . HOH B 2 .   ? 20.619  0.024   -15.049 1.00 35.66 ? 2159 HOH A O   1 
HETATM 1193 O O   . HOH B 2 .   ? 23.702  2.283   -14.080 1.00 42.26 ? 2160 HOH A O   1 
HETATM 1194 O O   . HOH B 2 .   ? 27.796  -2.458  -3.222  1.00 35.92 ? 2161 HOH A O   1 
HETATM 1195 O O   . HOH B 2 .   ? 23.249  -4.422  -9.917  1.00 29.84 ? 2162 HOH A O   1 
HETATM 1196 O O   . HOH B 2 .   ? 27.781  1.236   -8.350  1.00 48.22 ? 2163 HOH A O   1 
HETATM 1197 O O   . HOH B 2 .   ? 25.524  2.358   -7.305  1.00 51.69 ? 2164 HOH A O   1 
# 
